data_3G5A
#
_entry.id   3G5A
#
_cell.length_a   207.831
_cell.length_b   81.753
_cell.length_c   136.698
_cell.angle_alpha   90.000
_cell.angle_beta   129.670
_cell.angle_gamma   90.000
#
_symmetry.space_group_name_H-M   'C 1 2 1'
#
loop_
_entity.id
_entity.type
_entity.pdbx_description
1 polymer 'FMN adenylyltransferase'
2 non-polymer 'DIPHOSPHOMETHYLPHOSPHONIC ACID ADENOSYL ESTER'
3 non-polymer 'FLAVIN MONONUCLEOTIDE'
4 non-polymer 'MAGNESIUM ION'
5 non-polymer 'SULFATE ION'
6 water water
#
_entity_poly.entity_id   1
_entity_poly.type   'polypeptide(L)'
_entity_poly.pdbx_seq_one_letter_code
;GAMVMRLGDAAELCYNLTSSYLQIAAESDSIIAQTQRAINTTKSILINETFPKWSPLNGEISFSYNGGKDCQVLLLLYLS
CLWEYYIVKLSQSQFDGKFHRFPLTKLPTVFIDHDDTFKTLENFIEETSLRYSLSLYESDRDKCETMAEAFETFLQVFPE
TKAIVIGIRHTDPFGEHLKPIQKTDANWPDFYRLQPLLHWNLANIWSFLLYSNEPICELYRYGFTSLGNVEETLPNPHLR
KDKNSTPLKLNFEWEIENRYKHNEVTKAEPIPIADEDLVKIENLHEDYYPGWYLVDDKLERAGRIKKK
;
_entity_poly.pdbx_strand_id   A,B,C,D,E,F
#
# COMPACT_ATOMS: atom_id res chain seq x y z
N GLY A 1 -12.21 15.90 0.50
CA GLY A 1 -11.56 15.44 -0.77
C GLY A 1 -12.51 15.44 -1.96
N ALA A 2 -12.01 14.90 -3.08
CA ALA A 2 -12.82 14.79 -4.29
C ALA A 2 -13.73 13.56 -4.22
N MET A 3 -13.38 12.64 -3.32
CA MET A 3 -14.15 11.43 -3.09
C MET A 3 -14.55 11.23 -1.63
N VAL A 4 -15.69 10.58 -1.41
CA VAL A 4 -16.11 10.19 -0.06
C VAL A 4 -15.14 9.13 0.45
N MET A 5 -14.85 9.17 1.75
CA MET A 5 -14.04 8.14 2.42
C MET A 5 -14.58 6.74 2.18
N ARG A 6 -13.69 5.80 1.94
CA ARG A 6 -14.06 4.37 2.04
C ARG A 6 -14.19 3.96 3.52
N LEU A 7 -14.92 2.87 3.79
CA LEU A 7 -15.11 2.40 5.17
C LEU A 7 -13.78 2.26 5.91
N GLY A 8 -12.75 1.71 5.27
CA GLY A 8 -11.44 1.62 5.91
C GLY A 8 -10.86 2.97 6.34
N ASP A 9 -11.01 3.98 5.48
CA ASP A 9 -10.62 5.36 5.82
C ASP A 9 -11.41 5.85 7.00
N ALA A 10 -12.74 5.74 6.95
CA ALA A 10 -13.59 6.12 8.10
C ALA A 10 -13.19 5.43 9.42
N ALA A 11 -13.02 4.10 9.40
CA ALA A 11 -12.65 3.34 10.61
C ALA A 11 -11.30 3.74 11.18
N GLU A 12 -10.33 3.90 10.30
CA GLU A 12 -9.01 4.37 10.71
C GLU A 12 -9.07 5.79 11.33
N LEU A 13 -9.83 6.68 10.69
CA LEU A 13 -10.08 8.01 11.25
C LEU A 13 -10.65 7.91 12.69
N CYS A 14 -11.67 7.07 12.88
CA CYS A 14 -12.30 6.93 14.18
C CYS A 14 -11.33 6.38 15.21
N TYR A 15 -10.46 5.47 14.78
CA TYR A 15 -9.44 4.90 15.68
C TYR A 15 -8.46 5.99 16.11
N ASN A 16 -8.01 6.80 15.14
CA ASN A 16 -7.05 7.85 15.39
C ASN A 16 -7.62 8.96 16.26
N LEU A 17 -8.87 9.37 16.04
CA LEU A 17 -9.44 10.43 16.89
C LEU A 17 -9.70 9.93 18.31
N THR A 18 -10.08 8.65 18.43
CA THR A 18 -10.32 8.05 19.73
C THR A 18 -9.00 7.87 20.51
N SER A 19 -7.96 7.36 19.83
CA SER A 19 -6.61 7.29 20.41
C SER A 19 -6.14 8.67 20.86
N SER A 20 -6.35 9.67 20.02
CA SER A 20 -6.05 11.06 20.34
C SER A 20 -6.76 11.59 21.61
N TYR A 21 -8.08 11.43 21.63
CA TYR A 21 -8.86 11.75 22.83
C TYR A 21 -8.24 11.09 24.06
N LEU A 22 -7.99 9.78 23.95
CA LEU A 22 -7.45 9.01 25.04
C LEU A 22 -6.08 9.52 25.51
N GLN A 23 -5.35 10.19 24.62
CA GLN A 23 -4.04 10.76 24.94
C GLN A 23 -4.07 12.13 25.63
N ILE A 24 -5.22 12.79 25.67
CA ILE A 24 -5.34 14.08 26.37
C ILE A 24 -4.93 13.90 27.83
N ALA A 25 -4.02 14.76 28.27
CA ALA A 25 -3.63 14.84 29.69
C ALA A 25 -4.75 15.59 30.40
N ALA A 26 -5.52 14.88 31.21
CA ALA A 26 -6.64 15.46 31.92
C ALA A 26 -6.52 15.15 33.39
N GLU A 27 -6.94 16.09 34.24
CA GLU A 27 -6.99 15.87 35.69
C GLU A 27 -8.03 14.79 36.02
N SER A 28 -7.80 14.05 37.10
CA SER A 28 -8.65 12.94 37.52
C SER A 28 -10.08 13.38 37.91
N ASP A 29 -10.28 14.68 38.13
CA ASP A 29 -11.62 15.14 38.48
C ASP A 29 -12.33 15.84 37.31
N SER A 30 -11.84 15.61 36.10
CA SER A 30 -12.33 16.35 34.94
C SER A 30 -13.39 15.56 34.15
N ILE A 31 -14.19 16.26 33.36
CA ILE A 31 -15.08 15.57 32.39
C ILE A 31 -14.28 14.70 31.40
N ILE A 32 -13.19 15.25 30.89
CA ILE A 32 -12.42 14.52 29.89
C ILE A 32 -11.90 13.19 30.46
N ALA A 33 -11.38 13.20 31.68
CA ALA A 33 -10.87 11.99 32.31
C ALA A 33 -11.97 10.94 32.48
N GLN A 34 -13.16 11.38 32.89
CA GLN A 34 -14.31 10.51 33.03
C GLN A 34 -14.71 9.92 31.69
N THR A 35 -14.66 10.75 30.64
CA THR A 35 -14.98 10.34 29.26
C THR A 35 -13.96 9.29 28.77
N GLN A 36 -12.67 9.48 29.10
CA GLN A 36 -11.60 8.50 28.77
C GLN A 36 -11.90 7.14 29.39
N ARG A 37 -12.31 7.16 30.65
CA ARG A 37 -12.77 5.96 31.35
C ARG A 37 -13.99 5.32 30.67
N ALA A 38 -14.92 6.16 30.20
CA ALA A 38 -16.13 5.66 29.55
C ALA A 38 -15.78 5.01 28.23
N ILE A 39 -14.88 5.63 27.46
CA ILE A 39 -14.39 5.04 26.24
C ILE A 39 -13.79 3.65 26.47
N ASN A 40 -12.88 3.55 27.43
CA ASN A 40 -12.17 2.28 27.70
C ASN A 40 -13.13 1.18 28.09
N THR A 41 -14.16 1.51 28.86
CA THR A 41 -15.21 0.54 29.19
C THR A 41 -15.97 0.11 27.93
N THR A 42 -16.35 1.07 27.08
CA THR A 42 -16.99 0.75 25.81
C THR A 42 -16.14 -0.17 24.93
N LYS A 43 -14.86 0.16 24.79
CA LYS A 43 -13.92 -0.63 24.01
C LYS A 43 -13.86 -2.07 24.49
N SER A 44 -13.72 -2.25 25.80
CA SER A 44 -13.65 -3.54 26.40
C SER A 44 -14.91 -4.37 26.08
N ILE A 45 -16.08 -3.75 26.17
CA ILE A 45 -17.33 -4.42 25.85
C ILE A 45 -17.32 -4.89 24.39
N LEU A 46 -16.88 -4.04 23.47
CA LEU A 46 -16.90 -4.39 22.06
C LEU A 46 -15.81 -5.44 21.72
N ILE A 47 -14.57 -5.10 22.06
CA ILE A 47 -13.40 -5.89 21.71
C ILE A 47 -13.32 -7.21 22.49
N ASN A 48 -13.60 -7.19 23.80
CA ASN A 48 -13.52 -8.41 24.64
C ASN A 48 -14.79 -9.28 24.74
N GLU A 49 -15.96 -8.66 24.70
CA GLU A 49 -17.21 -9.39 24.92
C GLU A 49 -18.12 -9.52 23.71
N THR A 50 -17.95 -8.65 22.72
CA THR A 50 -18.90 -8.66 21.60
C THR A 50 -18.36 -9.38 20.37
N PHE A 51 -17.27 -8.82 19.85
CA PHE A 51 -16.73 -9.27 18.58
C PHE A 51 -16.25 -10.73 18.56
N PRO A 52 -15.67 -11.24 19.69
CA PRO A 52 -15.34 -12.68 19.75
C PRO A 52 -16.55 -13.60 19.63
N LYS A 53 -17.75 -13.09 19.91
CA LYS A 53 -18.98 -13.90 19.88
C LYS A 53 -19.79 -13.76 18.61
N TRP A 54 -19.99 -12.52 18.16
CA TRP A 54 -20.72 -12.25 16.93
C TRP A 54 -19.85 -11.48 15.96
N SER A 55 -19.87 -11.89 14.70
CA SER A 55 -19.11 -11.25 13.66
C SER A 55 -19.67 -9.88 13.22
N PRO A 56 -18.84 -8.84 13.30
CA PRO A 56 -19.29 -7.56 12.75
C PRO A 56 -19.09 -7.45 11.23
N LEU A 57 -18.62 -8.54 10.60
CA LEU A 57 -18.19 -8.55 9.21
C LEU A 57 -19.19 -9.19 8.27
N ASN A 58 -20.01 -10.10 8.80
CA ASN A 58 -20.80 -10.97 7.95
C ASN A 58 -22.31 -10.81 8.13
N GLY A 59 -22.73 -9.68 8.68
CA GLY A 59 -24.17 -9.45 8.85
C GLY A 59 -24.76 -9.94 10.17
N GLU A 60 -23.99 -10.71 10.95
CA GLU A 60 -24.50 -11.14 12.27
C GLU A 60 -24.81 -9.98 13.23
N ILE A 61 -24.06 -8.88 13.10
CA ILE A 61 -24.32 -7.66 13.85
C ILE A 61 -24.84 -6.58 12.89
N SER A 62 -25.97 -5.98 13.26
CA SER A 62 -26.41 -4.74 12.64
C SER A 62 -26.34 -3.58 13.64
N PHE A 63 -26.14 -2.38 13.11
CA PHE A 63 -26.02 -1.16 13.90
C PHE A 63 -27.29 -0.31 13.83
N SER A 64 -27.98 -0.14 14.96
CA SER A 64 -29.19 0.71 14.98
C SER A 64 -28.81 2.21 15.03
N TYR A 65 -29.23 2.94 14.02
CA TYR A 65 -28.79 4.30 13.84
C TYR A 65 -29.94 5.22 13.46
N ASN A 66 -30.10 6.29 14.22
CA ASN A 66 -31.01 7.33 13.79
C ASN A 66 -30.43 8.75 13.85
N GLY A 67 -29.10 8.88 13.72
CA GLY A 67 -28.48 10.22 13.54
C GLY A 67 -28.35 11.06 14.81
N GLY A 68 -28.87 10.54 15.93
CA GLY A 68 -28.75 11.20 17.26
C GLY A 68 -27.32 11.22 17.81
N LYS A 69 -27.04 12.12 18.74
CA LYS A 69 -25.70 12.26 19.30
C LYS A 69 -25.22 10.90 19.89
N ASP A 70 -26.11 10.16 20.53
CA ASP A 70 -25.67 8.96 21.23
C ASP A 70 -25.31 7.81 20.30
N CYS A 71 -26.16 7.52 19.33
CA CYS A 71 -25.75 6.52 18.35
C CYS A 71 -24.55 7.02 17.54
N GLN A 72 -24.45 8.33 17.29
CA GLN A 72 -23.28 8.87 16.57
C GLN A 72 -21.97 8.68 17.36
N VAL A 73 -21.92 9.07 18.64
CA VAL A 73 -20.76 8.75 19.46
C VAL A 73 -20.49 7.23 19.46
N LEU A 74 -21.55 6.44 19.61
CA LEU A 74 -21.35 4.97 19.62
C LEU A 74 -20.77 4.45 18.28
N LEU A 75 -21.27 5.00 17.17
CA LEU A 75 -20.78 4.65 15.83
C LEU A 75 -19.27 4.91 15.65
N LEU A 76 -18.81 6.10 16.05
CA LEU A 76 -17.40 6.45 16.04
C LEU A 76 -16.59 5.48 16.87
N LEU A 77 -17.07 5.19 18.07
CA LEU A 77 -16.41 4.20 18.91
C LEU A 77 -16.41 2.79 18.29
N TYR A 78 -17.52 2.43 17.65
CA TYR A 78 -17.69 1.10 17.06
C TYR A 78 -16.70 0.92 15.88
N LEU A 79 -16.68 1.94 15.02
CA LEU A 79 -15.75 2.02 13.89
C LEU A 79 -14.30 1.95 14.38
N SER A 80 -13.98 2.72 15.42
CA SER A 80 -12.67 2.65 16.09
C SER A 80 -12.33 1.20 16.52
N CYS A 81 -13.30 0.53 17.14
CA CYS A 81 -13.07 -0.83 17.67
C CYS A 81 -12.92 -1.87 16.58
N LEU A 82 -13.56 -1.64 15.43
CA LEU A 82 -13.42 -2.53 14.25
C LEU A 82 -11.98 -2.54 13.72
N TRP A 83 -11.43 -1.36 13.55
CA TRP A 83 -10.05 -1.13 13.14
C TRP A 83 -9.05 -1.71 14.16
N GLU A 84 -9.26 -1.38 15.44
CA GLU A 84 -8.44 -1.93 16.52
C GLU A 84 -8.44 -3.44 16.51
N TYR A 85 -9.64 -4.02 16.43
CA TYR A 85 -9.81 -5.48 16.53
C TYR A 85 -9.12 -6.25 15.38
N TYR A 86 -9.25 -5.74 14.15
CA TYR A 86 -8.77 -6.42 12.96
C TYR A 86 -7.42 -5.93 12.42
N ILE A 87 -7.15 -4.63 12.53
CA ILE A 87 -5.89 -4.09 12.01
C ILE A 87 -4.79 -4.07 13.07
N VAL A 88 -5.12 -3.51 14.23
CA VAL A 88 -4.13 -3.30 15.29
C VAL A 88 -3.85 -4.58 16.08
N LYS A 89 -4.89 -5.31 16.45
CA LYS A 89 -4.76 -6.56 17.21
C LYS A 89 -4.63 -7.80 16.33
N LEU A 90 -4.87 -7.63 15.03
CA LEU A 90 -4.83 -8.73 14.04
C LEU A 90 -5.69 -9.94 14.45
N SER A 91 -6.88 -9.69 14.98
CA SER A 91 -7.76 -10.75 15.50
C SER A 91 -8.32 -11.64 14.39
N LEU A 104 -15.08 -5.87 3.61
CA LEU A 104 -16.24 -5.12 4.07
C LEU A 104 -16.17 -3.72 3.50
N THR A 105 -17.16 -3.38 2.67
CA THR A 105 -17.20 -2.07 2.04
C THR A 105 -18.22 -1.14 2.69
N LYS A 106 -19.23 -1.69 3.34
CA LYS A 106 -20.25 -0.88 4.05
C LYS A 106 -20.60 -1.57 5.37
N LEU A 107 -21.08 -0.77 6.32
CA LEU A 107 -21.53 -1.20 7.63
C LEU A 107 -23.06 -1.44 7.65
N PRO A 108 -23.46 -2.70 7.88
CA PRO A 108 -24.87 -2.98 8.02
C PRO A 108 -25.51 -2.18 9.16
N THR A 109 -26.53 -1.42 8.79
CA THR A 109 -27.11 -0.39 9.65
C THR A 109 -28.63 -0.43 9.46
N VAL A 110 -29.38 -0.13 10.53
CA VAL A 110 -30.85 -0.14 10.46
C VAL A 110 -31.44 1.13 11.08
N PHE A 111 -32.35 1.75 10.35
CA PHE A 111 -33.01 2.95 10.80
C PHE A 111 -34.51 2.74 10.65
N ILE A 112 -35.22 2.86 11.75
CA ILE A 112 -36.68 2.80 11.69
C ILE A 112 -37.26 4.21 11.52
N ASP A 113 -37.69 4.51 10.30
CA ASP A 113 -38.13 5.87 9.97
C ASP A 113 -39.58 6.05 10.44
N HIS A 114 -39.96 7.29 10.75
CA HIS A 114 -41.33 7.60 11.16
C HIS A 114 -41.81 8.86 10.48
N ASP A 115 -43.13 9.00 10.37
CA ASP A 115 -43.72 10.15 9.67
C ASP A 115 -43.52 11.48 10.40
N ASP A 116 -43.19 11.43 11.70
CA ASP A 116 -42.98 12.66 12.47
C ASP A 116 -41.50 12.88 12.87
N THR A 117 -40.59 12.32 12.08
CA THR A 117 -39.18 12.52 12.31
C THR A 117 -38.76 13.91 11.81
N PHE A 118 -37.86 14.62 12.52
CA PHE A 118 -37.34 15.92 12.05
C PHE A 118 -36.74 15.82 10.63
N LYS A 119 -37.04 16.79 9.79
CA LYS A 119 -36.42 16.78 8.45
C LYS A 119 -34.89 16.95 8.58
N THR A 120 -34.44 17.80 9.51
CA THR A 120 -33.00 18.01 9.67
C THR A 120 -32.35 16.67 9.99
N LEU A 121 -33.01 15.88 10.84
CA LEU A 121 -32.46 14.57 11.19
C LEU A 121 -32.45 13.60 10.02
N GLU A 122 -33.51 13.61 9.20
CA GLU A 122 -33.57 12.82 7.97
C GLU A 122 -32.39 13.17 7.05
N ASN A 123 -32.19 14.48 6.83
CA ASN A 123 -31.05 14.94 6.02
C ASN A 123 -29.73 14.47 6.64
N PHE A 124 -29.60 14.56 7.97
CA PHE A 124 -28.35 14.15 8.67
C PHE A 124 -28.02 12.66 8.52
N ILE A 125 -29.06 11.82 8.65
CA ILE A 125 -28.92 10.39 8.44
C ILE A 125 -28.46 10.09 7.01
N GLU A 126 -29.03 10.81 6.04
CA GLU A 126 -28.59 10.70 4.63
C GLU A 126 -27.11 11.03 4.48
N GLU A 127 -26.74 12.23 4.94
CA GLU A 127 -25.37 12.76 4.87
C GLU A 127 -24.34 11.85 5.58
N THR A 128 -24.69 11.30 6.74
CA THR A 128 -23.73 10.48 7.50
C THR A 128 -23.64 9.04 6.99
N SER A 129 -24.69 8.58 6.32
CA SER A 129 -24.69 7.24 5.72
C SER A 129 -23.66 7.25 4.63
N LEU A 130 -23.51 8.38 3.97
CA LEU A 130 -22.48 8.54 2.94
C LEU A 130 -21.10 8.66 3.59
N ARG A 131 -20.98 9.55 4.57
CA ARG A 131 -19.67 9.82 5.18
C ARG A 131 -19.11 8.55 5.86
N TYR A 132 -19.96 7.77 6.52
CA TYR A 132 -19.53 6.59 7.27
C TYR A 132 -19.66 5.22 6.55
N SER A 133 -19.98 5.23 5.26
CA SER A 133 -20.23 4.00 4.48
C SER A 133 -21.23 3.07 5.14
N LEU A 134 -22.41 3.59 5.50
CA LEU A 134 -23.43 2.75 6.14
C LEU A 134 -24.23 2.12 5.02
N SER A 135 -24.48 0.82 5.15
CA SER A 135 -25.43 0.14 4.29
C SER A 135 -26.79 0.20 5.03
N LEU A 136 -27.58 1.21 4.72
CA LEU A 136 -28.73 1.57 5.52
C LEU A 136 -30.05 0.91 5.05
N TYR A 137 -30.62 0.08 5.90
CA TYR A 137 -31.99 -0.38 5.73
C TYR A 137 -32.83 0.68 6.43
N GLU A 138 -33.87 1.15 5.74
CA GLU A 138 -34.78 2.16 6.28
C GLU A 138 -36.17 1.62 6.18
N SER A 139 -36.84 1.54 7.32
CA SER A 139 -38.20 1.08 7.35
C SER A 139 -39.12 2.12 6.67
N ASP A 140 -40.34 1.71 6.31
CA ASP A 140 -41.27 2.58 5.58
C ASP A 140 -41.85 3.61 6.56
N ARG A 141 -41.57 4.90 6.38
CA ARG A 141 -42.09 5.89 7.37
C ARG A 141 -43.60 6.00 7.38
N ASP A 142 -44.22 5.54 6.30
CA ASP A 142 -45.65 5.74 6.11
C ASP A 142 -46.47 4.54 6.60
N LYS A 143 -45.79 3.53 7.15
CA LYS A 143 -46.44 2.38 7.75
C LYS A 143 -46.68 2.56 9.26
N CYS A 144 -47.90 2.29 9.73
CA CYS A 144 -48.22 2.37 11.15
C CYS A 144 -47.92 1.06 11.83
N GLU A 145 -46.81 1.02 12.56
CA GLU A 145 -46.38 -0.21 13.21
C GLU A 145 -45.52 0.13 14.43
N THR A 146 -45.40 -0.79 15.38
CA THR A 146 -44.50 -0.54 16.52
C THR A 146 -43.03 -0.77 16.09
N MET A 147 -42.09 -0.30 16.91
CA MET A 147 -40.65 -0.59 16.65
C MET A 147 -40.35 -2.08 16.57
N ALA A 148 -40.94 -2.84 17.50
CA ALA A 148 -40.88 -4.31 17.51
C ALA A 148 -41.30 -4.90 16.17
N GLU A 149 -42.41 -4.41 15.65
CA GLU A 149 -42.94 -4.86 14.36
C GLU A 149 -42.05 -4.51 13.18
N ALA A 150 -41.48 -3.30 13.20
CA ALA A 150 -40.51 -2.88 12.20
C ALA A 150 -39.26 -3.77 12.24
N PHE A 151 -38.83 -4.11 13.44
CA PHE A 151 -37.63 -4.96 13.60
C PHE A 151 -37.90 -6.43 13.25
N GLU A 152 -39.14 -6.88 13.42
CA GLU A 152 -39.54 -8.22 12.95
C GLU A 152 -39.42 -8.30 11.42
N THR A 153 -39.86 -7.25 10.72
CA THR A 153 -39.78 -7.19 9.27
C THR A 153 -38.31 -7.17 8.84
N PHE A 154 -37.53 -6.28 9.44
CA PHE A 154 -36.09 -6.22 9.24
C PHE A 154 -35.41 -7.61 9.33
N LEU A 155 -35.80 -8.37 10.34
CA LEU A 155 -35.20 -9.67 10.61
C LEU A 155 -35.61 -10.75 9.62
N GLN A 156 -36.76 -10.56 8.97
CA GLN A 156 -37.19 -11.44 7.88
C GLN A 156 -36.33 -11.19 6.64
N VAL A 157 -36.04 -9.91 6.39
CA VAL A 157 -35.15 -9.49 5.31
C VAL A 157 -33.71 -9.94 5.56
N PHE A 158 -33.23 -9.79 6.80
CA PHE A 158 -31.86 -10.19 7.14
C PHE A 158 -31.89 -11.20 8.27
N PRO A 159 -32.29 -12.46 7.98
CA PRO A 159 -32.35 -13.47 9.05
C PRO A 159 -31.00 -13.94 9.58
N GLU A 160 -29.90 -13.48 9.00
CA GLU A 160 -28.57 -13.75 9.56
C GLU A 160 -28.30 -12.92 10.82
N THR A 161 -29.10 -11.88 11.04
CA THR A 161 -28.89 -10.96 12.17
C THR A 161 -29.05 -11.66 13.53
N LYS A 162 -28.02 -11.62 14.36
CA LYS A 162 -28.09 -12.20 15.70
C LYS A 162 -28.09 -11.15 16.81
N ALA A 163 -27.63 -9.95 16.46
CA ALA A 163 -27.37 -8.95 17.48
C ALA A 163 -27.44 -7.57 16.85
N ILE A 164 -27.90 -6.60 17.65
CA ILE A 164 -28.07 -5.22 17.16
C ILE A 164 -27.54 -4.23 18.18
N VAL A 165 -26.67 -3.35 17.70
CA VAL A 165 -26.04 -2.31 18.52
C VAL A 165 -26.97 -1.11 18.71
N ILE A 166 -27.12 -0.71 19.96
CA ILE A 166 -28.09 0.34 20.35
C ILE A 166 -27.42 1.36 21.26
N GLY A 167 -27.60 2.65 20.98
CA GLY A 167 -26.92 3.71 21.76
C GLY A 167 -27.73 4.25 22.95
N ILE A 168 -28.39 3.35 23.67
CA ILE A 168 -29.16 3.69 24.86
C ILE A 168 -28.17 3.86 26.04
N ARG A 169 -28.51 4.75 26.96
CA ARG A 169 -27.72 4.99 28.16
C ARG A 169 -28.59 4.75 29.37
N HIS A 170 -27.96 4.46 30.52
CA HIS A 170 -28.73 4.18 31.75
C HIS A 170 -29.68 5.29 32.16
N THR A 171 -29.27 6.53 31.94
CA THR A 171 -30.08 7.71 32.21
C THR A 171 -31.35 7.86 31.32
N ASP A 172 -31.42 7.12 30.21
CA ASP A 172 -32.58 7.17 29.30
C ASP A 172 -33.78 6.49 29.96
N PRO A 173 -35.01 6.87 29.55
CA PRO A 173 -36.18 6.11 30.01
C PRO A 173 -35.99 4.60 29.82
N PHE A 174 -36.33 3.84 30.88
CA PHE A 174 -36.22 2.38 30.92
C PHE A 174 -34.76 1.89 30.82
N GLY A 175 -33.82 2.79 31.11
CA GLY A 175 -32.40 2.44 30.99
C GLY A 175 -31.78 1.84 32.24
N GLU A 176 -32.47 1.96 33.37
CA GLU A 176 -31.83 1.65 34.66
C GLU A 176 -31.33 0.21 34.77
N HIS A 177 -32.15 -0.74 34.34
CA HIS A 177 -31.85 -2.17 34.52
C HIS A 177 -31.15 -2.87 33.35
N LEU A 178 -30.84 -2.11 32.29
CA LEU A 178 -30.28 -2.65 31.07
C LEU A 178 -28.84 -3.13 31.27
N LYS A 179 -28.44 -4.09 30.45
CA LYS A 179 -27.11 -4.64 30.52
C LYS A 179 -26.41 -4.50 29.15
N PRO A 180 -25.05 -4.51 29.16
CA PRO A 180 -24.29 -4.34 27.92
C PRO A 180 -24.67 -5.39 26.87
N ILE A 181 -24.97 -6.60 27.32
CA ILE A 181 -25.38 -7.66 26.39
C ILE A 181 -26.60 -8.36 27.02
N GLN A 182 -27.72 -8.33 26.31
CA GLN A 182 -28.93 -9.00 26.78
C GLN A 182 -29.90 -9.28 25.63
N LYS A 183 -30.65 -10.38 25.73
CA LYS A 183 -31.67 -10.69 24.73
C LYS A 183 -32.80 -9.66 24.84
N THR A 184 -33.49 -9.44 23.73
CA THR A 184 -34.72 -8.66 23.68
C THR A 184 -35.77 -9.35 24.53
N ASP A 185 -36.86 -8.62 24.82
CA ASP A 185 -37.99 -9.18 25.57
C ASP A 185 -38.88 -10.07 24.72
N ALA A 186 -39.76 -10.80 25.41
CA ALA A 186 -40.71 -11.76 24.82
C ALA A 186 -41.60 -11.19 23.73
N ASN A 187 -41.94 -9.90 23.84
CA ASN A 187 -42.83 -9.21 22.88
C ASN A 187 -42.09 -8.61 21.67
N TRP A 188 -40.78 -8.83 21.60
CA TRP A 188 -39.95 -8.38 20.48
C TRP A 188 -39.52 -9.55 19.63
N PRO A 189 -39.04 -9.28 18.41
CA PRO A 189 -38.35 -10.34 17.68
C PRO A 189 -37.09 -10.73 18.48
N ASP A 190 -36.62 -11.95 18.29
CA ASP A 190 -35.56 -12.51 19.12
C ASP A 190 -34.17 -12.15 18.56
N PHE A 191 -33.40 -11.34 19.30
CA PHE A 191 -31.99 -11.07 19.02
C PHE A 191 -31.33 -10.55 20.30
N TYR A 192 -30.00 -10.44 20.30
CA TYR A 192 -29.30 -9.78 21.39
C TYR A 192 -29.23 -8.29 21.10
N ARG A 193 -29.54 -7.53 22.14
CA ARG A 193 -29.27 -6.12 22.23
C ARG A 193 -27.83 -5.92 22.73
N LEU A 194 -27.08 -5.13 21.99
CA LEU A 194 -25.69 -4.83 22.33
C LEU A 194 -25.69 -3.37 22.69
N GLN A 195 -25.42 -3.07 23.95
CA GLN A 195 -25.64 -1.74 24.51
C GLN A 195 -24.36 -1.29 25.22
N PRO A 196 -23.36 -0.85 24.42
CA PRO A 196 -22.06 -0.53 24.95
C PRO A 196 -21.84 0.91 25.37
N LEU A 197 -22.90 1.71 25.35
CA LEU A 197 -22.85 3.11 25.77
C LEU A 197 -23.55 3.38 27.11
N LEU A 198 -23.97 2.33 27.81
CA LEU A 198 -24.88 2.50 28.98
C LEU A 198 -24.35 3.44 30.05
N HIS A 199 -23.06 3.34 30.33
CA HIS A 199 -22.40 4.09 31.38
C HIS A 199 -22.08 5.54 31.01
N TRP A 200 -22.36 5.97 29.77
CA TRP A 200 -22.02 7.35 29.36
C TRP A 200 -23.04 8.34 29.90
N ASN A 201 -22.54 9.41 30.52
CA ASN A 201 -23.35 10.56 30.94
CA ASN A 201 -23.42 10.52 30.89
C ASN A 201 -23.39 11.61 29.82
N LEU A 202 -24.30 12.59 29.92
CA LEU A 202 -24.44 13.63 28.90
C LEU A 202 -23.17 14.47 28.64
N ALA A 203 -22.45 14.82 29.72
CA ALA A 203 -21.20 15.57 29.61
C ALA A 203 -20.13 14.82 28.82
N ASN A 204 -20.09 13.49 28.94
CA ASN A 204 -19.12 12.68 28.19
C ASN A 204 -19.43 12.66 26.70
N ILE A 205 -20.70 12.50 26.37
CA ILE A 205 -21.20 12.54 24.99
C ILE A 205 -20.79 13.85 24.32
N TRP A 206 -21.08 14.99 24.96
CA TRP A 206 -20.70 16.28 24.39
C TRP A 206 -19.18 16.41 24.27
N SER A 207 -18.46 16.07 25.34
CA SER A 207 -17.00 16.20 25.29
C SER A 207 -16.40 15.49 24.07
N PHE A 208 -16.64 14.19 23.96
CA PHE A 208 -16.10 13.37 22.85
C PHE A 208 -16.62 13.83 21.49
N LEU A 209 -17.91 14.14 21.42
CA LEU A 209 -18.49 14.51 20.13
C LEU A 209 -17.97 15.82 19.57
N LEU A 210 -17.77 16.83 20.44
CA LEU A 210 -17.19 18.09 20.01
C LEU A 210 -15.70 17.99 19.66
N TYR A 211 -14.97 17.18 20.40
CA TYR A 211 -13.56 16.97 20.14
C TYR A 211 -13.39 16.24 18.80
N SER A 212 -14.32 15.33 18.47
CA SER A 212 -14.21 14.49 17.26
C SER A 212 -14.11 15.25 15.94
N ASN A 213 -14.61 16.50 15.91
CA ASN A 213 -14.69 17.33 14.70
C ASN A 213 -15.55 16.67 13.61
N GLU A 214 -16.42 15.75 14.01
CA GLU A 214 -17.42 15.20 13.08
C GLU A 214 -18.60 16.14 13.00
N PRO A 215 -19.22 16.25 11.80
CA PRO A 215 -20.49 16.97 11.76
C PRO A 215 -21.52 16.31 12.65
N ILE A 216 -22.27 17.11 13.40
CA ILE A 216 -23.33 16.57 14.25
C ILE A 216 -24.67 17.16 13.88
N CYS A 217 -25.78 16.48 14.17
CA CYS A 217 -27.07 17.01 13.79
C CYS A 217 -27.21 18.48 14.19
N GLU A 218 -27.55 19.31 13.21
CA GLU A 218 -27.64 20.76 13.41
C GLU A 218 -28.68 21.23 14.42
N LEU A 219 -29.69 20.42 14.71
CA LEU A 219 -30.69 20.75 15.75
C LEU A 219 -30.00 21.04 17.08
N TYR A 220 -28.93 20.32 17.37
CA TYR A 220 -28.20 20.55 18.63
C TYR A 220 -27.67 22.01 18.75
N ARG A 221 -27.12 22.53 17.67
CA ARG A 221 -26.67 23.93 17.62
C ARG A 221 -27.77 24.93 18.04
N TYR A 222 -29.03 24.55 17.81
CA TYR A 222 -30.18 25.43 18.02
C TYR A 222 -30.86 25.26 19.41
N GLY A 223 -30.21 24.52 20.31
CA GLY A 223 -30.70 24.41 21.70
C GLY A 223 -31.44 23.12 22.05
N PHE A 224 -31.58 22.23 21.07
CA PHE A 224 -32.15 20.92 21.32
C PHE A 224 -31.12 20.09 22.04
N THR A 225 -31.56 19.29 23.01
CA THR A 225 -30.64 18.38 23.76
C THR A 225 -31.16 16.95 23.64
N SER A 226 -32.40 16.82 23.21
CA SER A 226 -33.03 15.52 23.03
C SER A 226 -33.91 15.57 21.80
N LEU A 227 -33.82 14.55 20.94
CA LEU A 227 -34.57 14.56 19.71
C LEU A 227 -35.69 13.55 19.75
N GLY A 228 -36.89 14.01 20.06
CA GLY A 228 -38.07 13.20 19.91
C GLY A 228 -38.69 13.54 18.57
N ASN A 229 -40.00 13.45 18.48
CA ASN A 229 -40.66 13.77 17.23
C ASN A 229 -40.88 15.28 17.00
N VAL A 230 -41.28 15.63 15.79
CA VAL A 230 -41.39 17.04 15.39
C VAL A 230 -42.45 17.81 16.16
N GLU A 231 -43.47 17.11 16.65
CA GLU A 231 -44.54 17.80 17.32
C GLU A 231 -44.23 18.08 18.79
N GLU A 232 -43.62 17.09 19.43
CA GLU A 232 -43.43 17.08 20.87
C GLU A 232 -42.16 17.81 21.33
N THR A 233 -41.15 17.92 20.44
CA THR A 233 -39.79 18.29 20.80
C THR A 233 -39.54 19.81 20.64
N LEU A 234 -39.05 20.42 21.71
CA LEU A 234 -38.68 21.85 21.72
C LEU A 234 -37.23 22.02 22.13
N PRO A 235 -36.63 23.17 21.79
CA PRO A 235 -35.32 23.51 22.35
C PRO A 235 -35.44 23.44 23.88
N ASN A 236 -34.35 23.15 24.56
CA ASN A 236 -34.44 22.90 26.00
C ASN A 236 -34.68 24.23 26.75
N PRO A 237 -35.76 24.30 27.56
CA PRO A 237 -36.10 25.52 28.29
C PRO A 237 -35.00 25.93 29.27
N HIS A 238 -34.18 24.99 29.72
CA HIS A 238 -33.06 25.37 30.60
C HIS A 238 -31.92 26.05 29.86
N LEU A 239 -32.02 26.08 28.54
CA LEU A 239 -31.00 26.73 27.71
C LEU A 239 -31.51 28.04 27.11
N ARG A 240 -32.69 28.48 27.55
CA ARG A 240 -33.27 29.72 27.02
C ARG A 240 -32.47 30.87 27.56
N LYS A 241 -32.05 31.75 26.65
CA LYS A 241 -31.33 32.95 26.99
C LYS A 241 -32.28 33.99 27.52
N ASP A 242 -31.88 34.65 28.61
CA ASP A 242 -32.60 35.85 29.05
C ASP A 242 -31.67 36.81 29.80
N LYS A 243 -32.06 38.07 29.90
CA LYS A 243 -31.17 39.10 30.46
C LYS A 243 -30.98 39.04 31.98
N ASN A 244 -31.88 38.35 32.68
CA ASN A 244 -31.88 38.43 34.14
C ASN A 244 -31.45 37.13 34.84
N SER A 245 -31.31 36.07 34.05
CA SER A 245 -30.74 34.82 34.50
C SER A 245 -29.19 34.88 34.48
N THR A 246 -28.56 34.17 35.40
CA THR A 246 -27.10 33.97 35.36
C THR A 246 -26.76 33.25 34.06
N PRO A 247 -25.87 33.83 33.24
CA PRO A 247 -25.54 33.20 31.97
C PRO A 247 -24.87 31.84 32.18
N LEU A 248 -25.04 30.96 31.20
CA LEU A 248 -24.48 29.61 31.29
C LEU A 248 -23.03 29.60 30.83
N LYS A 249 -22.25 28.69 31.42
CA LYS A 249 -20.84 28.55 31.13
C LYS A 249 -20.61 27.29 30.29
N LEU A 250 -19.69 27.36 29.35
CA LEU A 250 -19.38 26.24 28.47
C LEU A 250 -18.32 25.36 29.11
N ASN A 251 -18.58 24.04 29.11
CA ASN A 251 -17.65 23.08 29.66
C ASN A 251 -16.66 22.53 28.65
N PHE A 252 -16.85 22.88 27.38
CA PHE A 252 -16.16 22.21 26.29
C PHE A 252 -15.35 23.13 25.38
N GLU A 253 -14.86 24.26 25.91
CA GLU A 253 -14.14 25.23 25.07
C GLU A 253 -12.87 24.61 24.52
N TRP A 254 -12.16 23.90 25.39
CA TRP A 254 -10.95 23.22 24.98
C TRP A 254 -11.17 22.18 23.85
N GLU A 255 -12.15 21.28 24.02
CA GLU A 255 -12.45 20.25 23.01
C GLU A 255 -12.74 20.85 21.66
N ILE A 256 -13.51 21.94 21.66
CA ILE A 256 -13.84 22.66 20.40
C ILE A 256 -12.60 23.27 19.75
N GLU A 257 -11.86 24.04 20.52
CA GLU A 257 -10.64 24.67 20.05
C GLU A 257 -9.60 23.63 19.58
N ASN A 258 -9.52 22.52 20.29
CA ASN A 258 -8.50 21.50 20.01
C ASN A 258 -9.02 20.28 19.27
N ARG A 259 -10.17 20.43 18.65
CA ARG A 259 -10.81 19.30 17.95
C ARG A 259 -9.89 18.65 16.90
N TYR A 260 -10.18 17.39 16.59
CA TYR A 260 -9.27 16.52 15.89
C TYR A 260 -9.14 17.08 14.48
N LYS A 261 -7.93 17.44 14.07
CA LYS A 261 -7.75 18.05 12.75
C LYS A 261 -7.89 17.02 11.63
N HIS A 262 -8.38 17.49 10.50
CA HIS A 262 -8.59 16.68 9.31
C HIS A 262 -7.62 17.02 8.20
N ASN A 263 -7.51 16.11 7.24
CA ASN A 263 -6.75 16.34 6.02
C ASN A 263 -7.69 16.24 4.82
N GLU A 264 -7.15 15.98 3.63
CA GLU A 264 -7.96 16.00 2.41
C GLU A 264 -8.93 14.83 2.33
N VAL A 265 -8.49 13.68 2.82
CA VAL A 265 -9.31 12.45 2.88
C VAL A 265 -10.48 12.61 3.85
N THR A 266 -10.19 13.13 5.04
CA THR A 266 -11.10 13.05 6.19
C THR A 266 -11.91 14.32 6.43
N LYS A 267 -11.61 15.35 5.63
CA LYS A 267 -12.30 16.65 5.62
C LYS A 267 -13.83 16.49 5.61
N ALA A 268 -14.51 17.30 6.40
CA ALA A 268 -15.96 17.34 6.45
C ALA A 268 -16.41 18.78 6.40
N GLU A 269 -17.59 19.02 5.84
CA GLU A 269 -18.14 20.38 5.83
C GLU A 269 -19.46 20.56 6.55
N PRO A 270 -19.81 21.81 6.94
CA PRO A 270 -20.99 21.96 7.76
C PRO A 270 -22.27 22.14 6.94
N ILE A 271 -23.39 21.80 7.57
CA ILE A 271 -24.71 21.90 6.98
C ILE A 271 -25.66 22.70 7.91
N PRO A 272 -26.50 23.60 7.34
CA PRO A 272 -27.50 24.27 8.18
C PRO A 272 -28.66 23.28 8.41
N ILE A 273 -29.58 23.64 9.28
CA ILE A 273 -30.72 22.77 9.50
C ILE A 273 -31.54 22.77 8.22
N ALA A 274 -32.50 21.85 8.12
CA ALA A 274 -33.53 21.95 7.08
C ALA A 274 -34.21 23.29 7.21
N ASP A 275 -34.58 23.88 6.08
CA ASP A 275 -35.38 25.11 6.09
C ASP A 275 -36.63 25.05 6.96
N GLU A 276 -37.37 23.95 6.92
CA GLU A 276 -38.62 23.89 7.67
C GLU A 276 -38.38 23.86 9.18
N ASP A 277 -37.22 23.36 9.60
CA ASP A 277 -36.90 23.37 11.03
C ASP A 277 -36.46 24.77 11.49
N LEU A 278 -35.71 25.48 10.64
CA LEU A 278 -35.35 26.87 10.93
C LEU A 278 -36.56 27.74 11.19
N VAL A 279 -37.59 27.60 10.34
CA VAL A 279 -38.86 28.30 10.49
C VAL A 279 -39.52 28.11 11.85
N LYS A 280 -39.58 26.86 12.29
CA LYS A 280 -40.18 26.58 13.58
C LYS A 280 -39.33 27.15 14.72
N ILE A 281 -38.02 27.23 14.51
CA ILE A 281 -37.11 27.79 15.52
C ILE A 281 -37.21 29.34 15.60
N GLU A 282 -37.27 30.02 14.45
CA GLU A 282 -37.63 31.46 14.40
C GLU A 282 -39.01 31.84 15.02
N ASN A 283 -40.07 31.12 14.66
CA ASN A 283 -41.41 31.31 15.23
C ASN A 283 -41.45 31.43 16.77
N LEU A 284 -40.41 30.91 17.41
CA LEU A 284 -40.33 30.82 18.87
C LEU A 284 -40.14 32.15 19.61
N HIS A 285 -39.54 33.13 18.94
CA HIS A 285 -39.25 34.46 19.53
C HIS A 285 -38.41 34.37 20.82
N GLU A 286 -37.61 33.32 20.94
CA GLU A 286 -36.73 33.09 22.08
C GLU A 286 -35.46 32.56 21.49
N ASP A 287 -34.34 32.74 22.17
CA ASP A 287 -33.06 32.17 21.67
C ASP A 287 -32.49 31.24 22.72
N TYR A 288 -31.64 30.30 22.28
CA TYR A 288 -31.17 29.23 23.14
C TYR A 288 -29.69 29.04 22.99
N TYR A 289 -29.01 28.65 24.07
CA TYR A 289 -27.63 28.16 23.96
C TYR A 289 -27.67 26.84 23.22
N PRO A 290 -26.59 26.47 22.50
CA PRO A 290 -26.65 25.11 21.93
C PRO A 290 -26.71 24.02 23.00
N GLY A 291 -27.09 22.82 22.57
CA GLY A 291 -27.35 21.66 23.42
C GLY A 291 -26.22 21.31 24.35
N TRP A 292 -24.96 21.44 23.87
CA TRP A 292 -23.75 21.20 24.70
C TRP A 292 -23.52 22.15 25.91
N TYR A 293 -24.39 23.14 26.10
CA TYR A 293 -24.40 23.87 27.36
C TYR A 293 -25.21 23.14 28.45
N LEU A 294 -25.86 22.03 28.09
CA LEU A 294 -26.58 21.22 29.08
C LEU A 294 -25.74 19.98 29.39
N VAL A 295 -25.39 19.85 30.66
CA VAL A 295 -24.60 18.72 31.11
C VAL A 295 -25.30 17.93 32.21
N ASP A 296 -26.55 18.26 32.52
CA ASP A 296 -27.33 17.62 33.59
C ASP A 296 -28.30 16.61 32.95
N ASP A 297 -28.00 15.33 33.13
CA ASP A 297 -28.80 14.24 32.55
C ASP A 297 -30.28 14.28 32.93
N LYS A 298 -30.58 14.76 34.14
CA LYS A 298 -31.98 14.84 34.60
C LYS A 298 -32.82 15.80 33.75
N LEU A 299 -32.15 16.68 33.01
CA LEU A 299 -32.83 17.76 32.29
C LEU A 299 -32.81 17.55 30.78
N GLU A 300 -32.28 16.40 30.37
CA GLU A 300 -31.99 16.17 28.94
C GLU A 300 -33.30 16.20 28.13
N ARG A 301 -34.38 15.68 28.72
CA ARG A 301 -35.69 15.62 28.03
C ARG A 301 -36.64 16.74 28.37
N ALA A 302 -36.13 17.82 28.96
CA ALA A 302 -36.95 18.98 29.40
C ALA A 302 -37.73 19.69 28.28
N GLY A 303 -37.22 19.59 27.06
CA GLY A 303 -37.78 20.34 25.94
C GLY A 303 -38.84 19.53 25.23
N ARG A 304 -40.06 19.51 25.83
CA ARG A 304 -41.22 18.78 25.32
C ARG A 304 -42.56 19.53 25.54
N ILE A 305 -43.43 19.49 24.54
CA ILE A 305 -44.79 20.02 24.64
C ILE A 305 -45.53 19.39 25.81
N LYS A 306 -46.20 20.23 26.59
CA LYS A 306 -47.01 19.77 27.70
C LYS A 306 -48.22 18.91 27.26
N LYS A 307 -48.37 17.73 27.86
CA LYS A 307 -49.45 16.81 27.53
C LYS A 307 -50.24 16.37 28.74
N LYS A 308 -51.45 15.89 28.47
CA LYS A 308 -52.31 15.22 29.45
C LYS A 308 -52.77 16.14 30.55
N VAL B 4 21.00 -2.53 -5.57
CA VAL B 4 20.08 -3.10 -4.53
C VAL B 4 18.60 -2.78 -4.77
N MET B 5 17.77 -3.83 -4.82
CA MET B 5 16.32 -3.68 -4.78
C MET B 5 15.74 -4.18 -3.44
N ARG B 6 14.75 -3.46 -2.92
CA ARG B 6 13.94 -4.00 -1.81
C ARG B 6 13.31 -5.34 -2.19
N LEU B 7 13.19 -6.23 -1.21
CA LEU B 7 12.73 -7.58 -1.50
C LEU B 7 11.36 -7.53 -2.18
N GLY B 8 10.44 -6.73 -1.63
CA GLY B 8 9.10 -6.54 -2.20
C GLY B 8 9.16 -6.19 -3.67
N ASP B 9 10.01 -5.24 -4.01
CA ASP B 9 10.17 -4.74 -5.37
C ASP B 9 10.81 -5.81 -6.27
N ALA B 10 11.80 -6.51 -5.73
CA ALA B 10 12.38 -7.65 -6.41
C ALA B 10 11.31 -8.68 -6.69
N ALA B 11 10.51 -9.02 -5.68
CA ALA B 11 9.49 -10.08 -5.80
C ALA B 11 8.42 -9.68 -6.81
N GLU B 12 8.06 -8.40 -6.80
CA GLU B 12 7.07 -7.85 -7.75
C GLU B 12 7.60 -7.86 -9.19
N LEU B 13 8.87 -7.46 -9.37
CA LEU B 13 9.53 -7.57 -10.68
C LEU B 13 9.55 -9.00 -11.22
N CYS B 14 9.91 -9.95 -10.37
CA CYS B 14 9.92 -11.37 -10.76
C CYS B 14 8.50 -11.84 -11.12
N TYR B 15 7.52 -11.38 -10.35
CA TYR B 15 6.15 -11.71 -10.69
C TYR B 15 5.79 -11.20 -12.10
N ASN B 16 6.15 -9.96 -12.37
CA ASN B 16 5.80 -9.34 -13.65
C ASN B 16 6.53 -9.94 -14.84
N LEU B 17 7.82 -10.27 -14.67
CA LEU B 17 8.55 -10.86 -15.79
C LEU B 17 8.09 -12.29 -16.04
N THR B 18 7.74 -12.99 -14.99
CA THR B 18 7.25 -14.38 -15.09
C THR B 18 5.89 -14.42 -15.80
N SER B 19 4.97 -13.55 -15.41
CA SER B 19 3.68 -13.38 -16.08
C SER B 19 3.84 -12.95 -17.53
N SER B 20 4.81 -12.10 -17.77
CA SER B 20 5.16 -11.68 -19.11
C SER B 20 5.62 -12.88 -19.95
N TYR B 21 6.49 -13.71 -19.39
CA TYR B 21 6.91 -14.94 -20.08
C TYR B 21 5.71 -15.84 -20.39
N LEU B 22 4.81 -15.98 -19.42
CA LEU B 22 3.65 -16.84 -19.56
C LEU B 22 2.66 -16.35 -20.64
N GLN B 23 2.67 -15.06 -20.93
CA GLN B 23 1.80 -14.49 -21.95
C GLN B 23 2.45 -14.46 -23.32
N ILE B 24 3.67 -15.02 -23.47
CA ILE B 24 4.33 -15.07 -24.78
C ILE B 24 3.51 -15.97 -25.66
N ALA B 25 3.33 -15.54 -26.92
CA ALA B 25 2.52 -16.28 -27.88
C ALA B 25 3.42 -17.31 -28.53
N ALA B 26 3.13 -18.59 -28.29
CA ALA B 26 4.01 -19.66 -28.75
C ALA B 26 3.24 -20.93 -29.11
N GLU B 27 3.75 -21.68 -30.08
CA GLU B 27 3.15 -22.97 -30.44
C GLU B 27 3.46 -24.04 -29.38
N SER B 28 2.52 -24.97 -29.19
CA SER B 28 2.58 -25.99 -28.13
C SER B 28 3.88 -26.80 -28.10
N ASP B 29 4.50 -26.98 -29.26
CA ASP B 29 5.71 -27.81 -29.34
C ASP B 29 7.03 -27.00 -29.36
N SER B 30 6.92 -25.71 -29.02
CA SER B 30 8.08 -24.82 -28.99
C SER B 30 8.81 -24.93 -27.65
N ILE B 31 10.06 -24.47 -27.62
CA ILE B 31 10.79 -24.37 -26.37
C ILE B 31 10.04 -23.47 -25.36
N ILE B 32 9.57 -22.33 -25.85
CA ILE B 32 8.90 -21.38 -24.99
C ILE B 32 7.64 -22.00 -24.37
N ALA B 33 6.84 -22.68 -25.19
CA ALA B 33 5.60 -23.25 -24.71
C ALA B 33 5.88 -24.34 -23.66
N GLN B 34 6.87 -25.16 -23.91
CA GLN B 34 7.33 -26.17 -22.96
C GLN B 34 7.87 -25.56 -21.64
N THR B 35 8.54 -24.41 -21.75
CA THR B 35 9.03 -23.69 -20.59
C THR B 35 7.87 -23.11 -19.81
N GLN B 36 6.84 -22.65 -20.51
CA GLN B 36 5.65 -22.10 -19.85
C GLN B 36 4.96 -23.15 -18.98
N ARG B 37 4.86 -24.37 -19.53
CA ARG B 37 4.37 -25.56 -18.82
C ARG B 37 5.21 -25.87 -17.58
N ALA B 38 6.54 -25.84 -17.73
CA ALA B 38 7.45 -26.01 -16.59
C ALA B 38 7.30 -24.93 -15.49
N ILE B 39 7.11 -23.66 -15.89
CA ILE B 39 6.83 -22.60 -14.91
C ILE B 39 5.56 -22.94 -14.11
N ASN B 40 4.50 -23.33 -14.80
CA ASN B 40 3.23 -23.57 -14.11
C ASN B 40 3.35 -24.73 -13.12
N THR B 41 4.06 -25.77 -13.52
CA THR B 41 4.31 -26.91 -12.65
C THR B 41 5.10 -26.45 -11.41
N THR B 42 6.19 -25.70 -11.61
CA THR B 42 6.98 -25.13 -10.49
C THR B 42 6.12 -24.23 -9.60
N LYS B 43 5.32 -23.34 -10.21
CA LYS B 43 4.45 -22.44 -9.43
C LYS B 43 3.48 -23.20 -8.53
N SER B 44 2.94 -24.28 -9.08
CA SER B 44 1.99 -25.11 -8.38
C SER B 44 2.61 -25.79 -7.17
N ILE B 45 3.80 -26.38 -7.35
CA ILE B 45 4.55 -27.01 -6.26
C ILE B 45 4.79 -26.03 -5.13
N LEU B 46 5.14 -24.79 -5.47
CA LEU B 46 5.43 -23.79 -4.45
C LEU B 46 4.15 -23.24 -3.78
N ILE B 47 3.23 -22.74 -4.60
CA ILE B 47 2.01 -22.08 -4.09
C ILE B 47 1.01 -23.04 -3.46
N ASN B 48 0.81 -24.20 -4.05
CA ASN B 48 -0.20 -25.16 -3.56
C ASN B 48 0.36 -26.27 -2.64
N GLU B 49 1.61 -26.66 -2.83
CA GLU B 49 2.17 -27.76 -2.03
C GLU B 49 3.17 -27.31 -0.97
N THR B 50 3.85 -26.19 -1.20
CA THR B 50 4.93 -25.77 -0.28
C THR B 50 4.50 -24.74 0.79
N PHE B 51 4.06 -23.57 0.34
CA PHE B 51 3.73 -22.45 1.23
C PHE B 51 2.61 -22.76 2.25
N PRO B 52 1.58 -23.56 1.87
CA PRO B 52 0.66 -24.04 2.93
C PRO B 52 1.33 -24.81 4.07
N LYS B 53 2.37 -25.60 3.75
CA LYS B 53 3.00 -26.46 4.75
C LYS B 53 4.04 -25.69 5.58
N TRP B 54 4.93 -24.96 4.88
CA TRP B 54 5.96 -24.15 5.54
C TRP B 54 5.82 -22.67 5.14
N SER B 55 5.87 -21.80 6.13
CA SER B 55 5.76 -20.37 5.87
C SER B 55 7.00 -19.79 5.17
N PRO B 56 6.79 -19.10 4.04
CA PRO B 56 7.95 -18.43 3.46
C PRO B 56 8.32 -17.12 4.19
N LEU B 57 7.66 -16.82 5.31
CA LEU B 57 7.75 -15.50 5.95
C LEU B 57 8.51 -15.46 7.27
N ASN B 58 8.67 -16.60 7.92
CA ASN B 58 9.28 -16.61 9.25
C ASN B 58 10.58 -17.39 9.39
N GLY B 59 11.28 -17.61 8.28
CA GLY B 59 12.50 -18.38 8.36
C GLY B 59 12.39 -19.90 8.43
N GLU B 60 11.16 -20.44 8.39
CA GLU B 60 10.98 -21.92 8.23
C GLU B 60 11.61 -22.48 6.94
N ILE B 61 11.62 -21.67 5.88
CA ILE B 61 12.23 -22.04 4.61
C ILE B 61 13.52 -21.22 4.40
N SER B 62 14.62 -21.88 4.07
CA SER B 62 15.81 -21.20 3.57
C SER B 62 16.04 -21.56 2.11
N PHE B 63 16.67 -20.65 1.36
CA PHE B 63 16.91 -20.87 -0.09
C PHE B 63 18.40 -21.24 -0.34
N SER B 64 18.67 -22.46 -0.82
CA SER B 64 20.06 -22.79 -1.12
CA SER B 64 20.05 -22.85 -1.16
C SER B 64 20.47 -22.19 -2.48
N TYR B 65 21.53 -21.39 -2.46
CA TYR B 65 21.93 -20.58 -3.59
C TYR B 65 23.44 -20.64 -3.79
N ASN B 66 23.87 -20.90 -5.02
CA ASN B 66 25.29 -20.86 -5.36
C ASN B 66 25.55 -20.10 -6.65
N GLY B 67 24.61 -19.23 -7.04
CA GLY B 67 24.83 -18.32 -8.17
C GLY B 67 24.80 -18.93 -9.57
N GLY B 68 24.54 -20.24 -9.64
CA GLY B 68 24.42 -20.95 -10.93
C GLY B 68 23.07 -20.65 -11.58
N LYS B 69 22.97 -20.92 -12.87
CA LYS B 69 21.74 -20.70 -13.65
C LYS B 69 20.49 -21.34 -13.02
N ASP B 70 20.68 -22.49 -12.37
CA ASP B 70 19.54 -23.28 -11.92
C ASP B 70 18.89 -22.68 -10.73
N CYS B 71 19.67 -22.42 -9.69
CA CYS B 71 19.17 -21.72 -8.53
C CYS B 71 18.75 -20.29 -8.84
N GLN B 72 19.39 -19.64 -9.82
CA GLN B 72 18.96 -18.30 -10.20
C GLN B 72 17.54 -18.33 -10.85
N VAL B 73 17.34 -19.23 -11.79
CA VAL B 73 15.99 -19.44 -12.36
C VAL B 73 14.98 -19.77 -11.25
N LEU B 74 15.34 -20.71 -10.38
CA LEU B 74 14.47 -21.02 -9.26
C LEU B 74 14.22 -19.82 -8.33
N LEU B 75 15.23 -18.99 -8.10
CA LEU B 75 15.05 -17.82 -7.23
C LEU B 75 14.03 -16.82 -7.83
N LEU B 76 14.14 -16.59 -9.14
CA LEU B 76 13.23 -15.71 -9.85
C LEU B 76 11.80 -16.24 -9.73
N LEU B 77 11.63 -17.54 -9.92
CA LEU B 77 10.32 -18.16 -9.78
C LEU B 77 9.78 -18.12 -8.35
N TYR B 78 10.65 -18.40 -7.37
CA TYR B 78 10.30 -18.35 -5.95
C TYR B 78 9.88 -16.94 -5.54
N LEU B 79 10.61 -15.94 -6.00
CA LEU B 79 10.24 -14.55 -5.74
C LEU B 79 8.91 -14.16 -6.40
N SER B 80 8.70 -14.57 -7.64
CA SER B 80 7.38 -14.46 -8.29
C SER B 80 6.26 -15.09 -7.41
N CYS B 81 6.51 -16.30 -6.91
CA CYS B 81 5.48 -16.99 -6.10
C CYS B 81 5.28 -16.36 -4.73
N LEU B 82 6.34 -15.78 -4.17
CA LEU B 82 6.22 -15.01 -2.94
C LEU B 82 5.28 -13.79 -3.13
N TRP B 83 5.48 -13.06 -4.22
CA TRP B 83 4.59 -11.94 -4.53
C TRP B 83 3.14 -12.39 -4.74
N GLU B 84 2.96 -13.48 -5.49
CA GLU B 84 1.63 -14.03 -5.76
C GLU B 84 0.97 -14.45 -4.45
N TYR B 85 1.74 -15.12 -3.60
CA TYR B 85 1.30 -15.47 -2.25
C TYR B 85 0.89 -14.24 -1.43
N TYR B 86 1.71 -13.19 -1.45
CA TYR B 86 1.40 -11.93 -0.76
C TYR B 86 0.12 -11.25 -1.27
N ILE B 87 -0.05 -11.17 -2.59
CA ILE B 87 -1.26 -10.58 -3.19
C ILE B 87 -2.54 -11.30 -2.77
N VAL B 88 -2.56 -12.63 -2.93
CA VAL B 88 -3.72 -13.48 -2.62
C VAL B 88 -4.01 -13.66 -1.12
N LYS B 89 -2.98 -13.93 -0.32
CA LYS B 89 -3.15 -14.24 1.10
C LYS B 89 -2.94 -13.08 2.10
N LEU B 90 -2.13 -12.11 1.75
CA LEU B 90 -1.71 -11.12 2.76
C LEU B 90 -2.10 -9.66 2.51
N SER B 91 -2.24 -9.26 1.25
CA SER B 91 -2.37 -7.83 0.95
C SER B 91 -3.67 -7.17 1.46
N GLN B 92 -4.81 -7.81 1.24
CA GLN B 92 -6.14 -7.28 1.65
C GLN B 92 -6.35 -7.27 3.17
N SER B 93 -6.94 -6.20 3.70
CA SER B 93 -7.44 -6.24 5.06
C SER B 93 -8.92 -6.59 5.05
N GLN B 94 -9.51 -6.67 6.23
CA GLN B 94 -10.98 -6.84 6.36
C GLN B 94 -11.76 -5.67 5.76
N PHE B 95 -11.06 -4.55 5.53
CA PHE B 95 -11.70 -3.30 5.06
C PHE B 95 -11.36 -2.90 3.63
N ASP B 96 -12.40 -2.61 2.86
CA ASP B 96 -12.29 -1.86 1.61
C ASP B 96 -11.29 -0.69 1.71
N GLY B 97 -10.34 -0.68 0.77
CA GLY B 97 -9.41 0.44 0.64
C GLY B 97 -8.23 0.42 1.58
N LYS B 98 -8.10 -0.62 2.39
CA LYS B 98 -6.95 -0.77 3.31
C LYS B 98 -6.18 -2.06 3.07
N PHE B 99 -4.88 -1.90 2.85
CA PHE B 99 -4.02 -3.00 2.44
C PHE B 99 -2.86 -3.19 3.44
N HIS B 100 -2.24 -4.36 3.40
CA HIS B 100 -1.05 -4.63 4.20
C HIS B 100 0.19 -4.62 3.29
N ARG B 101 1.26 -3.98 3.75
CA ARG B 101 2.51 -3.92 2.96
C ARG B 101 3.15 -5.32 2.80
N PHE B 102 4.02 -5.48 1.79
CA PHE B 102 4.85 -6.69 1.67
C PHE B 102 5.63 -6.83 2.99
N PRO B 103 5.40 -7.95 3.73
CA PRO B 103 5.89 -8.15 5.10
C PRO B 103 7.39 -8.44 5.28
N LEU B 104 8.01 -9.13 4.32
CA LEU B 104 9.38 -9.63 4.44
C LEU B 104 10.40 -8.66 3.82
N THR B 105 11.52 -8.44 4.50
CA THR B 105 12.52 -7.49 3.98
C THR B 105 13.81 -8.15 3.48
N LYS B 106 14.08 -9.38 3.91
CA LYS B 106 15.21 -10.14 3.37
C LYS B 106 14.80 -11.61 3.24
N LEU B 107 15.36 -12.30 2.26
CA LEU B 107 15.10 -13.73 2.03
C LEU B 107 16.23 -14.59 2.59
N PRO B 108 15.93 -15.44 3.60
CA PRO B 108 16.99 -16.27 4.19
C PRO B 108 17.57 -17.22 3.15
N THR B 109 18.89 -17.14 2.98
CA THR B 109 19.57 -17.84 1.88
C THR B 109 20.84 -18.46 2.46
N VAL B 110 21.28 -19.58 1.89
CA VAL B 110 22.43 -20.32 2.40
C VAL B 110 23.34 -20.74 1.24
N PHE B 111 24.62 -20.38 1.36
CA PHE B 111 25.63 -20.77 0.38
C PHE B 111 26.80 -21.49 1.11
N ILE B 112 27.08 -22.72 0.69
CA ILE B 112 28.24 -23.49 1.19
C ILE B 112 29.43 -23.18 0.27
N ASP B 113 30.38 -22.44 0.80
CA ASP B 113 31.51 -21.94 0.03
C ASP B 113 32.59 -23.00 0.09
N HIS B 114 33.44 -23.05 -0.95
CA HIS B 114 34.58 -23.98 -1.04
C HIS B 114 35.82 -23.27 -1.55
N ASP B 115 36.99 -23.82 -1.21
CA ASP B 115 38.26 -23.17 -1.50
C ASP B 115 38.63 -23.21 -2.98
N ASP B 116 37.85 -23.99 -3.75
CA ASP B 116 38.06 -24.13 -5.18
C ASP B 116 36.86 -23.62 -6.01
N THR B 117 36.03 -22.77 -5.38
CA THR B 117 34.94 -22.05 -6.05
C THR B 117 35.51 -20.96 -6.99
N PHE B 118 34.91 -20.82 -8.18
CA PHE B 118 35.32 -19.76 -9.15
C PHE B 118 35.18 -18.40 -8.51
N LYS B 119 36.23 -17.57 -8.64
CA LYS B 119 36.17 -16.18 -8.21
C LYS B 119 34.96 -15.43 -8.80
N THR B 120 34.76 -15.57 -10.11
CA THR B 120 33.62 -14.95 -10.77
C THR B 120 32.31 -15.30 -10.06
N LEU B 121 32.16 -16.58 -9.71
CA LEU B 121 30.98 -17.03 -8.98
C LEU B 121 30.83 -16.42 -7.58
N GLU B 122 31.94 -16.35 -6.83
CA GLU B 122 31.94 -15.67 -5.52
C GLU B 122 31.40 -14.24 -5.70
N ASN B 123 31.91 -13.55 -6.72
CA ASN B 123 31.59 -12.14 -6.96
C ASN B 123 30.10 -12.03 -7.27
N PHE B 124 29.60 -12.96 -8.11
CA PHE B 124 28.21 -13.00 -8.53
C PHE B 124 27.22 -13.25 -7.38
N ILE B 125 27.55 -14.18 -6.49
CA ILE B 125 26.71 -14.52 -5.34
C ILE B 125 26.59 -13.29 -4.42
N GLU B 126 27.71 -12.61 -4.16
CA GLU B 126 27.68 -11.35 -3.37
C GLU B 126 26.83 -10.26 -4.04
N GLU B 127 27.11 -10.04 -5.32
CA GLU B 127 26.41 -9.06 -6.13
C GLU B 127 24.90 -9.34 -6.19
N THR B 128 24.51 -10.59 -6.44
CA THR B 128 23.06 -10.87 -6.50
C THR B 128 22.42 -10.94 -5.11
N SER B 129 23.22 -11.19 -4.08
CA SER B 129 22.72 -11.14 -2.69
C SER B 129 22.18 -9.76 -2.40
N LEU B 130 22.94 -8.77 -2.84
CA LEU B 130 22.50 -7.39 -2.72
C LEU B 130 21.29 -7.07 -3.60
N ARG B 131 21.35 -7.49 -4.86
CA ARG B 131 20.29 -7.17 -5.82
C ARG B 131 18.93 -7.68 -5.36
N TYR B 132 18.90 -8.94 -4.92
CA TYR B 132 17.64 -9.61 -4.55
C TYR B 132 17.29 -9.54 -3.06
N SER B 133 18.01 -8.72 -2.30
CA SER B 133 17.77 -8.65 -0.86
C SER B 133 17.82 -9.99 -0.16
N LEU B 134 18.87 -10.78 -0.43
CA LEU B 134 19.05 -12.07 0.23
C LEU B 134 19.71 -11.83 1.56
N SER B 135 19.29 -12.59 2.57
CA SER B 135 19.99 -12.60 3.81
C SER B 135 20.94 -13.80 3.77
N LEU B 136 22.18 -13.54 3.35
CA LEU B 136 23.07 -14.62 2.97
C LEU B 136 23.86 -15.17 4.13
N TYR B 137 23.74 -16.49 4.36
CA TYR B 137 24.65 -17.24 5.23
C TYR B 137 25.66 -17.93 4.31
N GLU B 138 26.95 -17.74 4.57
CA GLU B 138 28.00 -18.42 3.83
C GLU B 138 28.80 -19.31 4.78
N SER B 139 29.04 -20.55 4.38
CA SER B 139 29.91 -21.45 5.14
C SER B 139 31.37 -21.01 5.01
N ASP B 140 32.24 -21.56 5.85
CA ASP B 140 33.65 -21.15 5.89
C ASP B 140 34.37 -21.91 4.79
N ARG B 141 34.85 -21.21 3.77
CA ARG B 141 35.50 -21.89 2.64
C ARG B 141 36.79 -22.61 3.00
N ASP B 142 37.40 -22.16 4.10
CA ASP B 142 38.70 -22.70 4.54
C ASP B 142 38.52 -23.74 5.65
N LYS B 143 37.31 -24.32 5.74
CA LYS B 143 37.05 -25.47 6.62
C LYS B 143 36.86 -26.75 5.80
N CYS B 144 37.57 -27.82 6.17
CA CYS B 144 37.43 -29.11 5.52
C CYS B 144 36.22 -29.83 6.10
N GLU B 145 35.14 -29.94 5.30
CA GLU B 145 33.90 -30.57 5.76
C GLU B 145 33.02 -30.92 4.58
N THR B 146 32.11 -31.86 4.78
CA THR B 146 31.21 -32.30 3.71
C THR B 146 30.05 -31.30 3.64
N MET B 147 29.26 -31.37 2.57
CA MET B 147 28.05 -30.53 2.44
C MET B 147 27.11 -30.77 3.63
N ALA B 148 26.83 -32.05 3.90
CA ALA B 148 26.08 -32.46 5.09
C ALA B 148 26.59 -31.79 6.37
N GLU B 149 27.90 -31.82 6.62
CA GLU B 149 28.47 -31.14 7.81
C GLU B 149 28.28 -29.62 7.83
N ALA B 150 28.50 -28.97 6.70
CA ALA B 150 28.28 -27.53 6.55
C ALA B 150 26.83 -27.16 6.87
N PHE B 151 25.89 -27.99 6.40
CA PHE B 151 24.45 -27.78 6.62
C PHE B 151 24.03 -28.08 8.07
N GLU B 152 24.69 -29.01 8.71
CA GLU B 152 24.45 -29.23 10.14
C GLU B 152 24.78 -27.98 10.94
N THR B 153 25.95 -27.39 10.66
CA THR B 153 26.35 -26.14 11.32
C THR B 153 25.32 -25.02 11.01
N PHE B 154 24.92 -24.91 9.75
CA PHE B 154 23.89 -23.95 9.36
C PHE B 154 22.61 -24.08 10.22
N LEU B 155 22.13 -25.31 10.42
CA LEU B 155 20.90 -25.60 11.16
C LEU B 155 21.03 -25.35 12.65
N GLN B 156 22.24 -25.50 13.17
CA GLN B 156 22.55 -25.05 14.54
C GLN B 156 22.43 -23.54 14.69
N VAL B 157 22.89 -22.80 13.68
CA VAL B 157 22.72 -21.32 13.67
C VAL B 157 21.25 -20.92 13.49
N PHE B 158 20.54 -21.59 12.57
CA PHE B 158 19.13 -21.28 12.29
C PHE B 158 18.23 -22.47 12.51
N PRO B 159 17.98 -22.83 13.78
CA PRO B 159 17.23 -24.05 14.07
C PRO B 159 15.76 -23.97 13.72
N GLU B 160 15.27 -22.78 13.39
CA GLU B 160 13.88 -22.62 12.94
C GLU B 160 13.66 -23.16 11.49
N THR B 161 14.77 -23.42 10.79
CA THR B 161 14.73 -23.90 9.40
C THR B 161 14.11 -25.30 9.35
N LYS B 162 13.00 -25.44 8.63
CA LYS B 162 12.34 -26.74 8.47
C LYS B 162 12.51 -27.36 7.07
N ALA B 163 12.78 -26.50 6.10
CA ALA B 163 12.81 -26.86 4.70
C ALA B 163 13.76 -25.93 3.93
N ILE B 164 14.40 -26.48 2.92
CA ILE B 164 15.39 -25.76 2.15
C ILE B 164 15.13 -25.99 0.66
N VAL B 165 15.05 -24.88 -0.08
CA VAL B 165 14.76 -24.88 -1.52
C VAL B 165 16.06 -25.10 -2.29
N ILE B 166 16.02 -25.99 -3.28
CA ILE B 166 17.22 -26.52 -3.97
C ILE B 166 16.93 -26.62 -5.48
N GLY B 167 17.84 -26.13 -6.29
CA GLY B 167 17.70 -26.08 -7.76
C GLY B 167 18.25 -27.29 -8.51
N ILE B 168 18.08 -28.49 -7.95
CA ILE B 168 18.44 -29.72 -8.62
C ILE B 168 17.44 -30.02 -9.74
N ARG B 169 17.93 -30.53 -10.87
CA ARG B 169 17.04 -30.98 -11.96
C ARG B 169 17.27 -32.49 -12.17
N HIS B 170 16.26 -33.18 -12.74
CA HIS B 170 16.28 -34.63 -12.92
C HIS B 170 17.45 -35.16 -13.79
N THR B 171 18.05 -34.30 -14.61
CA THR B 171 19.15 -34.64 -15.51
C THR B 171 20.52 -34.46 -14.82
N ASP B 172 20.51 -33.96 -13.59
CA ASP B 172 21.72 -33.86 -12.79
C ASP B 172 22.10 -35.26 -12.28
N PRO B 173 23.41 -35.50 -12.09
CA PRO B 173 23.87 -36.77 -11.53
C PRO B 173 23.16 -37.02 -10.22
N PHE B 174 22.56 -38.20 -10.10
CA PHE B 174 21.91 -38.62 -8.86
C PHE B 174 20.56 -37.92 -8.66
N GLY B 175 20.15 -37.12 -9.64
CA GLY B 175 18.90 -36.37 -9.53
C GLY B 175 17.70 -37.04 -10.17
N GLU B 176 17.90 -38.20 -10.80
CA GLU B 176 16.94 -38.79 -11.75
C GLU B 176 15.52 -38.95 -11.26
N HIS B 177 15.39 -39.45 -10.05
CA HIS B 177 14.05 -39.74 -9.59
C HIS B 177 13.79 -39.22 -8.16
N LEU B 178 14.31 -38.01 -7.89
CA LEU B 178 14.01 -37.25 -6.68
C LEU B 178 12.58 -36.73 -6.73
N LYS B 179 12.06 -36.26 -5.59
CA LYS B 179 10.70 -35.77 -5.47
C LYS B 179 10.71 -34.28 -5.14
N PRO B 180 9.69 -33.53 -5.59
CA PRO B 180 9.59 -32.11 -5.24
C PRO B 180 9.66 -31.83 -3.75
N ILE B 181 9.19 -32.78 -2.93
CA ILE B 181 9.17 -32.61 -1.49
C ILE B 181 9.62 -33.95 -0.90
N GLN B 182 10.73 -33.95 -0.15
CA GLN B 182 11.21 -35.19 0.49
C GLN B 182 12.20 -34.81 1.59
N LYS B 183 12.18 -35.59 2.67
CA LYS B 183 13.17 -35.43 3.72
C LYS B 183 14.59 -35.76 3.27
N THR B 184 15.56 -35.11 3.88
CA THR B 184 16.96 -35.49 3.70
C THR B 184 17.19 -36.97 4.11
N ASP B 185 18.32 -37.55 3.70
CA ASP B 185 18.68 -38.92 4.14
C ASP B 185 19.24 -38.91 5.56
N ALA B 186 19.42 -40.10 6.17
CA ALA B 186 19.83 -40.23 7.59
C ALA B 186 21.23 -39.67 7.89
N ASN B 187 22.08 -39.64 6.86
CA ASN B 187 23.42 -39.05 7.00
C ASN B 187 23.40 -37.51 7.02
N TRP B 188 22.26 -36.90 6.65
CA TRP B 188 22.17 -35.45 6.61
C TRP B 188 21.51 -34.87 7.85
N PRO B 189 21.69 -33.55 8.08
CA PRO B 189 20.82 -32.89 9.06
C PRO B 189 19.35 -33.08 8.63
N ASP B 190 18.45 -33.06 9.59
CA ASP B 190 17.03 -33.34 9.35
C ASP B 190 16.27 -32.08 8.89
N PHE B 191 15.92 -32.04 7.62
CA PHE B 191 15.01 -30.99 7.09
C PHE B 191 14.35 -31.53 5.85
N TYR B 192 13.30 -30.85 5.39
CA TYR B 192 12.73 -31.14 4.07
C TYR B 192 13.51 -30.50 2.93
N ARG B 193 13.81 -31.32 1.92
CA ARG B 193 14.22 -30.85 0.58
C ARG B 193 13.02 -30.42 -0.28
N LEU B 194 13.07 -29.17 -0.73
CA LEU B 194 12.05 -28.64 -1.60
C LEU B 194 12.69 -28.49 -2.95
N GLN B 195 12.23 -29.27 -3.92
CA GLN B 195 12.95 -29.39 -5.19
C GLN B 195 11.94 -29.16 -6.30
N PRO B 196 11.65 -27.88 -6.57
CA PRO B 196 10.58 -27.51 -7.48
C PRO B 196 11.00 -27.28 -8.94
N LEU B 197 12.25 -27.58 -9.28
CA LEU B 197 12.79 -27.34 -10.60
C LEU B 197 13.12 -28.65 -11.36
N LEU B 198 12.71 -29.80 -10.79
CA LEU B 198 13.21 -31.10 -11.23
C LEU B 198 12.91 -31.41 -12.69
N HIS B 199 11.75 -30.95 -13.18
CA HIS B 199 11.26 -31.25 -14.51
C HIS B 199 11.82 -30.33 -15.61
N TRP B 200 12.62 -29.32 -15.24
CA TRP B 200 13.21 -28.37 -16.21
C TRP B 200 14.41 -28.95 -16.96
N ASN B 201 14.46 -28.75 -18.26
CA ASN B 201 15.62 -29.17 -19.00
C ASN B 201 16.45 -27.93 -19.35
N LEU B 202 17.58 -28.12 -20.01
CA LEU B 202 18.49 -27.03 -20.31
C LEU B 202 17.87 -25.92 -21.15
N ALA B 203 17.12 -26.30 -22.19
CA ALA B 203 16.45 -25.34 -23.05
C ALA B 203 15.51 -24.42 -22.29
N ASN B 204 14.71 -25.00 -21.39
CA ASN B 204 13.81 -24.22 -20.53
C ASN B 204 14.57 -23.21 -19.68
N ILE B 205 15.69 -23.67 -19.11
CA ILE B 205 16.49 -22.84 -18.22
C ILE B 205 16.99 -21.60 -18.97
N TRP B 206 17.70 -21.84 -20.09
CA TRP B 206 18.23 -20.75 -20.95
C TRP B 206 17.12 -19.82 -21.47
N SER B 207 16.03 -20.40 -21.95
CA SER B 207 14.97 -19.59 -22.52
C SER B 207 14.50 -18.53 -21.52
N PHE B 208 14.16 -19.01 -20.32
CA PHE B 208 13.59 -18.18 -19.31
C PHE B 208 14.63 -17.23 -18.72
N LEU B 209 15.86 -17.73 -18.46
CA LEU B 209 16.89 -16.89 -17.88
C LEU B 209 17.27 -15.75 -18.81
N LEU B 210 17.38 -16.03 -20.12
CA LEU B 210 17.71 -14.99 -21.07
C LEU B 210 16.56 -13.97 -21.25
N TYR B 211 15.32 -14.46 -21.32
CA TYR B 211 14.18 -13.58 -21.42
C TYR B 211 14.09 -12.63 -20.20
N SER B 212 14.50 -13.12 -19.04
CA SER B 212 14.34 -12.37 -17.79
C SER B 212 15.08 -11.03 -17.74
N ASN B 213 16.18 -10.94 -18.49
CA ASN B 213 17.03 -9.73 -18.51
C ASN B 213 17.67 -9.45 -17.15
N GLU B 214 17.80 -10.51 -16.37
CA GLU B 214 18.51 -10.45 -15.11
C GLU B 214 20.00 -10.70 -15.38
N PRO B 215 20.91 -10.12 -14.57
CA PRO B 215 22.34 -10.44 -14.78
C PRO B 215 22.61 -11.91 -14.45
N ILE B 216 23.37 -12.58 -15.30
CA ILE B 216 23.75 -13.97 -15.01
C ILE B 216 25.24 -14.09 -14.84
N CYS B 217 25.67 -15.17 -14.20
CA CYS B 217 27.09 -15.39 -14.03
C CYS B 217 27.82 -15.32 -15.37
N GLU B 218 28.77 -14.41 -15.42
CA GLU B 218 29.54 -14.12 -16.63
C GLU B 218 30.31 -15.31 -17.22
N LEU B 219 30.61 -16.33 -16.42
CA LEU B 219 31.26 -17.57 -16.93
C LEU B 219 30.48 -18.22 -18.10
N TYR B 220 29.16 -18.09 -18.08
CA TYR B 220 28.36 -18.71 -19.14
C TYR B 220 28.60 -18.05 -20.46
N ARG B 221 28.79 -16.73 -20.41
CA ARG B 221 29.10 -15.94 -21.59
C ARG B 221 30.39 -16.39 -22.28
N TYR B 222 31.32 -16.98 -21.52
CA TYR B 222 32.60 -17.40 -22.06
C TYR B 222 32.62 -18.89 -22.39
N GLY B 223 31.45 -19.54 -22.36
CA GLY B 223 31.31 -20.91 -22.87
C GLY B 223 31.24 -22.05 -21.88
N PHE B 224 31.22 -21.73 -20.60
CA PHE B 224 30.92 -22.67 -19.53
C PHE B 224 29.44 -23.01 -19.57
N THR B 225 29.09 -24.29 -19.34
CA THR B 225 27.69 -24.71 -19.26
C THR B 225 27.43 -25.33 -17.89
N SER B 226 28.49 -25.82 -17.26
CA SER B 226 28.40 -26.37 -15.91
C SER B 226 29.48 -25.74 -15.03
N LEU B 227 29.12 -25.29 -13.84
CA LEU B 227 30.10 -24.65 -13.00
C LEU B 227 30.46 -25.61 -11.90
N GLY B 228 31.48 -26.43 -12.14
CA GLY B 228 32.04 -27.22 -11.07
C GLY B 228 33.12 -26.40 -10.38
N ASN B 229 34.11 -27.07 -9.82
CA ASN B 229 35.18 -26.31 -9.19
C ASN B 229 36.15 -25.76 -10.25
N VAL B 230 37.00 -24.81 -9.85
CA VAL B 230 37.91 -24.10 -10.78
C VAL B 230 39.01 -25.00 -11.31
N GLU B 231 39.37 -26.04 -10.56
CA GLU B 231 40.36 -27.01 -11.04
C GLU B 231 39.83 -27.91 -12.16
N GLU B 232 38.60 -28.41 -11.99
CA GLU B 232 38.03 -29.44 -12.88
C GLU B 232 37.31 -28.88 -14.09
N THR B 233 36.85 -27.62 -14.02
CA THR B 233 35.83 -27.12 -14.95
C THR B 233 36.42 -26.37 -16.13
N LEU B 234 36.08 -26.80 -17.33
CA LEU B 234 36.46 -26.07 -18.55
C LEU B 234 35.24 -25.59 -19.33
N PRO B 235 35.42 -24.58 -20.20
CA PRO B 235 34.32 -24.28 -21.12
C PRO B 235 33.94 -25.55 -21.86
N ASN B 236 32.69 -25.66 -22.30
CA ASN B 236 32.21 -26.93 -22.87
C ASN B 236 32.83 -27.16 -24.25
N PRO B 237 33.54 -28.29 -24.43
CA PRO B 237 34.23 -28.57 -25.70
C PRO B 237 33.28 -28.65 -26.90
N HIS B 238 31.99 -28.91 -26.67
CA HIS B 238 31.00 -28.94 -27.76
C HIS B 238 30.66 -27.56 -28.28
N LEU B 239 31.06 -26.55 -27.51
CA LEU B 239 30.81 -25.16 -27.85
C LEU B 239 32.07 -24.49 -28.42
N ARG B 240 33.10 -25.29 -28.66
CA ARG B 240 34.38 -24.76 -29.13
C ARG B 240 34.19 -24.26 -30.55
N LYS B 241 34.64 -23.04 -30.82
CA LYS B 241 34.61 -22.51 -32.16
C LYS B 241 35.74 -23.10 -33.01
N ASP B 242 35.38 -23.53 -34.21
CA ASP B 242 36.37 -24.04 -35.16
C ASP B 242 35.73 -24.01 -36.54
N LYS B 243 36.47 -23.51 -37.52
CA LYS B 243 36.01 -23.41 -38.91
C LYS B 243 35.61 -24.76 -39.54
N ASN B 244 36.03 -25.86 -38.92
CA ASN B 244 35.72 -27.22 -39.38
C ASN B 244 34.48 -27.85 -38.72
N SER B 245 33.92 -27.16 -37.72
CA SER B 245 32.61 -27.47 -37.19
C SER B 245 31.61 -26.49 -37.80
N THR B 246 30.46 -27.00 -38.21
CA THR B 246 29.36 -26.16 -38.69
C THR B 246 28.96 -25.20 -37.55
N PRO B 247 28.79 -23.90 -37.87
CA PRO B 247 28.28 -22.91 -36.90
C PRO B 247 27.06 -23.45 -36.18
N LEU B 248 26.98 -23.18 -34.88
CA LEU B 248 25.89 -23.64 -34.03
C LEU B 248 24.67 -22.71 -34.13
N LYS B 249 23.47 -23.29 -33.97
CA LYS B 249 22.23 -22.50 -34.00
C LYS B 249 21.94 -21.94 -32.61
N LEU B 250 21.54 -20.68 -32.56
CA LEU B 250 21.03 -20.09 -31.34
C LEU B 250 19.54 -20.38 -31.30
N ASN B 251 19.07 -20.94 -30.17
CA ASN B 251 17.65 -21.23 -29.99
C ASN B 251 16.85 -20.13 -29.35
N PHE B 252 17.54 -19.07 -28.92
CA PHE B 252 16.91 -18.09 -28.05
C PHE B 252 17.07 -16.67 -28.56
N GLU B 253 17.09 -16.48 -29.87
CA GLU B 253 17.25 -15.10 -30.32
C GLU B 253 16.02 -14.26 -29.97
N TRP B 254 14.83 -14.85 -30.02
CA TRP B 254 13.61 -14.10 -29.71
C TRP B 254 13.61 -13.63 -28.24
N GLU B 255 13.96 -14.52 -27.32
CA GLU B 255 14.07 -14.20 -25.90
C GLU B 255 15.04 -13.05 -25.64
N ILE B 256 16.23 -13.15 -26.23
CA ILE B 256 17.22 -12.08 -26.12
C ILE B 256 16.74 -10.74 -26.69
N GLU B 257 16.23 -10.76 -27.91
CA GLU B 257 15.79 -9.54 -28.58
C GLU B 257 14.56 -8.92 -27.93
N ASN B 258 13.76 -9.75 -27.26
CA ASN B 258 12.54 -9.28 -26.65
C ASN B 258 12.57 -9.44 -25.15
N ARG B 259 13.78 -9.39 -24.59
CA ARG B 259 13.96 -9.65 -23.17
C ARG B 259 13.24 -8.62 -22.31
N TYR B 260 12.84 -9.03 -21.11
CA TYR B 260 11.99 -8.20 -20.26
C TYR B 260 12.60 -6.84 -19.97
N LYS B 261 11.83 -5.80 -20.29
CA LYS B 261 12.30 -4.42 -20.14
C LYS B 261 12.23 -3.92 -18.70
N HIS B 262 13.29 -3.27 -18.27
CA HIS B 262 13.42 -2.75 -16.91
C HIS B 262 13.29 -1.21 -16.87
N ASN B 263 13.10 -0.65 -15.68
CA ASN B 263 13.10 0.80 -15.49
C ASN B 263 14.21 1.26 -14.55
N GLU B 264 14.04 2.41 -13.90
CA GLU B 264 15.08 3.01 -13.05
C GLU B 264 15.22 2.29 -11.71
N VAL B 265 14.10 1.78 -11.20
CA VAL B 265 14.03 0.98 -9.97
C VAL B 265 14.69 -0.42 -10.19
N THR B 266 14.50 -0.99 -11.39
CA THR B 266 14.78 -2.41 -11.64
C THR B 266 15.97 -2.75 -12.53
N LYS B 267 16.54 -1.76 -13.24
CA LYS B 267 17.62 -2.04 -14.18
C LYS B 267 18.83 -2.66 -13.45
N ALA B 268 19.61 -3.43 -14.18
CA ALA B 268 20.78 -4.13 -13.65
C ALA B 268 21.96 -3.89 -14.56
N GLU B 269 23.14 -3.80 -13.96
CA GLU B 269 24.35 -3.59 -14.74
C GLU B 269 25.12 -4.89 -14.96
N PRO B 270 25.71 -5.07 -16.15
CA PRO B 270 26.44 -6.31 -16.37
C PRO B 270 27.81 -6.23 -15.70
N ILE B 271 28.27 -7.39 -15.22
CA ILE B 271 29.52 -7.53 -14.47
C ILE B 271 30.56 -8.24 -15.35
N PRO B 272 31.82 -7.74 -15.35
CA PRO B 272 32.77 -8.57 -16.09
C PRO B 272 33.18 -9.79 -15.26
N ILE B 273 33.72 -10.78 -15.97
CA ILE B 273 34.31 -11.95 -15.37
C ILE B 273 35.46 -11.48 -14.46
N ALA B 274 35.66 -12.16 -13.33
CA ALA B 274 36.85 -11.93 -12.48
C ALA B 274 38.12 -11.98 -13.33
N ASP B 275 39.06 -11.10 -13.05
CA ASP B 275 40.35 -11.07 -13.75
C ASP B 275 41.08 -12.42 -13.80
N GLU B 276 41.10 -13.13 -12.68
CA GLU B 276 41.80 -14.41 -12.66
C GLU B 276 41.13 -15.47 -13.53
N ASP B 277 39.81 -15.33 -13.75
CA ASP B 277 39.11 -16.22 -14.67
C ASP B 277 39.27 -15.86 -16.15
N LEU B 278 39.43 -14.58 -16.47
CA LEU B 278 39.81 -14.19 -17.83
C LEU B 278 41.18 -14.79 -18.24
N VAL B 279 42.17 -14.69 -17.34
CA VAL B 279 43.48 -15.29 -17.60
C VAL B 279 43.32 -16.76 -17.89
N LYS B 280 42.54 -17.46 -17.07
CA LYS B 280 42.28 -18.87 -17.28
C LYS B 280 41.74 -19.12 -18.70
N ILE B 281 40.71 -18.35 -19.10
CA ILE B 281 40.07 -18.49 -20.42
C ILE B 281 41.04 -18.14 -21.56
N GLU B 282 41.71 -17.00 -21.48
CA GLU B 282 42.73 -16.61 -22.48
C GLU B 282 43.79 -17.69 -22.70
N ASN B 283 44.31 -18.25 -21.60
CA ASN B 283 45.28 -19.35 -21.63
C ASN B 283 44.90 -20.55 -22.49
N LEU B 284 43.59 -20.75 -22.72
CA LEU B 284 43.11 -21.89 -23.51
C LEU B 284 43.46 -21.82 -25.01
N HIS B 285 43.68 -20.60 -25.50
CA HIS B 285 43.92 -20.35 -26.93
C HIS B 285 42.85 -20.98 -27.83
N GLU B 286 41.59 -20.83 -27.41
CA GLU B 286 40.40 -21.33 -28.12
C GLU B 286 39.24 -20.42 -27.76
N ASP B 287 38.32 -20.22 -28.69
CA ASP B 287 37.13 -19.44 -28.40
C ASP B 287 35.91 -20.35 -28.33
N TYR B 288 34.90 -19.92 -27.56
CA TYR B 288 33.64 -20.66 -27.35
C TYR B 288 32.42 -19.80 -27.55
N TYR B 289 31.38 -20.43 -28.11
CA TYR B 289 30.01 -19.96 -28.00
C TYR B 289 29.60 -19.89 -26.54
N PRO B 290 28.76 -18.89 -26.19
CA PRO B 290 28.28 -18.87 -24.81
C PRO B 290 27.42 -20.13 -24.49
N GLY B 291 27.27 -20.40 -23.19
CA GLY B 291 26.63 -21.59 -22.65
C GLY B 291 25.26 -21.88 -23.21
N TRP B 292 24.53 -20.83 -23.56
CA TRP B 292 23.15 -20.99 -24.09
C TRP B 292 23.08 -21.52 -25.51
N TYR B 293 24.24 -21.78 -26.12
CA TYR B 293 24.27 -22.52 -27.37
C TYR B 293 24.20 -24.03 -27.15
N LEU B 294 24.20 -24.47 -25.88
CA LEU B 294 24.03 -25.92 -25.55
C LEU B 294 22.66 -26.15 -24.96
N VAL B 295 21.91 -27.08 -25.58
CA VAL B 295 20.59 -27.45 -25.02
C VAL B 295 20.46 -28.95 -24.72
N ASP B 296 21.52 -29.70 -24.97
CA ASP B 296 21.56 -31.14 -24.71
C ASP B 296 22.03 -31.39 -23.29
N ASP B 297 21.10 -31.69 -22.40
CA ASP B 297 21.40 -31.98 -20.98
C ASP B 297 22.51 -33.01 -20.78
N LYS B 298 22.59 -33.98 -21.70
CA LYS B 298 23.58 -35.05 -21.57
C LYS B 298 25.02 -34.55 -21.70
N LEU B 299 25.23 -33.39 -22.32
CA LEU B 299 26.57 -32.85 -22.58
C LEU B 299 26.95 -31.68 -21.63
N GLU B 300 26.08 -31.42 -20.66
CA GLU B 300 26.17 -30.24 -19.83
C GLU B 300 27.47 -30.18 -19.04
N ARG B 301 27.96 -31.35 -18.63
CA ARG B 301 29.16 -31.44 -17.80
C ARG B 301 30.36 -32.01 -18.58
N ALA B 302 30.28 -31.96 -19.92
CA ALA B 302 31.38 -32.41 -20.82
C ALA B 302 32.71 -31.65 -20.66
N GLY B 303 32.63 -30.42 -20.17
CA GLY B 303 33.82 -29.63 -20.01
C GLY B 303 34.45 -29.86 -18.67
N ARG B 304 35.23 -30.97 -18.54
CA ARG B 304 36.00 -31.34 -17.30
C ARG B 304 37.36 -32.04 -17.43
N ILE B 305 38.32 -31.61 -16.60
CA ILE B 305 39.64 -32.24 -16.52
C ILE B 305 39.55 -33.74 -16.25
N LYS B 306 40.28 -34.52 -17.05
CA LYS B 306 40.23 -35.96 -16.91
C LYS B 306 40.92 -36.44 -15.64
N LYS B 307 40.19 -37.21 -14.82
CA LYS B 307 40.77 -37.88 -13.66
C LYS B 307 40.72 -39.41 -13.88
N LYS B 308 41.62 -40.15 -13.22
CA LYS B 308 41.70 -41.61 -13.36
C LYS B 308 40.70 -42.28 -12.42
N VAL C 4 -76.59 28.30 6.10
CA VAL C 4 -75.98 29.05 4.96
C VAL C 4 -75.49 30.40 5.48
N MET C 5 -74.23 30.72 5.19
CA MET C 5 -73.69 32.06 5.45
C MET C 5 -73.23 32.66 4.12
N ARG C 6 -73.36 33.97 3.96
CA ARG C 6 -72.77 34.62 2.78
C ARG C 6 -71.24 34.64 2.89
N LEU C 7 -70.54 34.57 1.77
CA LEU C 7 -69.07 34.33 1.80
C LEU C 7 -68.32 35.37 2.62
N GLY C 8 -68.68 36.64 2.44
CA GLY C 8 -68.12 37.72 3.24
C GLY C 8 -68.32 37.54 4.74
N ASP C 9 -69.53 37.15 5.14
CA ASP C 9 -69.84 36.89 6.56
C ASP C 9 -69.05 35.69 7.09
N ALA C 10 -68.97 34.65 6.28
CA ALA C 10 -68.16 33.47 6.61
C ALA C 10 -66.68 33.83 6.72
N ALA C 11 -66.18 34.66 5.80
CA ALA C 11 -64.77 35.06 5.84
C ALA C 11 -64.47 35.88 7.09
N GLU C 12 -65.36 36.82 7.40
CA GLU C 12 -65.23 37.64 8.61
C GLU C 12 -65.26 36.78 9.88
N LEU C 13 -66.24 35.86 9.99
CA LEU C 13 -66.26 34.88 11.09
C LEU C 13 -64.92 34.17 11.25
N CYS C 14 -64.35 33.68 10.14
CA CYS C 14 -63.08 32.95 10.20
C CYS C 14 -61.93 33.85 10.65
N TYR C 15 -61.93 35.06 10.14
CA TYR C 15 -60.97 36.07 10.55
C TYR C 15 -61.04 36.37 12.07
N ASN C 16 -62.26 36.52 12.58
CA ASN C 16 -62.47 36.75 14.00
C ASN C 16 -62.11 35.58 14.91
N LEU C 17 -62.54 34.37 14.56
CA LEU C 17 -62.18 33.19 15.38
C LEU C 17 -60.65 32.92 15.33
N THR C 18 -60.04 33.15 14.17
CA THR C 18 -58.61 32.97 14.04
C THR C 18 -57.86 34.02 14.88
N SER C 19 -58.34 35.27 14.86
CA SER C 19 -57.73 36.33 15.65
C SER C 19 -57.90 36.07 17.14
N SER C 20 -59.07 35.60 17.50
CA SER C 20 -59.38 35.21 18.86
C SER C 20 -58.46 34.07 19.32
N TYR C 21 -58.26 33.06 18.48
CA TYR C 21 -57.29 32.01 18.78
C TYR C 21 -55.89 32.61 19.01
N LEU C 22 -55.45 33.50 18.12
CA LEU C 22 -54.12 34.08 18.20
C LEU C 22 -53.88 34.93 19.45
N GLN C 23 -54.96 35.42 20.05
CA GLN C 23 -54.89 36.21 21.27
C GLN C 23 -54.92 35.38 22.55
N ILE C 24 -55.16 34.06 22.48
CA ILE C 24 -55.12 33.23 23.71
C ILE C 24 -53.74 33.36 24.38
N ALA C 25 -53.73 33.55 25.70
CA ALA C 25 -52.48 33.64 26.45
C ALA C 25 -52.02 32.23 26.79
N ALA C 26 -51.07 31.70 26.04
CA ALA C 26 -50.68 30.32 26.17
C ALA C 26 -49.21 30.24 26.56
N GLU C 27 -48.86 29.28 27.42
CA GLU C 27 -47.46 29.07 27.84
C GLU C 27 -46.64 28.60 26.66
N SER C 28 -45.32 28.87 26.68
CA SER C 28 -44.47 28.61 25.52
C SER C 28 -44.34 27.12 25.15
N ASP C 29 -44.43 26.23 26.15
CA ASP C 29 -44.45 24.78 25.91
C ASP C 29 -45.84 24.16 25.63
N SER C 30 -46.82 24.97 25.28
CA SER C 30 -48.16 24.45 25.09
C SER C 30 -48.51 24.12 23.61
N ILE C 31 -49.48 23.23 23.44
CA ILE C 31 -50.06 22.96 22.12
C ILE C 31 -50.66 24.24 21.52
N ILE C 32 -51.39 25.01 22.33
CA ILE C 32 -52.00 26.24 21.81
C ILE C 32 -50.92 27.19 21.24
N ALA C 33 -49.83 27.40 22.00
CA ALA C 33 -48.73 28.27 21.52
C ALA C 33 -48.12 27.74 20.22
N GLN C 34 -47.92 26.43 20.16
CA GLN C 34 -47.42 25.78 18.94
C GLN C 34 -48.36 26.00 17.77
N THR C 35 -49.67 25.91 18.04
CA THR C 35 -50.68 26.11 17.01
C THR C 35 -50.71 27.54 16.49
N GLN C 36 -50.58 28.52 17.40
CA GLN C 36 -50.51 29.95 17.03
C GLN C 36 -49.35 30.19 16.08
N ARG C 37 -48.18 29.59 16.37
CA ARG C 37 -47.05 29.68 15.46
C ARG C 37 -47.38 29.05 14.11
N ALA C 38 -48.06 27.90 14.13
CA ALA C 38 -48.53 27.24 12.89
C ALA C 38 -49.47 28.12 12.04
N ILE C 39 -50.46 28.71 12.70
CA ILE C 39 -51.36 29.69 12.07
C ILE C 39 -50.57 30.83 11.39
N ASN C 40 -49.63 31.44 12.11
CA ASN C 40 -48.90 32.58 11.55
C ASN C 40 -48.07 32.25 10.30
N THR C 41 -47.45 31.09 10.29
CA THR C 41 -46.71 30.63 9.10
C THR C 41 -47.67 30.36 7.92
N THR C 42 -48.82 29.72 8.18
CA THR C 42 -49.86 29.52 7.16
C THR C 42 -50.36 30.84 6.56
N LYS C 43 -50.62 31.82 7.42
CA LYS C 43 -51.12 33.14 7.01
C LYS C 43 -50.08 33.83 6.14
N SER C 44 -48.84 33.74 6.59
CA SER C 44 -47.73 34.32 5.85
C SER C 44 -47.59 33.70 4.44
N ILE C 45 -47.66 32.37 4.37
CA ILE C 45 -47.64 31.64 3.09
C ILE C 45 -48.78 32.10 2.18
N LEU C 46 -50.00 32.20 2.72
CA LEU C 46 -51.15 32.74 1.95
C LEU C 46 -51.02 34.23 1.62
N ILE C 47 -50.90 35.07 2.65
CA ILE C 47 -50.95 36.52 2.44
C ILE C 47 -49.73 37.04 1.71
N ASN C 48 -48.55 36.57 2.10
CA ASN C 48 -47.29 37.07 1.54
C ASN C 48 -46.76 36.40 0.28
N GLU C 49 -46.97 35.09 0.16
CA GLU C 49 -46.35 34.33 -0.93
C GLU C 49 -47.32 33.84 -2.01
N THR C 50 -48.60 33.68 -1.64
CA THR C 50 -49.60 33.15 -2.58
C THR C 50 -50.47 34.20 -3.28
N PHE C 51 -51.25 34.97 -2.52
CA PHE C 51 -52.17 35.97 -3.11
C PHE C 51 -51.50 36.99 -4.07
N PRO C 52 -50.29 37.46 -3.75
CA PRO C 52 -49.62 38.35 -4.74
C PRO C 52 -49.33 37.71 -6.12
N LYS C 53 -49.22 36.37 -6.17
CA LYS C 53 -48.88 35.68 -7.42
C LYS C 53 -50.13 35.22 -8.17
N TRP C 54 -51.09 34.64 -7.44
CA TRP C 54 -52.34 34.17 -8.04
C TRP C 54 -53.55 34.82 -7.36
N SER C 55 -54.50 35.29 -8.18
CA SER C 55 -55.73 35.91 -7.69
C SER C 55 -56.68 34.89 -7.06
N PRO C 56 -57.04 35.09 -5.78
CA PRO C 56 -58.07 34.27 -5.15
C PRO C 56 -59.49 34.65 -5.60
N LEU C 57 -59.60 35.65 -6.47
CA LEU C 57 -60.90 36.20 -6.86
C LEU C 57 -61.45 35.85 -8.26
N ASN C 58 -60.57 35.52 -9.20
CA ASN C 58 -60.99 35.35 -10.59
C ASN C 58 -60.88 33.91 -11.10
N GLY C 59 -60.78 32.97 -10.17
CA GLY C 59 -60.73 31.56 -10.51
C GLY C 59 -59.32 31.03 -10.75
N GLU C 60 -58.30 31.90 -10.70
CA GLU C 60 -56.90 31.45 -10.79
C GLU C 60 -56.54 30.42 -9.71
N ILE C 61 -57.15 30.57 -8.52
CA ILE C 61 -57.02 29.61 -7.44
C ILE C 61 -58.35 28.88 -7.20
N SER C 62 -58.28 27.55 -7.16
CA SER C 62 -59.39 26.72 -6.68
CA SER C 62 -59.40 26.77 -6.63
C SER C 62 -59.00 26.03 -5.37
N PHE C 63 -59.97 25.75 -4.50
CA PHE C 63 -59.68 25.14 -3.19
C PHE C 63 -60.07 23.66 -3.22
N SER C 64 -59.12 22.77 -2.97
CA SER C 64 -59.43 21.35 -3.02
C SER C 64 -60.01 20.90 -1.67
N TYR C 65 -61.26 20.45 -1.68
CA TYR C 65 -62.00 20.23 -0.46
C TYR C 65 -62.66 18.86 -0.47
N ASN C 66 -62.40 18.05 0.56
CA ASN C 66 -63.17 16.80 0.74
C ASN C 66 -63.72 16.60 2.12
N GLY C 67 -63.91 17.69 2.86
CA GLY C 67 -64.60 17.61 4.13
C GLY C 67 -63.85 17.05 5.33
N GLY C 68 -62.61 16.56 5.15
CA GLY C 68 -61.79 16.09 6.28
C GLY C 68 -61.28 17.20 7.18
N LYS C 69 -60.73 16.84 8.33
CA LYS C 69 -60.32 17.80 9.36
C LYS C 69 -59.26 18.77 8.86
N ASP C 70 -58.34 18.27 8.02
CA ASP C 70 -57.22 19.06 7.52
C ASP C 70 -57.62 20.13 6.49
N CYS C 71 -58.38 19.78 5.46
CA CYS C 71 -58.84 20.82 4.53
C CYS C 71 -59.84 21.76 5.22
N GLN C 72 -60.60 21.27 6.21
CA GLN C 72 -61.51 22.19 6.93
C GLN C 72 -60.74 23.26 7.72
N VAL C 73 -59.74 22.86 8.49
CA VAL C 73 -58.88 23.85 9.15
C VAL C 73 -58.29 24.82 8.12
N LEU C 74 -57.77 24.27 7.01
CA LEU C 74 -57.14 25.11 6.00
C LEU C 74 -58.15 26.08 5.38
N LEU C 75 -59.39 25.61 5.19
CA LEU C 75 -60.48 26.45 4.71
C LEU C 75 -60.80 27.65 5.64
N LEU C 76 -60.89 27.41 6.95
CA LEU C 76 -61.12 28.48 7.89
C LEU C 76 -59.95 29.47 7.84
N LEU C 77 -58.73 28.95 7.67
CA LEU C 77 -57.55 29.79 7.62
C LEU C 77 -57.53 30.58 6.30
N TYR C 78 -57.93 29.92 5.21
CA TYR C 78 -57.96 30.54 3.90
C TYR C 78 -58.99 31.68 3.88
N LEU C 79 -60.18 31.40 4.41
CA LEU C 79 -61.25 32.39 4.47
C LEU C 79 -60.84 33.56 5.35
N SER C 80 -60.21 33.26 6.47
CA SER C 80 -59.65 34.30 7.31
C SER C 80 -58.66 35.18 6.56
N CYS C 81 -57.75 34.56 5.80
CA CYS C 81 -56.76 35.30 5.00
C CYS C 81 -57.40 36.13 3.88
N LEU C 82 -58.50 35.65 3.30
CA LEU C 82 -59.24 36.42 2.31
C LEU C 82 -59.79 37.70 2.93
N TRP C 83 -60.38 37.59 4.12
CA TRP C 83 -60.87 38.75 4.84
C TRP C 83 -59.73 39.73 5.12
N GLU C 84 -58.66 39.21 5.74
CA GLU C 84 -57.51 40.03 6.10
C GLU C 84 -56.91 40.77 4.89
N TYR C 85 -56.72 40.04 3.81
CA TYR C 85 -56.19 40.58 2.55
C TYR C 85 -57.06 41.67 1.92
N TYR C 86 -58.37 41.44 1.89
CA TYR C 86 -59.27 42.41 1.24
C TYR C 86 -59.87 43.47 2.16
N ILE C 87 -60.18 43.07 3.38
CA ILE C 87 -60.69 43.95 4.44
C ILE C 87 -59.71 43.87 5.60
N PHE C 102 -66.76 43.05 0.35
CA PHE C 102 -66.09 41.77 0.08
C PHE C 102 -66.26 41.36 -1.39
N PRO C 103 -65.12 41.29 -2.13
CA PRO C 103 -65.11 41.14 -3.60
C PRO C 103 -65.32 39.72 -4.18
N LEU C 104 -65.76 38.78 -3.35
CA LEU C 104 -66.11 37.44 -3.85
C LEU C 104 -67.45 37.01 -3.29
N THR C 105 -68.27 36.33 -4.08
CA THR C 105 -69.53 35.83 -3.47
C THR C 105 -69.64 34.31 -3.32
N LYS C 106 -68.80 33.58 -4.04
CA LYS C 106 -68.65 32.11 -3.85
C LYS C 106 -67.17 31.78 -4.02
N LEU C 107 -66.70 30.81 -3.22
CA LEU C 107 -65.31 30.33 -3.28
C LEU C 107 -65.19 29.13 -4.21
N PRO C 108 -64.45 29.29 -5.32
CA PRO C 108 -64.28 28.16 -6.26
C PRO C 108 -63.61 26.95 -5.59
N THR C 109 -64.31 25.81 -5.66
CA THR C 109 -63.98 24.63 -4.84
C THR C 109 -64.07 23.40 -5.73
N VAL C 110 -63.14 22.46 -5.52
CA VAL C 110 -63.10 21.19 -6.30
C VAL C 110 -63.10 19.97 -5.36
N PHE C 111 -64.03 19.04 -5.60
CA PHE C 111 -64.10 17.80 -4.84
C PHE C 111 -64.12 16.68 -5.88
N ILE C 112 -63.17 15.76 -5.78
CA ILE C 112 -63.16 14.56 -6.61
C ILE C 112 -63.90 13.44 -5.85
N ASP C 113 -65.06 13.07 -6.36
CA ASP C 113 -65.91 12.12 -5.69
C ASP C 113 -65.49 10.71 -6.09
N HIS C 114 -65.75 9.74 -5.22
CA HIS C 114 -65.43 8.32 -5.45
C HIS C 114 -66.55 7.45 -4.93
N ASP C 115 -66.71 6.28 -5.55
CA ASP C 115 -67.81 5.37 -5.25
C ASP C 115 -67.71 4.72 -3.88
N ASP C 116 -66.55 4.86 -3.25
CA ASP C 116 -66.33 4.29 -1.92
C ASP C 116 -66.09 5.35 -0.84
N THR C 117 -66.51 6.57 -1.11
CA THR C 117 -66.46 7.67 -0.14
C THR C 117 -67.52 7.46 0.94
N PHE C 118 -67.19 7.69 2.21
CA PHE C 118 -68.18 7.58 3.28
C PHE C 118 -69.37 8.48 2.99
N LYS C 119 -70.57 7.95 3.24
CA LYS C 119 -71.81 8.71 3.11
C LYS C 119 -71.85 9.92 4.04
N THR C 120 -71.35 9.73 5.27
CA THR C 120 -71.24 10.86 6.20
C THR C 120 -70.40 12.03 5.62
N LEU C 121 -69.28 11.71 4.95
CA LEU C 121 -68.46 12.72 4.29
C LEU C 121 -69.16 13.39 3.12
N GLU C 122 -69.81 12.61 2.27
CA GLU C 122 -70.64 13.17 1.20
C GLU C 122 -71.61 14.20 1.77
N ASN C 123 -72.38 13.80 2.77
CA ASN C 123 -73.34 14.72 3.44
C ASN C 123 -72.63 15.96 4.00
N PHE C 124 -71.45 15.74 4.60
CA PHE C 124 -70.74 16.85 5.23
C PHE C 124 -70.26 17.85 4.17
N ILE C 125 -69.67 17.34 3.08
CA ILE C 125 -69.20 18.19 1.96
C ILE C 125 -70.34 19.04 1.41
N GLU C 126 -71.47 18.38 1.15
CA GLU C 126 -72.63 19.07 0.60
C GLU C 126 -73.13 20.16 1.56
N GLU C 127 -73.28 19.83 2.84
CA GLU C 127 -73.79 20.80 3.82
C GLU C 127 -72.82 21.95 4.10
N THR C 128 -71.53 21.65 4.25
CA THR C 128 -70.54 22.71 4.46
C THR C 128 -70.35 23.58 3.21
N SER C 129 -70.56 23.03 2.01
CA SER C 129 -70.52 23.81 0.77
CA SER C 129 -70.47 23.86 0.81
C SER C 129 -71.56 24.92 0.87
N LEU C 130 -72.73 24.57 1.39
CA LEU C 130 -73.79 25.56 1.64
C LEU C 130 -73.37 26.54 2.73
N ARG C 131 -72.89 26.00 3.86
CA ARG C 131 -72.49 26.85 4.98
C ARG C 131 -71.43 27.90 4.63
N TYR C 132 -70.36 27.49 3.93
CA TYR C 132 -69.24 28.41 3.64
C TYR C 132 -69.35 29.13 2.29
N SER C 133 -70.48 29.01 1.59
CA SER C 133 -70.63 29.63 0.27
C SER C 133 -69.54 29.18 -0.73
N LEU C 134 -69.34 27.86 -0.82
CA LEU C 134 -68.43 27.29 -1.81
C LEU C 134 -69.12 27.17 -3.16
N SER C 135 -68.35 27.33 -4.22
CA SER C 135 -68.83 27.01 -5.55
C SER C 135 -68.22 25.67 -5.90
N LEU C 136 -68.95 24.60 -5.58
CA LEU C 136 -68.43 23.24 -5.60
C LEU C 136 -68.47 22.64 -6.99
N TYR C 137 -67.30 22.28 -7.51
CA TYR C 137 -67.23 21.39 -8.65
C TYR C 137 -67.08 19.99 -8.05
N GLU C 138 -67.86 19.05 -8.58
CA GLU C 138 -67.80 17.65 -8.19
C GLU C 138 -67.54 16.82 -9.42
N SER C 139 -66.56 15.93 -9.33
CA SER C 139 -66.40 14.95 -10.39
C SER C 139 -67.47 13.86 -10.22
N ASP C 140 -67.64 13.03 -11.25
CA ASP C 140 -68.61 11.95 -11.21
C ASP C 140 -68.02 10.77 -10.44
N ARG C 141 -68.68 10.41 -9.33
CA ARG C 141 -68.18 9.32 -8.52
C ARG C 141 -68.26 7.96 -9.22
N ASP C 142 -69.13 7.86 -10.22
CA ASP C 142 -69.36 6.60 -10.93
C ASP C 142 -68.57 6.54 -12.20
N LYS C 143 -67.67 7.51 -12.38
CA LYS C 143 -66.64 7.44 -13.40
C LYS C 143 -65.38 6.84 -12.79
N CYS C 144 -64.85 5.82 -13.46
CA CYS C 144 -63.66 5.11 -13.01
C CYS C 144 -62.41 5.76 -13.61
N GLU C 145 -61.68 6.54 -12.81
CA GLU C 145 -60.56 7.36 -13.32
C GLU C 145 -59.62 7.70 -12.18
N THR C 146 -58.38 8.05 -12.50
CA THR C 146 -57.41 8.45 -11.48
C THR C 146 -57.71 9.89 -11.03
N MET C 147 -57.10 10.28 -9.91
CA MET C 147 -57.19 11.66 -9.41
C MET C 147 -56.63 12.61 -10.45
N ALA C 148 -55.47 12.26 -11.02
CA ALA C 148 -54.88 13.04 -12.11
C ALA C 148 -55.84 13.26 -13.29
N GLU C 149 -56.52 12.20 -13.72
CA GLU C 149 -57.52 12.28 -14.80
C GLU C 149 -58.73 13.14 -14.44
N ALA C 150 -59.18 13.00 -13.19
CA ALA C 150 -60.31 13.76 -12.73
C ALA C 150 -59.94 15.24 -12.73
N PHE C 151 -58.71 15.57 -12.30
CA PHE C 151 -58.26 16.98 -12.34
C PHE C 151 -58.03 17.52 -13.72
N GLU C 152 -57.67 16.65 -14.67
CA GLU C 152 -57.53 17.08 -16.05
C GLU C 152 -58.88 17.53 -16.64
N THR C 153 -59.94 16.78 -16.39
CA THR C 153 -61.29 17.19 -16.79
C THR C 153 -61.70 18.50 -16.12
N PHE C 154 -61.39 18.63 -14.82
CA PHE C 154 -61.66 19.87 -14.08
C PHE C 154 -60.98 21.09 -14.75
N LEU C 155 -59.71 20.95 -15.13
CA LEU C 155 -58.96 22.03 -15.80
C LEU C 155 -59.45 22.39 -17.21
N GLN C 156 -60.02 21.40 -17.91
CA GLN C 156 -60.72 21.64 -19.16
C GLN C 156 -61.98 22.49 -18.90
N VAL C 157 -62.72 22.18 -17.84
CA VAL C 157 -63.91 22.95 -17.48
C VAL C 157 -63.54 24.37 -16.98
N PHE C 158 -62.48 24.49 -16.19
CA PHE C 158 -62.02 25.80 -15.72
C PHE C 158 -60.55 26.05 -16.12
N PRO C 159 -60.31 26.42 -17.41
CA PRO C 159 -58.94 26.59 -17.91
C PRO C 159 -58.19 27.75 -17.28
N GLU C 160 -58.90 28.61 -16.56
CA GLU C 160 -58.30 29.77 -15.90
C GLU C 160 -57.57 29.39 -14.62
N THR C 161 -57.86 28.19 -14.09
CA THR C 161 -57.21 27.65 -12.88
C THR C 161 -55.72 27.47 -13.06
N LYS C 162 -54.96 28.24 -12.26
CA LYS C 162 -53.49 28.17 -12.25
C LYS C 162 -52.87 27.42 -11.04
N ALA C 163 -53.61 27.38 -9.94
CA ALA C 163 -53.13 26.82 -8.68
C ALA C 163 -54.28 26.25 -7.86
N ILE C 164 -53.99 25.20 -7.10
CA ILE C 164 -55.00 24.54 -6.27
C ILE C 164 -54.48 24.33 -4.84
N VAL C 165 -55.29 24.78 -3.87
CA VAL C 165 -54.97 24.68 -2.47
C VAL C 165 -55.27 23.25 -1.97
N ILE C 166 -54.34 22.68 -1.20
CA ILE C 166 -54.40 21.28 -0.72
C ILE C 166 -54.09 21.21 0.77
N GLY C 167 -54.92 20.52 1.53
CA GLY C 167 -54.73 20.41 2.97
C GLY C 167 -53.81 19.27 3.37
N ILE C 168 -52.68 19.11 2.67
CA ILE C 168 -51.74 18.03 2.94
C ILE C 168 -50.72 18.46 4.00
N ARG C 169 -50.28 17.50 4.81
CA ARG C 169 -49.33 17.77 5.92
C ARG C 169 -48.07 16.91 5.73
N HIS C 170 -46.90 17.40 6.18
CA HIS C 170 -45.65 16.63 6.11
C HIS C 170 -45.74 15.18 6.64
N THR C 171 -46.48 14.99 7.72
CA THR C 171 -46.72 13.68 8.35
C THR C 171 -47.60 12.71 7.54
N ASP C 172 -48.29 13.22 6.52
CA ASP C 172 -49.05 12.41 5.57
C ASP C 172 -48.15 11.58 4.67
N PRO C 173 -48.63 10.41 4.19
CA PRO C 173 -47.87 9.67 3.19
C PRO C 173 -47.41 10.56 2.03
N PHE C 174 -46.13 10.44 1.66
CA PHE C 174 -45.53 11.22 0.55
C PHE C 174 -45.45 12.69 0.88
N GLY C 175 -45.62 12.99 2.17
CA GLY C 175 -45.58 14.37 2.65
C GLY C 175 -44.21 14.95 2.93
N GLU C 176 -43.18 14.09 3.08
CA GLU C 176 -41.87 14.50 3.59
C GLU C 176 -41.18 15.62 2.81
N HIS C 177 -41.19 15.51 1.49
CA HIS C 177 -40.43 16.42 0.65
C HIS C 177 -41.26 17.54 0.04
N LEU C 178 -42.53 17.62 0.42
CA LEU C 178 -43.44 18.61 -0.17
C LEU C 178 -43.08 20.04 0.23
N LYS C 179 -43.44 20.99 -0.64
CA LYS C 179 -43.18 22.41 -0.36
C LYS C 179 -44.49 23.21 -0.43
N PRO C 180 -44.55 24.38 0.25
CA PRO C 180 -45.76 25.23 0.23
C PRO C 180 -46.24 25.69 -1.14
N ILE C 181 -45.31 25.91 -2.08
CA ILE C 181 -45.70 26.21 -3.44
C ILE C 181 -44.83 25.33 -4.34
N GLN C 182 -45.45 24.50 -5.18
CA GLN C 182 -44.69 23.69 -6.14
C GLN C 182 -45.59 23.16 -7.24
N LYS C 183 -45.06 23.04 -8.46
CA LYS C 183 -45.80 22.41 -9.54
C LYS C 183 -46.11 20.93 -9.25
N THR C 184 -47.21 20.49 -9.85
CA THR C 184 -47.58 19.11 -9.95
C THR C 184 -46.48 18.35 -10.67
N ASP C 185 -46.46 17.03 -10.51
CA ASP C 185 -45.51 16.18 -11.23
C ASP C 185 -45.85 16.01 -12.71
N ALA C 186 -44.94 15.38 -13.46
CA ALA C 186 -45.09 15.15 -14.91
C ALA C 186 -46.32 14.36 -15.32
N ASN C 187 -46.78 13.44 -14.49
CA ASN C 187 -47.91 12.55 -14.83
C ASN C 187 -49.27 13.17 -14.46
N TRP C 188 -49.23 14.40 -13.96
CA TRP C 188 -50.41 15.14 -13.59
C TRP C 188 -50.68 16.24 -14.60
N PRO C 189 -51.92 16.76 -14.60
CA PRO C 189 -52.21 18.01 -15.28
C PRO C 189 -51.34 19.12 -14.67
N ASP C 190 -50.98 20.10 -15.48
CA ASP C 190 -50.06 21.18 -15.07
C ASP C 190 -50.76 22.31 -14.30
N PHE C 191 -50.48 22.40 -12.99
CA PHE C 191 -50.84 23.55 -12.14
C PHE C 191 -49.91 23.59 -10.93
N TYR C 192 -49.99 24.67 -10.15
CA TYR C 192 -49.28 24.79 -8.89
C TYR C 192 -50.08 24.19 -7.75
N ARG C 193 -49.43 23.32 -6.99
CA ARG C 193 -49.93 22.88 -5.69
C ARG C 193 -49.64 23.95 -4.67
N LEU C 194 -50.67 24.38 -3.93
CA LEU C 194 -50.49 25.35 -2.85
C LEU C 194 -50.76 24.62 -1.57
N GLN C 195 -49.72 24.46 -0.78
CA GLN C 195 -49.77 23.58 0.37
C GLN C 195 -49.32 24.30 1.65
N PRO C 196 -50.22 25.16 2.21
CA PRO C 196 -49.91 26.03 3.35
C PRO C 196 -50.12 25.41 4.74
N LEU C 197 -50.44 24.11 4.80
CA LEU C 197 -50.69 23.43 6.08
C LEU C 197 -49.62 22.39 6.42
N LEU C 198 -48.54 22.39 5.64
CA LEU C 198 -47.55 21.28 5.70
C LEU C 198 -46.95 21.05 7.08
N HIS C 199 -46.78 22.14 7.83
CA HIS C 199 -46.09 22.15 9.12
C HIS C 199 -47.00 21.82 10.30
N TRP C 200 -48.30 21.67 10.04
CA TRP C 200 -49.25 21.36 11.07
C TRP C 200 -49.18 19.92 11.48
N ASN C 201 -49.25 19.71 12.79
CA ASN C 201 -49.27 18.38 13.39
C ASN C 201 -50.66 18.11 13.89
N LEU C 202 -50.97 16.83 14.10
CA LEU C 202 -52.30 16.40 14.49
C LEU C 202 -52.85 17.18 15.68
N ALA C 203 -52.02 17.38 16.70
CA ALA C 203 -52.41 18.15 17.88
C ALA C 203 -52.85 19.59 17.55
N ASN C 204 -52.18 20.25 16.60
CA ASN C 204 -52.55 21.61 16.20
C ASN C 204 -53.91 21.62 15.50
N ILE C 205 -54.11 20.62 14.64
CA ILE C 205 -55.39 20.44 13.94
C ILE C 205 -56.56 20.34 14.91
N TRP C 206 -56.46 19.45 15.91
CA TRP C 206 -57.56 19.30 16.86
C TRP C 206 -57.83 20.58 17.69
N SER C 207 -56.75 21.19 18.18
CA SER C 207 -56.82 22.41 18.99
C SER C 207 -57.61 23.55 18.31
N PHE C 208 -57.19 23.89 17.10
CA PHE C 208 -57.82 24.96 16.34
C PHE C 208 -59.24 24.58 15.93
N LEU C 209 -59.42 23.36 15.41
CA LEU C 209 -60.73 22.95 14.91
C LEU C 209 -61.74 22.88 16.05
N LEU C 210 -61.33 22.37 17.21
CA LEU C 210 -62.22 22.36 18.37
C LEU C 210 -62.56 23.78 18.87
N TYR C 211 -61.54 24.65 18.94
CA TYR C 211 -61.75 26.04 19.33
C TYR C 211 -62.72 26.76 18.38
N SER C 212 -62.70 26.39 17.10
CA SER C 212 -63.46 27.12 16.06
C SER C 212 -64.96 27.09 16.26
N ASN C 213 -65.44 26.08 16.96
CA ASN C 213 -66.87 25.86 17.18
C ASN C 213 -67.63 25.69 15.86
N GLU C 214 -66.93 25.22 14.83
CA GLU C 214 -67.52 24.93 13.53
C GLU C 214 -67.92 23.47 13.49
N PRO C 215 -68.98 23.12 12.73
CA PRO C 215 -69.36 21.69 12.72
C PRO C 215 -68.23 20.92 12.06
N ILE C 216 -67.83 19.79 12.65
CA ILE C 216 -66.79 18.95 12.03
C ILE C 216 -67.39 17.57 11.64
N CYS C 217 -66.78 16.90 10.67
CA CYS C 217 -67.35 15.62 10.20
C CYS C 217 -67.54 14.65 11.37
N GLU C 218 -68.77 14.16 11.59
CA GLU C 218 -69.06 13.35 12.80
C GLU C 218 -68.36 12.00 12.92
N LEU C 219 -67.74 11.53 11.83
CA LEU C 219 -66.94 10.32 11.91
C LEU C 219 -65.87 10.48 13.01
N TYR C 220 -65.31 11.68 13.13
CA TYR C 220 -64.23 11.89 14.10
C TYR C 220 -64.75 11.69 15.53
N ARG C 221 -65.98 12.15 15.76
CA ARG C 221 -66.63 11.95 17.07
C ARG C 221 -66.76 10.49 17.48
N TYR C 222 -66.90 9.60 16.49
CA TYR C 222 -67.09 8.15 16.72
C TYR C 222 -65.78 7.33 16.77
N GLY C 223 -64.64 8.03 16.80
CA GLY C 223 -63.34 7.39 17.01
C GLY C 223 -62.42 7.34 15.78
N PHE C 224 -62.85 7.86 14.63
CA PHE C 224 -61.99 7.94 13.44
C PHE C 224 -60.99 9.10 13.61
N THR C 225 -59.77 8.92 13.08
CA THR C 225 -58.73 9.97 13.13
C THR C 225 -58.18 10.27 11.72
N SER C 226 -58.51 9.39 10.79
CA SER C 226 -58.11 9.47 9.40
C SER C 226 -59.25 8.87 8.59
N LEU C 227 -59.66 9.56 7.53
CA LEU C 227 -60.79 9.11 6.73
C LEU C 227 -60.27 8.59 5.41
N GLY C 228 -60.23 7.28 5.27
CA GLY C 228 -59.94 6.69 3.98
C GLY C 228 -61.28 6.34 3.36
N ASN C 229 -61.29 5.36 2.46
CA ASN C 229 -62.56 4.91 1.89
C ASN C 229 -63.36 4.04 2.89
N VAL C 230 -64.63 3.79 2.56
CA VAL C 230 -65.59 3.12 3.44
C VAL C 230 -65.21 1.71 3.76
N GLU C 231 -64.48 1.06 2.86
CA GLU C 231 -64.03 -0.32 3.07
C GLU C 231 -62.80 -0.39 3.98
N GLU C 232 -61.80 0.46 3.74
CA GLU C 232 -60.52 0.30 4.40
C GLU C 232 -60.44 0.94 5.81
N THR C 233 -61.38 1.84 6.13
CA THR C 233 -61.22 2.79 7.24
C THR C 233 -61.96 2.30 8.46
N LEU C 234 -61.26 2.21 9.58
CA LEU C 234 -61.89 1.84 10.85
C LEU C 234 -61.65 2.89 11.94
N PRO C 235 -62.49 2.90 13.00
CA PRO C 235 -62.09 3.79 14.10
C PRO C 235 -60.69 3.41 14.57
N ASN C 236 -59.96 4.38 15.08
CA ASN C 236 -58.58 4.13 15.51
C ASN C 236 -58.49 3.15 16.72
N PRO C 237 -57.77 2.01 16.57
CA PRO C 237 -57.70 0.99 17.63
C PRO C 237 -57.09 1.53 18.91
N HIS C 238 -56.26 2.57 18.79
CA HIS C 238 -55.64 3.18 19.97
C HIS C 238 -56.65 3.97 20.78
N LEU C 239 -57.83 4.22 20.21
CA LEU C 239 -58.87 4.91 20.95
C LEU C 239 -59.97 4.00 21.55
N ARG C 240 -59.89 2.70 21.29
CA ARG C 240 -60.82 1.74 21.87
C ARG C 240 -60.84 1.85 23.40
N LYS C 241 -62.03 1.95 23.97
CA LYS C 241 -62.18 1.97 25.41
C LYS C 241 -62.10 0.56 25.96
N ASP C 242 -61.37 0.42 27.06
CA ASP C 242 -61.36 -0.84 27.82
C ASP C 242 -61.32 -0.50 29.32
N LYS C 243 -61.43 -1.50 30.18
CA LYS C 243 -61.46 -1.26 31.63
C LYS C 243 -60.09 -1.34 32.31
N ASN C 244 -59.11 -1.93 31.64
CA ASN C 244 -57.84 -2.27 32.31
C ASN C 244 -56.64 -1.38 31.97
N SER C 245 -56.69 -0.64 30.87
CA SER C 245 -55.53 0.18 30.53
C SER C 245 -55.73 1.57 31.07
N THR C 246 -54.66 2.36 31.06
CA THR C 246 -54.75 3.74 31.49
C THR C 246 -55.74 4.54 30.63
N PRO C 247 -56.75 5.15 31.28
CA PRO C 247 -57.69 6.06 30.62
C PRO C 247 -56.93 7.13 29.85
N LEU C 248 -57.37 7.40 28.64
CA LEU C 248 -56.80 8.47 27.82
C LEU C 248 -57.30 9.79 28.37
N LYS C 249 -56.46 10.82 28.25
CA LYS C 249 -56.79 12.13 28.78
C LYS C 249 -56.89 13.15 27.66
N LEU C 250 -57.75 14.14 27.87
CA LEU C 250 -58.07 15.14 26.87
C LEU C 250 -57.09 16.31 26.92
N ASN C 251 -56.42 16.54 25.79
CA ASN C 251 -55.50 17.67 25.68
C ASN C 251 -56.17 19.01 25.34
N PHE C 252 -57.48 19.00 25.09
CA PHE C 252 -58.16 20.16 24.50
C PHE C 252 -59.33 20.67 25.30
N GLU C 253 -59.30 20.43 26.61
CA GLU C 253 -60.36 20.89 27.51
C GLU C 253 -60.59 22.41 27.43
N TRP C 254 -59.52 23.21 27.42
CA TRP C 254 -59.66 24.67 27.36
C TRP C 254 -60.35 25.17 26.09
N GLU C 255 -59.89 24.65 24.94
CA GLU C 255 -60.42 25.04 23.63
C GLU C 255 -61.91 24.76 23.51
N ILE C 256 -62.34 23.63 24.06
CA ILE C 256 -63.72 23.18 24.03
C ILE C 256 -64.58 24.06 24.96
N GLU C 257 -64.13 24.25 26.19
CA GLU C 257 -64.85 25.09 27.14
C GLU C 257 -64.89 26.54 26.72
N ASN C 258 -63.86 26.99 26.02
CA ASN C 258 -63.70 28.40 25.67
C ASN C 258 -63.77 28.67 24.16
N ARG C 259 -64.39 27.72 23.47
CA ARG C 259 -64.51 27.75 22.02
C ARG C 259 -65.24 29.00 21.58
N TYR C 260 -64.92 29.41 20.36
CA TYR C 260 -65.42 30.64 19.78
C TYR C 260 -66.95 30.73 19.73
N LYS C 261 -67.48 31.76 20.42
CA LYS C 261 -68.90 31.94 20.59
C LYS C 261 -69.49 32.62 19.38
N HIS C 262 -70.49 31.96 18.81
CA HIS C 262 -71.24 32.48 17.65
C HIS C 262 -72.45 33.29 18.11
N ASN C 263 -72.82 34.28 17.32
CA ASN C 263 -74.12 34.93 17.48
C ASN C 263 -75.15 34.25 16.59
N GLU C 264 -76.36 34.82 16.56
CA GLU C 264 -77.48 34.37 15.72
C GLU C 264 -77.20 34.21 14.23
N VAL C 265 -76.47 35.15 13.66
CA VAL C 265 -76.05 35.07 12.27
C VAL C 265 -75.28 33.76 12.03
N THR C 266 -74.25 33.52 12.85
CA THR C 266 -73.21 32.53 12.55
C THR C 266 -73.31 31.17 13.27
N LYS C 267 -74.37 30.97 14.07
CA LYS C 267 -74.61 29.72 14.81
C LYS C 267 -74.79 28.54 13.87
N ALA C 268 -74.10 27.44 14.15
CA ALA C 268 -74.13 26.31 13.24
C ALA C 268 -74.75 25.09 13.88
N GLU C 269 -75.80 24.56 13.25
CA GLU C 269 -76.35 23.28 13.69
C GLU C 269 -75.37 22.18 13.29
N PRO C 270 -75.10 21.21 14.20
CA PRO C 270 -74.22 20.11 13.77
C PRO C 270 -74.77 19.37 12.55
N ILE C 271 -73.85 18.75 11.80
CA ILE C 271 -74.14 18.04 10.58
C ILE C 271 -73.93 16.59 11.00
N PRO C 272 -75.01 15.79 11.00
CA PRO C 272 -74.93 14.50 11.71
C PRO C 272 -74.27 13.38 10.90
N ILE C 273 -73.86 12.33 11.60
CA ILE C 273 -73.42 11.08 10.98
C ILE C 273 -74.55 10.55 10.10
N ALA C 274 -74.22 9.94 8.95
CA ALA C 274 -75.23 9.29 8.09
C ALA C 274 -75.74 8.02 8.77
N ASP C 275 -77.01 7.69 8.54
CA ASP C 275 -77.63 6.49 9.11
C ASP C 275 -76.86 5.20 8.74
N GLU C 276 -76.49 5.04 7.47
CA GLU C 276 -75.69 3.89 7.09
C GLU C 276 -74.34 3.74 7.82
N ASP C 277 -73.70 4.86 8.17
CA ASP C 277 -72.46 4.81 8.97
C ASP C 277 -72.69 4.49 10.45
N LEU C 278 -73.77 5.01 11.01
CA LEU C 278 -74.10 4.68 12.39
C LEU C 278 -74.27 3.17 12.57
N VAL C 279 -74.95 2.52 11.60
CA VAL C 279 -75.15 1.07 11.59
C VAL C 279 -73.80 0.33 11.61
N LYS C 280 -72.90 0.73 10.69
CA LYS C 280 -71.52 0.25 10.69
C LYS C 280 -70.89 0.30 12.08
N ILE C 281 -70.93 1.47 12.71
CA ILE C 281 -70.33 1.72 14.02
C ILE C 281 -70.97 0.89 15.15
N GLU C 282 -72.30 0.80 15.16
CA GLU C 282 -73.02 -0.02 16.14
C GLU C 282 -72.69 -1.52 16.02
N ASN C 283 -72.44 -1.97 14.79
CA ASN C 283 -72.00 -3.35 14.52
C ASN C 283 -70.69 -3.79 15.18
N LEU C 284 -69.89 -2.82 15.63
CA LEU C 284 -68.53 -3.09 16.13
C LEU C 284 -68.48 -3.69 17.54
N HIS C 285 -69.44 -3.37 18.39
CA HIS C 285 -69.43 -3.86 19.79
C HIS C 285 -68.17 -3.45 20.55
N GLU C 286 -67.67 -2.24 20.24
CA GLU C 286 -66.60 -1.59 20.99
C GLU C 286 -66.93 -0.12 20.99
N ASP C 287 -66.60 0.59 22.05
CA ASP C 287 -66.75 2.04 22.04
C ASP C 287 -65.39 2.74 22.01
N TYR C 288 -65.35 3.92 21.41
CA TYR C 288 -64.11 4.67 21.18
C TYR C 288 -64.19 6.10 21.74
N TYR C 289 -63.07 6.59 22.27
CA TYR C 289 -62.90 8.04 22.45
C TYR C 289 -62.97 8.71 21.08
N PRO C 290 -63.43 9.98 21.01
CA PRO C 290 -63.40 10.67 19.70
C PRO C 290 -61.96 10.85 19.24
N GLY C 291 -61.77 11.14 17.93
CA GLY C 291 -60.45 11.23 17.33
C GLY C 291 -59.48 12.22 17.98
N TRP C 292 -60.02 13.28 18.59
CA TRP C 292 -59.18 14.29 19.31
C TRP C 292 -58.51 13.84 20.64
N TYR C 293 -58.82 12.63 21.08
CA TYR C 293 -57.96 11.96 22.04
C TYR C 293 -56.65 11.38 21.44
N LEU C 294 -56.50 11.42 20.12
CA LEU C 294 -55.23 11.03 19.51
C LEU C 294 -54.43 12.30 19.18
N VAL C 295 -53.25 12.43 19.77
CA VAL C 295 -52.35 13.52 19.40
C VAL C 295 -51.01 13.04 18.81
N ASP C 296 -50.89 11.74 18.55
CA ASP C 296 -49.65 11.16 18.02
C ASP C 296 -49.79 10.93 16.50
N ASP C 297 -49.14 11.79 15.71
CA ASP C 297 -49.17 11.72 14.24
C ASP C 297 -48.84 10.35 13.66
N LYS C 298 -47.96 9.62 14.33
CA LYS C 298 -47.54 8.29 13.86
C LYS C 298 -48.69 7.26 13.90
N LEU C 299 -49.73 7.56 14.67
CA LEU C 299 -50.83 6.65 14.83
C LEU C 299 -52.08 7.11 14.09
N GLU C 300 -51.98 8.23 13.39
CA GLU C 300 -53.14 8.83 12.75
C GLU C 300 -53.90 7.86 11.81
N ARG C 301 -53.16 7.05 11.06
CA ARG C 301 -53.74 6.12 10.09
C ARG C 301 -53.82 4.68 10.57
N ALA C 302 -53.78 4.47 11.88
CA ALA C 302 -53.79 3.09 12.45
C ALA C 302 -55.12 2.33 12.23
N GLY C 303 -56.21 3.05 12.07
CA GLY C 303 -57.53 2.46 11.81
C GLY C 303 -57.73 2.11 10.35
N ARG C 304 -57.01 1.08 9.88
CA ARG C 304 -57.13 0.58 8.52
C ARG C 304 -57.28 -0.95 8.52
N ILE C 305 -58.11 -1.46 7.62
CA ILE C 305 -58.25 -2.89 7.40
C ILE C 305 -56.90 -3.50 7.03
N LYS C 306 -56.58 -4.64 7.63
CA LYS C 306 -55.34 -5.34 7.31
C LYS C 306 -55.41 -5.92 5.89
N LYS C 307 -54.39 -5.64 5.08
CA LYS C 307 -54.33 -6.07 3.69
C LYS C 307 -53.02 -6.81 3.42
N LYS C 308 -52.94 -7.45 2.26
CA LYS C 308 -51.70 -8.07 1.80
C LYS C 308 -51.50 -9.39 2.52
N VAL D 4 75.76 -30.23 -4.32
CA VAL D 4 75.76 -28.74 -4.57
C VAL D 4 75.91 -28.45 -6.07
N MET D 5 74.90 -27.78 -6.64
CA MET D 5 75.02 -27.23 -7.99
C MET D 5 75.27 -25.74 -7.89
N ARG D 6 76.14 -25.22 -8.75
CA ARG D 6 76.27 -23.78 -8.87
C ARG D 6 74.92 -23.19 -9.29
N LEU D 7 74.58 -22.00 -8.80
CA LEU D 7 73.23 -21.43 -9.08
C LEU D 7 72.90 -21.38 -10.59
N GLY D 8 73.84 -20.90 -11.41
CA GLY D 8 73.66 -20.85 -12.86
C GLY D 8 73.22 -22.18 -13.42
N ASP D 9 73.93 -23.23 -13.02
CA ASP D 9 73.62 -24.62 -13.39
C ASP D 9 72.26 -25.09 -12.89
N ALA D 10 71.93 -24.80 -11.63
CA ALA D 10 70.58 -25.02 -11.09
C ALA D 10 69.50 -24.28 -11.91
N ALA D 11 69.73 -22.99 -12.17
CA ALA D 11 68.80 -22.18 -12.97
C ALA D 11 68.62 -22.74 -14.37
N GLU D 12 69.73 -23.08 -15.03
CA GLU D 12 69.66 -23.67 -16.37
C GLU D 12 68.95 -25.04 -16.36
N LEU D 13 69.20 -25.84 -15.34
CA LEU D 13 68.48 -27.12 -15.19
C LEU D 13 66.97 -26.88 -15.10
N CYS D 14 66.58 -25.93 -14.26
CA CYS D 14 65.15 -25.60 -14.06
C CYS D 14 64.50 -25.10 -15.34
N TYR D 15 65.25 -24.29 -16.08
CA TYR D 15 64.79 -23.84 -17.37
C TYR D 15 64.55 -25.03 -18.35
N ASN D 16 65.49 -25.97 -18.39
CA ASN D 16 65.42 -27.09 -19.31
C ASN D 16 64.31 -28.07 -18.94
N LEU D 17 64.11 -28.28 -17.64
CA LEU D 17 63.05 -29.18 -17.19
C LEU D 17 61.68 -28.56 -17.42
N THR D 18 61.58 -27.25 -17.20
CA THR D 18 60.32 -26.53 -17.39
C THR D 18 59.99 -26.47 -18.88
N SER D 19 61.04 -26.28 -19.70
CA SER D 19 60.88 -26.31 -21.16
C SER D 19 60.42 -27.69 -21.61
N SER D 20 61.04 -28.70 -21.06
CA SER D 20 60.70 -30.09 -21.30
C SER D 20 59.22 -30.39 -20.97
N TYR D 21 58.76 -29.95 -19.81
CA TYR D 21 57.36 -30.14 -19.43
C TYR D 21 56.41 -29.46 -20.40
N LEU D 22 56.69 -28.21 -20.74
CA LEU D 22 55.92 -27.45 -21.72
C LEU D 22 55.84 -28.10 -23.11
N GLN D 23 56.81 -28.98 -23.42
CA GLN D 23 56.87 -29.73 -24.70
C GLN D 23 56.05 -31.03 -24.70
N ILE D 24 55.56 -31.46 -23.54
CA ILE D 24 54.79 -32.70 -23.44
C ILE D 24 53.56 -32.55 -24.32
N ALA D 25 53.35 -33.48 -25.26
CA ALA D 25 52.16 -33.47 -26.10
C ALA D 25 50.99 -33.98 -25.24
N ALA D 26 50.08 -33.09 -24.90
CA ALA D 26 48.99 -33.45 -24.00
C ALA D 26 47.64 -32.96 -24.56
N GLU D 27 46.59 -33.72 -24.26
CA GLU D 27 45.22 -33.38 -24.64
C GLU D 27 44.71 -32.18 -23.84
N SER D 28 43.87 -31.35 -24.48
CA SER D 28 43.41 -30.09 -23.89
C SER D 28 42.68 -30.24 -22.56
N ASP D 29 42.02 -31.37 -22.38
CA ASP D 29 41.33 -31.65 -21.12
C ASP D 29 42.16 -32.45 -20.08
N SER D 30 43.48 -32.42 -20.20
CA SER D 30 44.31 -33.19 -19.28
C SER D 30 44.88 -32.30 -18.17
N ILE D 31 45.22 -32.91 -17.04
CA ILE D 31 45.98 -32.22 -15.98
C ILE D 31 47.28 -31.58 -16.50
N ILE D 32 48.03 -32.31 -17.32
CA ILE D 32 49.32 -31.83 -17.88
C ILE D 32 49.12 -30.55 -18.70
N ALA D 33 48.14 -30.53 -19.63
CA ALA D 33 47.88 -29.30 -20.40
C ALA D 33 47.52 -28.11 -19.52
N GLN D 34 46.76 -28.36 -18.44
CA GLN D 34 46.38 -27.31 -17.51
C GLN D 34 47.59 -26.81 -16.75
N THR D 35 48.49 -27.72 -16.38
CA THR D 35 49.68 -27.36 -15.62
C THR D 35 50.61 -26.54 -16.54
N GLN D 36 50.66 -26.91 -17.83
CA GLN D 36 51.40 -26.09 -18.83
C GLN D 36 50.87 -24.67 -18.88
N ARG D 37 49.55 -24.52 -18.88
CA ARG D 37 48.95 -23.21 -18.81
C ARG D 37 49.34 -22.48 -17.51
N ALA D 38 49.39 -23.22 -16.40
CA ALA D 38 49.78 -22.61 -15.12
C ALA D 38 51.25 -22.13 -15.15
N ILE D 39 52.12 -22.92 -15.74
CA ILE D 39 53.54 -22.56 -15.91
C ILE D 39 53.66 -21.23 -16.66
N ASN D 40 53.00 -21.15 -17.81
CA ASN D 40 53.12 -19.97 -18.67
C ASN D 40 52.61 -18.72 -17.98
N THR D 41 51.57 -18.87 -17.16
CA THR D 41 51.05 -17.73 -16.39
C THR D 41 52.05 -17.28 -15.31
N THR D 42 52.62 -18.25 -14.59
CA THR D 42 53.68 -17.96 -13.61
C THR D 42 54.91 -17.29 -14.26
N LYS D 43 55.34 -17.83 -15.40
CA LYS D 43 56.47 -17.26 -16.15
C LYS D 43 56.18 -15.80 -16.52
N SER D 44 54.98 -15.57 -17.04
CA SER D 44 54.58 -14.22 -17.45
C SER D 44 54.54 -13.23 -16.26
N ILE D 45 53.95 -13.64 -15.14
CA ILE D 45 54.02 -12.85 -13.88
C ILE D 45 55.47 -12.53 -13.49
N LEU D 46 56.34 -13.52 -13.44
CA LEU D 46 57.72 -13.25 -13.05
C LEU D 46 58.49 -12.42 -14.10
N ILE D 47 58.50 -12.90 -15.34
CA ILE D 47 59.35 -12.25 -16.35
C ILE D 47 58.81 -10.87 -16.79
N ASN D 48 57.49 -10.76 -16.96
CA ASN D 48 56.88 -9.50 -17.45
C ASN D 48 56.41 -8.51 -16.39
N GLU D 49 56.01 -8.98 -15.21
CA GLU D 49 55.46 -8.04 -14.25
C GLU D 49 56.31 -7.86 -13.01
N THR D 50 57.22 -8.79 -12.75
CA THR D 50 57.98 -8.73 -11.51
C THR D 50 59.40 -8.21 -11.68
N PHE D 51 60.19 -8.95 -12.46
CA PHE D 51 61.59 -8.58 -12.73
C PHE D 51 61.82 -7.16 -13.30
N PRO D 52 60.92 -6.65 -14.13
CA PRO D 52 61.09 -5.26 -14.58
C PRO D 52 60.90 -4.23 -13.47
N LYS D 53 60.21 -4.59 -12.38
CA LYS D 53 59.98 -3.70 -11.25
C LYS D 53 61.05 -3.84 -10.17
N TRP D 54 61.47 -5.08 -9.87
CA TRP D 54 62.49 -5.38 -8.84
C TRP D 54 63.55 -6.36 -9.35
N SER D 55 64.83 -6.04 -9.14
CA SER D 55 65.91 -6.89 -9.62
C SER D 55 65.98 -8.23 -8.87
N PRO D 56 66.02 -9.36 -9.61
CA PRO D 56 66.25 -10.66 -8.97
C PRO D 56 67.73 -10.85 -8.61
N LEU D 57 68.55 -9.84 -8.86
CA LEU D 57 70.02 -9.96 -8.75
C LEU D 57 70.71 -9.18 -7.64
N ASN D 58 70.05 -8.18 -7.08
CA ASN D 58 70.75 -7.24 -6.17
C ASN D 58 70.22 -7.21 -4.74
N GLY D 59 69.51 -8.28 -4.35
CA GLY D 59 68.91 -8.39 -3.02
C GLY D 59 67.54 -7.76 -2.83
N GLU D 60 67.05 -7.01 -3.82
CA GLU D 60 65.70 -6.41 -3.72
C GLU D 60 64.59 -7.44 -3.57
N ILE D 61 64.78 -8.61 -4.16
CA ILE D 61 63.88 -9.73 -4.00
C ILE D 61 64.54 -10.81 -3.13
N SER D 62 63.82 -11.27 -2.11
CA SER D 62 64.17 -12.51 -1.44
C SER D 62 63.09 -13.56 -1.69
N PHE D 63 63.48 -14.82 -1.55
CA PHE D 63 62.57 -15.95 -1.77
C PHE D 63 62.24 -16.60 -0.41
N SER D 64 60.97 -16.57 -0.01
CA SER D 64 60.58 -17.27 1.22
C SER D 64 60.47 -18.78 0.94
N TYR D 65 61.38 -19.55 1.53
CA TYR D 65 61.43 -20.99 1.27
C TYR D 65 61.45 -21.78 2.58
N ASN D 66 60.48 -22.67 2.72
CA ASN D 66 60.48 -23.65 3.81
C ASN D 66 60.30 -25.12 3.34
N GLY D 67 60.60 -25.38 2.07
CA GLY D 67 60.82 -26.78 1.62
C GLY D 67 59.54 -27.57 1.32
N GLY D 68 58.38 -26.93 1.48
CA GLY D 68 57.12 -27.56 1.13
C GLY D 68 56.99 -27.70 -0.38
N LYS D 69 56.02 -28.51 -0.79
CA LYS D 69 55.77 -28.85 -2.19
C LYS D 69 55.53 -27.61 -3.04
N ASP D 70 54.76 -26.67 -2.50
CA ASP D 70 54.37 -25.48 -3.23
C ASP D 70 55.48 -24.46 -3.40
N CYS D 71 56.25 -24.14 -2.34
CA CYS D 71 57.39 -23.24 -2.56
C CYS D 71 58.50 -23.93 -3.35
N GLN D 72 58.58 -25.26 -3.29
CA GLN D 72 59.54 -25.98 -4.13
C GLN D 72 59.21 -25.88 -5.65
N VAL D 73 57.95 -26.14 -6.01
CA VAL D 73 57.51 -25.95 -7.38
C VAL D 73 57.78 -24.50 -7.76
N LEU D 74 57.42 -23.57 -6.88
CA LEU D 74 57.68 -22.15 -7.16
C LEU D 74 59.16 -21.86 -7.35
N LEU D 75 60.03 -22.45 -6.51
CA LEU D 75 61.48 -22.28 -6.64
C LEU D 75 62.01 -22.76 -8.00
N LEU D 76 61.58 -23.94 -8.43
CA LEU D 76 61.95 -24.48 -9.74
C LEU D 76 61.55 -23.50 -10.84
N LEU D 77 60.30 -23.04 -10.80
CA LEU D 77 59.82 -22.09 -11.81
C LEU D 77 60.56 -20.77 -11.73
N TYR D 78 60.87 -20.32 -10.52
CA TYR D 78 61.56 -19.03 -10.34
C TYR D 78 63.01 -19.10 -10.89
N LEU D 79 63.70 -20.18 -10.57
CA LEU D 79 65.04 -20.45 -11.11
C LEU D 79 65.03 -20.53 -12.65
N SER D 80 64.00 -21.19 -13.19
CA SER D 80 63.77 -21.23 -14.64
C SER D 80 63.69 -19.82 -15.25
N CYS D 81 62.92 -18.96 -14.59
CA CYS D 81 62.75 -17.57 -15.03
C CYS D 81 64.01 -16.72 -14.86
N LEU D 82 64.75 -16.96 -13.79
CA LEU D 82 66.06 -16.35 -13.55
C LEU D 82 67.00 -16.68 -14.72
N TRP D 83 67.00 -17.94 -15.16
CA TRP D 83 67.80 -18.32 -16.35
C TRP D 83 67.37 -17.59 -17.63
N GLU D 84 66.05 -17.59 -17.87
CA GLU D 84 65.47 -16.93 -19.04
C GLU D 84 65.75 -15.42 -19.01
N TYR D 85 65.63 -14.81 -17.83
CA TYR D 85 66.07 -13.42 -17.62
C TYR D 85 67.56 -13.20 -17.95
N TYR D 86 68.42 -14.03 -17.38
CA TYR D 86 69.84 -13.98 -17.71
C TYR D 86 70.10 -14.03 -19.24
N ILE D 87 69.49 -15.00 -19.91
CA ILE D 87 69.75 -15.22 -21.35
C ILE D 87 69.31 -14.02 -22.18
N VAL D 88 68.05 -13.59 -22.03
CA VAL D 88 67.49 -12.46 -22.77
C VAL D 88 68.14 -11.11 -22.42
N LYS D 89 68.32 -10.82 -21.13
CA LYS D 89 68.72 -9.48 -20.68
C LYS D 89 70.22 -9.26 -20.38
N LEU D 90 70.90 -10.30 -19.92
CA LEU D 90 72.25 -10.15 -19.35
C LEU D 90 73.39 -10.81 -20.14
N SER D 91 73.11 -11.92 -20.81
CA SER D 91 74.19 -12.76 -21.36
C SER D 91 75.00 -12.14 -22.50
N GLN D 92 74.35 -11.42 -23.40
CA GLN D 92 75.05 -10.84 -24.56
C GLN D 92 75.72 -9.50 -24.26
N SER D 93 76.98 -9.33 -24.70
CA SER D 93 77.65 -8.01 -24.61
C SER D 93 77.49 -7.20 -25.91
N GLN D 94 78.15 -6.03 -25.96
CA GLN D 94 78.13 -5.18 -27.16
C GLN D 94 78.87 -5.83 -28.34
N PHE D 95 79.73 -6.82 -28.05
CA PHE D 95 80.58 -7.50 -29.04
C PHE D 95 80.16 -8.91 -29.40
N ASP D 96 80.14 -9.20 -30.69
CA ASP D 96 80.03 -10.57 -31.22
C ASP D 96 81.04 -11.50 -30.55
N GLY D 97 80.53 -12.60 -30.02
CA GLY D 97 81.37 -13.65 -29.50
C GLY D 97 81.71 -13.53 -28.03
N LYS D 98 81.36 -12.39 -27.42
CA LYS D 98 81.66 -12.18 -26.01
C LYS D 98 80.40 -12.05 -25.19
N PHE D 99 80.34 -12.87 -24.14
CA PHE D 99 79.18 -13.03 -23.27
C PHE D 99 79.54 -12.67 -21.84
N HIS D 100 78.52 -12.42 -21.02
CA HIS D 100 78.67 -12.26 -19.58
C HIS D 100 78.20 -13.56 -18.91
N ARG D 101 78.95 -14.03 -17.91
CA ARG D 101 78.59 -15.22 -17.14
C ARG D 101 77.37 -14.97 -16.23
N PHE D 102 76.74 -16.05 -15.78
CA PHE D 102 75.62 -15.95 -14.86
C PHE D 102 76.07 -15.10 -13.68
N PRO D 103 75.31 -14.05 -13.34
CA PRO D 103 75.88 -13.05 -12.46
C PRO D 103 75.80 -13.34 -10.97
N LEU D 104 74.96 -14.28 -10.59
CA LEU D 104 74.60 -14.43 -9.20
C LEU D 104 75.15 -15.74 -8.70
N THR D 105 75.75 -15.70 -7.52
CA THR D 105 76.35 -16.90 -6.92
C THR D 105 75.38 -17.71 -6.06
N LYS D 106 74.48 -17.00 -5.36
CA LYS D 106 73.55 -17.59 -4.40
C LYS D 106 72.28 -16.79 -4.48
N LEU D 107 71.15 -17.48 -4.30
CA LEU D 107 69.84 -16.87 -4.37
C LEU D 107 69.38 -16.52 -2.97
N PRO D 108 69.24 -15.21 -2.68
CA PRO D 108 68.76 -14.71 -1.38
C PRO D 108 67.42 -15.32 -0.99
N THR D 109 67.45 -16.07 0.12
CA THR D 109 66.35 -16.94 0.53
C THR D 109 66.14 -16.69 2.01
N VAL D 110 64.90 -16.83 2.48
CA VAL D 110 64.59 -16.66 3.87
C VAL D 110 63.74 -17.80 4.43
N PHE D 111 64.19 -18.38 5.52
CA PHE D 111 63.43 -19.43 6.19
C PHE D 111 63.23 -19.00 7.65
N ILE D 112 61.98 -18.88 8.06
CA ILE D 112 61.69 -18.70 9.49
C ILE D 112 61.52 -20.08 10.18
N ASP D 113 62.47 -20.39 11.06
CA ASP D 113 62.54 -21.70 11.72
C ASP D 113 61.65 -21.69 12.97
N HIS D 114 61.17 -22.85 13.41
CA HIS D 114 60.34 -22.90 14.61
C HIS D 114 60.68 -24.16 15.39
N ASP D 115 60.42 -24.16 16.68
CA ASP D 115 60.78 -25.33 17.46
C ASP D 115 59.89 -26.54 17.15
N ASP D 116 58.71 -26.28 16.60
CA ASP D 116 57.72 -27.32 16.40
C ASP D 116 57.58 -27.72 14.93
N THR D 117 58.60 -27.37 14.14
CA THR D 117 58.74 -27.70 12.71
C THR D 117 59.30 -29.11 12.58
N PHE D 118 58.77 -29.92 11.65
CA PHE D 118 59.25 -31.31 11.43
C PHE D 118 60.76 -31.33 11.17
N LYS D 119 61.46 -32.19 11.90
CA LYS D 119 62.86 -32.48 11.62
C LYS D 119 63.11 -32.85 10.16
N THR D 120 62.28 -33.73 9.60
CA THR D 120 62.35 -34.05 8.17
C THR D 120 62.35 -32.76 7.33
N LEU D 121 61.50 -31.80 7.67
CA LEU D 121 61.41 -30.57 6.87
C LEU D 121 62.65 -29.73 7.05
N GLU D 122 63.11 -29.62 8.30
CA GLU D 122 64.42 -29.01 8.57
C GLU D 122 65.54 -29.59 7.70
N ASN D 123 65.76 -30.90 7.78
CA ASN D 123 66.78 -31.58 6.97
C ASN D 123 66.60 -31.25 5.48
N PHE D 124 65.35 -31.30 5.00
CA PHE D 124 65.09 -31.13 3.56
C PHE D 124 65.45 -29.70 3.09
N ILE D 125 65.04 -28.69 3.85
CA ILE D 125 65.39 -27.30 3.57
C ILE D 125 66.92 -27.14 3.52
N GLU D 126 67.60 -27.70 4.52
CA GLU D 126 69.07 -27.60 4.56
C GLU D 126 69.74 -28.19 3.31
N GLU D 127 69.35 -29.42 2.96
CA GLU D 127 69.94 -30.12 1.83
C GLU D 127 69.60 -29.52 0.47
N THR D 128 68.35 -29.16 0.24
CA THR D 128 67.96 -28.46 -0.99
C THR D 128 68.56 -27.06 -1.11
N SER D 129 68.78 -26.37 0.02
CA SER D 129 69.49 -25.09 -0.03
C SER D 129 70.88 -25.24 -0.65
N LEU D 130 71.58 -26.32 -0.27
CA LEU D 130 72.85 -26.68 -0.89
C LEU D 130 72.70 -27.00 -2.36
N ARG D 131 71.73 -27.88 -2.69
CA ARG D 131 71.47 -28.31 -4.05
C ARG D 131 71.25 -27.13 -5.01
N TYR D 132 70.42 -26.19 -4.58
CA TYR D 132 69.96 -25.09 -5.43
C TYR D 132 70.78 -23.80 -5.29
N SER D 133 71.85 -23.82 -4.46
CA SER D 133 72.67 -22.64 -4.18
C SER D 133 71.88 -21.45 -3.63
N LEU D 134 71.07 -21.71 -2.62
CA LEU D 134 70.33 -20.67 -1.89
C LEU D 134 71.24 -20.07 -0.81
N SER D 135 71.13 -18.75 -0.62
CA SER D 135 71.78 -18.08 0.48
C SER D 135 70.71 -18.00 1.53
N LEU D 136 70.72 -18.97 2.44
CA LEU D 136 69.57 -19.20 3.31
C LEU D 136 69.73 -18.41 4.61
N TYR D 137 68.90 -17.38 4.77
CA TYR D 137 68.72 -16.74 6.06
C TYR D 137 67.81 -17.65 6.87
N GLU D 138 68.24 -17.94 8.10
CA GLU D 138 67.51 -18.78 9.03
C GLU D 138 67.40 -18.07 10.35
N SER D 139 66.18 -17.98 10.87
CA SER D 139 65.92 -17.35 12.16
C SER D 139 66.11 -18.34 13.32
N ASP D 140 66.04 -17.83 14.54
CA ASP D 140 66.25 -18.64 15.75
C ASP D 140 65.00 -19.51 16.03
N ARG D 141 65.12 -20.82 15.85
CA ARG D 141 63.96 -21.70 16.01
C ARG D 141 63.35 -21.65 17.41
N ASP D 142 64.18 -21.28 18.40
CA ASP D 142 63.74 -21.20 19.80
C ASP D 142 63.19 -19.86 20.23
N LYS D 143 63.25 -18.89 19.32
CA LYS D 143 62.58 -17.59 19.51
C LYS D 143 61.06 -17.71 19.38
N CYS D 144 60.33 -17.31 20.41
CA CYS D 144 58.87 -17.29 20.32
C CYS D 144 58.38 -15.91 19.86
N GLU D 145 57.99 -15.81 18.60
CA GLU D 145 57.57 -14.53 18.00
C GLU D 145 56.59 -14.82 16.85
N THR D 146 55.86 -13.79 16.40
CA THR D 146 54.99 -13.98 15.25
C THR D 146 55.83 -14.02 13.96
N MET D 147 55.23 -14.49 12.87
CA MET D 147 55.88 -14.52 11.56
C MET D 147 56.17 -13.09 11.12
N ALA D 148 55.19 -12.19 11.34
CA ALA D 148 55.35 -10.74 11.18
C ALA D 148 56.60 -10.18 11.90
N GLU D 149 56.78 -10.53 13.19
CA GLU D 149 57.94 -10.05 13.96
C GLU D 149 59.25 -10.66 13.42
N ALA D 150 59.23 -11.96 13.14
CA ALA D 150 60.35 -12.60 12.44
C ALA D 150 60.81 -11.87 11.15
N PHE D 151 59.84 -11.46 10.31
CA PHE D 151 60.21 -10.76 9.07
C PHE D 151 60.61 -9.29 9.30
N GLU D 152 60.15 -8.69 10.39
CA GLU D 152 60.63 -7.36 10.77
C GLU D 152 62.14 -7.42 11.04
N THR D 153 62.55 -8.42 11.81
CA THR D 153 63.98 -8.69 12.04
C THR D 153 64.78 -8.95 10.76
N PHE D 154 64.28 -9.86 9.92
CA PHE D 154 64.87 -10.10 8.62
C PHE D 154 65.07 -8.80 7.82
N LEU D 155 64.05 -7.95 7.78
CA LEU D 155 64.12 -6.67 7.06
C LEU D 155 65.16 -5.65 7.64
N GLN D 156 65.31 -5.62 8.96
CA GLN D 156 66.41 -4.84 9.58
C GLN D 156 67.77 -5.37 9.13
N VAL D 157 67.92 -6.69 9.06
CA VAL D 157 69.17 -7.28 8.56
C VAL D 157 69.39 -7.06 7.05
N PHE D 158 68.31 -7.17 6.27
CA PHE D 158 68.39 -6.92 4.83
C PHE D 158 67.47 -5.79 4.37
N PRO D 159 67.82 -4.51 4.71
CA PRO D 159 66.93 -3.36 4.49
C PRO D 159 66.75 -2.99 3.02
N GLU D 160 67.53 -3.60 2.13
CA GLU D 160 67.38 -3.41 0.68
C GLU D 160 66.22 -4.24 0.08
N THR D 161 65.73 -5.23 0.83
CA THR D 161 64.61 -6.07 0.38
C THR D 161 63.39 -5.21 0.14
N LYS D 162 62.81 -5.29 -1.06
CA LYS D 162 61.60 -4.56 -1.35
C LYS D 162 60.42 -5.49 -1.55
N ALA D 163 60.72 -6.75 -1.90
CA ALA D 163 59.71 -7.73 -2.23
C ALA D 163 60.15 -9.15 -1.87
N ILE D 164 59.17 -9.99 -1.50
CA ILE D 164 59.46 -11.39 -1.14
C ILE D 164 58.50 -12.36 -1.81
N VAL D 165 59.07 -13.41 -2.38
CA VAL D 165 58.34 -14.46 -3.13
C VAL D 165 57.76 -15.48 -2.14
N ILE D 166 56.47 -15.78 -2.30
CA ILE D 166 55.71 -16.65 -1.43
C ILE D 166 54.95 -17.71 -2.25
N GLY D 167 55.13 -18.98 -1.89
CA GLY D 167 54.45 -20.08 -2.59
C GLY D 167 53.07 -20.40 -2.08
N ILE D 168 52.21 -19.40 -2.08
CA ILE D 168 50.82 -19.50 -1.60
C ILE D 168 49.87 -19.67 -2.82
N ARG D 169 48.75 -20.34 -2.62
CA ARG D 169 47.78 -20.60 -3.69
C ARG D 169 46.39 -20.12 -3.26
N HIS D 170 45.54 -19.76 -4.24
CA HIS D 170 44.18 -19.27 -3.95
C HIS D 170 43.36 -20.27 -3.09
N THR D 171 43.59 -21.58 -3.29
CA THR D 171 42.94 -22.64 -2.48
C THR D 171 43.41 -22.72 -1.00
N ASP D 172 44.48 -22.00 -0.67
CA ASP D 172 44.95 -21.93 0.70
C ASP D 172 44.02 -21.06 1.57
N PRO D 173 44.06 -21.25 2.91
CA PRO D 173 43.26 -20.40 3.78
C PRO D 173 43.58 -18.94 3.55
N PHE D 174 42.51 -18.14 3.45
CA PHE D 174 42.62 -16.70 3.19
C PHE D 174 43.36 -16.43 1.87
N GLY D 175 43.30 -17.38 0.96
CA GLY D 175 43.92 -17.25 -0.35
C GLY D 175 43.06 -16.63 -1.43
N GLU D 176 41.75 -16.46 -1.17
CA GLU D 176 40.79 -16.03 -2.20
C GLU D 176 41.14 -14.65 -2.77
N HIS D 177 41.49 -13.74 -1.89
CA HIS D 177 41.65 -12.38 -2.30
C HIS D 177 43.11 -11.95 -2.44
N LEU D 178 44.00 -12.93 -2.64
CA LEU D 178 45.41 -12.62 -2.85
C LEU D 178 45.65 -12.27 -4.33
N LYS D 179 46.65 -11.43 -4.57
CA LYS D 179 47.04 -10.97 -5.90
C LYS D 179 48.53 -11.31 -6.19
N PRO D 180 48.90 -11.51 -7.48
CA PRO D 180 50.30 -11.88 -7.77
C PRO D 180 51.36 -10.89 -7.28
N ILE D 181 50.98 -9.61 -7.17
CA ILE D 181 51.84 -8.57 -6.61
C ILE D 181 50.98 -7.68 -5.71
N GLN D 182 51.36 -7.56 -4.44
CA GLN D 182 50.45 -7.10 -3.42
C GLN D 182 51.27 -6.70 -2.19
N LYS D 183 51.06 -5.50 -1.65
CA LYS D 183 51.73 -5.13 -0.39
C LYS D 183 51.26 -6.05 0.74
N THR D 184 52.12 -6.23 1.73
CA THR D 184 51.76 -6.89 2.98
C THR D 184 50.62 -6.15 3.69
N ASP D 185 50.02 -6.80 4.69
CA ASP D 185 48.99 -6.19 5.56
C ASP D 185 49.45 -5.12 6.52
N ALA D 186 48.49 -4.35 6.99
CA ALA D 186 48.69 -3.35 8.05
C ALA D 186 49.54 -3.86 9.18
N ASN D 187 49.37 -5.14 9.53
CA ASN D 187 50.03 -5.73 10.69
C ASN D 187 51.45 -6.28 10.46
N TRP D 188 51.85 -6.32 9.19
CA TRP D 188 53.16 -6.82 8.78
C TRP D 188 54.14 -5.69 8.47
N PRO D 189 55.45 -6.00 8.53
CA PRO D 189 56.42 -5.08 7.94
C PRO D 189 56.09 -4.75 6.49
N ASP D 190 56.54 -3.58 6.05
CA ASP D 190 56.24 -3.09 4.70
C ASP D 190 57.11 -3.71 3.58
N PHE D 191 56.55 -4.63 2.81
CA PHE D 191 57.16 -5.05 1.54
C PHE D 191 56.08 -5.51 0.59
N TYR D 192 56.44 -5.74 -0.65
CA TYR D 192 55.55 -6.35 -1.59
C TYR D 192 55.65 -7.88 -1.52
N ARG D 193 54.50 -8.54 -1.38
CA ARG D 193 54.36 -9.97 -1.62
C ARG D 193 54.30 -10.27 -3.11
N LEU D 194 55.13 -11.22 -3.54
CA LEU D 194 55.19 -11.67 -4.89
C LEU D 194 54.66 -13.08 -4.85
N GLN D 195 53.46 -13.25 -5.44
CA GLN D 195 52.73 -14.50 -5.31
C GLN D 195 52.31 -15.03 -6.67
N PRO D 196 53.27 -15.60 -7.43
CA PRO D 196 53.05 -16.03 -8.80
C PRO D 196 52.52 -17.48 -9.00
N LEU D 197 52.18 -18.15 -7.92
CA LEU D 197 51.66 -19.54 -7.90
C LEU D 197 50.16 -19.63 -7.59
N LEU D 198 49.49 -18.48 -7.47
CA LEU D 198 48.13 -18.43 -6.94
C LEU D 198 47.13 -19.33 -7.65
N HIS D 199 47.21 -19.40 -8.98
CA HIS D 199 46.30 -20.17 -9.84
C HIS D 199 46.62 -21.67 -9.91
N TRP D 200 47.64 -22.12 -9.18
CA TRP D 200 48.01 -23.55 -9.20
C TRP D 200 47.06 -24.34 -8.31
N ASN D 201 46.62 -25.49 -8.80
CA ASN D 201 45.88 -26.39 -7.95
C ASN D 201 46.74 -27.61 -7.59
N LEU D 202 46.23 -28.44 -6.70
CA LEU D 202 46.99 -29.56 -6.16
C LEU D 202 47.44 -30.55 -7.22
N ALA D 203 46.57 -30.84 -8.18
CA ALA D 203 46.93 -31.70 -9.34
C ALA D 203 48.09 -31.16 -10.15
N ASN D 204 48.10 -29.84 -10.39
CA ASN D 204 49.17 -29.21 -11.19
C ASN D 204 50.51 -29.35 -10.44
N ILE D 205 50.44 -29.10 -9.13
CA ILE D 205 51.59 -29.20 -8.21
C ILE D 205 52.23 -30.58 -8.22
N TRP D 206 51.45 -31.64 -7.98
CA TRP D 206 52.00 -33.00 -8.05
C TRP D 206 52.49 -33.34 -9.47
N SER D 207 51.71 -33.00 -10.53
CA SER D 207 52.17 -33.33 -11.91
C SER D 207 53.60 -32.77 -12.16
N PHE D 208 53.80 -31.47 -11.93
CA PHE D 208 55.07 -30.85 -12.22
C PHE D 208 56.21 -31.33 -11.30
N LEU D 209 55.92 -31.39 -10.00
CA LEU D 209 56.93 -31.77 -9.02
C LEU D 209 57.41 -33.21 -9.25
N LEU D 210 56.48 -34.11 -9.58
CA LEU D 210 56.88 -35.48 -9.92
C LEU D 210 57.68 -35.58 -11.24
N TYR D 211 57.21 -34.93 -12.29
CA TYR D 211 57.94 -34.87 -13.55
C TYR D 211 59.37 -34.32 -13.37
N SER D 212 59.54 -33.37 -12.45
CA SER D 212 60.81 -32.65 -12.30
C SER D 212 61.98 -33.57 -11.94
N ASN D 213 61.70 -34.69 -11.27
CA ASN D 213 62.74 -35.63 -10.80
C ASN D 213 63.66 -34.99 -9.74
N GLU D 214 63.13 -33.96 -9.11
CA GLU D 214 63.74 -33.35 -7.93
C GLU D 214 63.34 -34.12 -6.68
N PRO D 215 64.24 -34.13 -5.68
CA PRO D 215 63.90 -34.73 -4.39
C PRO D 215 62.72 -33.96 -3.78
N ILE D 216 61.74 -34.70 -3.27
CA ILE D 216 60.53 -34.11 -2.69
C ILE D 216 60.58 -34.41 -1.19
N CYS D 217 60.17 -33.46 -0.35
CA CYS D 217 60.09 -33.74 1.09
C CYS D 217 59.43 -35.07 1.40
N GLU D 218 60.12 -35.93 2.15
CA GLU D 218 59.65 -37.32 2.31
C GLU D 218 58.36 -37.50 3.11
N LEU D 219 57.95 -36.48 3.88
CA LEU D 219 56.65 -36.50 4.55
C LEU D 219 55.50 -36.76 3.55
N TYR D 220 55.62 -36.22 2.35
CA TYR D 220 54.59 -36.40 1.34
C TYR D 220 54.53 -37.85 0.90
N ARG D 221 55.69 -38.50 0.76
CA ARG D 221 55.74 -39.95 0.47
C ARG D 221 54.95 -40.81 1.48
N TYR D 222 54.88 -40.35 2.73
CA TYR D 222 54.23 -41.07 3.83
C TYR D 222 52.78 -40.67 4.08
N GLY D 223 52.22 -39.88 3.16
CA GLY D 223 50.79 -39.56 3.17
C GLY D 223 50.37 -38.16 3.58
N PHE D 224 51.34 -37.32 3.92
CA PHE D 224 51.06 -35.90 4.21
C PHE D 224 50.75 -35.20 2.87
N THR D 225 49.85 -34.20 2.90
CA THR D 225 49.51 -33.40 1.72
C THR D 225 49.62 -31.89 2.04
N SER D 226 49.85 -31.61 3.32
CA SER D 226 49.96 -30.26 3.88
C SER D 226 50.85 -30.37 5.11
N LEU D 227 51.78 -29.43 5.28
CA LEU D 227 52.72 -29.51 6.38
C LEU D 227 52.54 -28.39 7.40
N GLY D 228 52.14 -28.77 8.60
CA GLY D 228 52.01 -27.80 9.70
C GLY D 228 53.00 -28.22 10.77
N ASN D 229 52.73 -27.85 12.02
CA ASN D 229 53.68 -28.20 13.05
C ASN D 229 53.55 -29.68 13.48
N VAL D 230 54.56 -30.20 14.16
CA VAL D 230 54.61 -31.60 14.57
C VAL D 230 53.35 -32.07 15.34
N GLU D 231 52.75 -31.18 16.11
CA GLU D 231 51.64 -31.59 16.96
C GLU D 231 50.28 -31.39 16.31
N GLU D 232 50.25 -30.80 15.13
CA GLU D 232 48.96 -30.47 14.51
C GLU D 232 48.78 -31.07 13.11
N THR D 233 49.72 -31.91 12.71
CA THR D 233 49.76 -32.44 11.35
C THR D 233 49.91 -33.95 11.33
N LEU D 234 49.08 -34.58 10.52
CA LEU D 234 49.03 -36.02 10.39
C LEU D 234 48.93 -36.30 8.91
N PRO D 235 49.30 -37.52 8.48
CA PRO D 235 49.00 -37.97 7.12
C PRO D 235 47.50 -37.72 6.85
N ASN D 236 47.16 -37.52 5.60
CA ASN D 236 45.79 -37.20 5.23
C ASN D 236 44.87 -38.41 5.43
N PRO D 237 43.81 -38.26 6.26
CA PRO D 237 42.86 -39.36 6.52
C PRO D 237 42.21 -39.95 5.26
N HIS D 238 42.05 -39.13 4.22
CA HIS D 238 41.43 -39.55 2.96
C HIS D 238 42.38 -40.42 2.14
N LEU D 239 43.64 -40.48 2.56
CA LEU D 239 44.62 -41.33 1.90
C LEU D 239 44.91 -42.64 2.66
N ARG D 240 44.19 -42.86 3.75
CA ARG D 240 44.37 -44.06 4.56
C ARG D 240 43.92 -45.29 3.80
N LYS D 241 44.77 -46.30 3.78
CA LYS D 241 44.47 -47.57 3.13
C LYS D 241 43.54 -48.43 4.01
N ASP D 242 42.58 -49.09 3.38
CA ASP D 242 41.70 -50.05 4.07
C ASP D 242 41.28 -51.14 3.10
N LYS D 243 41.23 -52.38 3.61
CA LYS D 243 40.88 -53.56 2.80
C LYS D 243 39.55 -53.52 2.06
N ASN D 244 38.51 -53.00 2.71
CA ASN D 244 37.14 -53.17 2.17
C ASN D 244 36.71 -52.03 1.25
N SER D 245 37.67 -51.18 0.83
CA SER D 245 37.37 -50.01 -0.01
C SER D 245 38.22 -50.01 -1.28
N THR D 246 37.66 -49.48 -2.36
CA THR D 246 38.33 -49.41 -3.65
C THR D 246 39.68 -48.71 -3.52
N PRO D 247 40.76 -49.36 -4.00
CA PRO D 247 42.06 -48.70 -4.02
C PRO D 247 42.00 -47.39 -4.80
N LEU D 248 42.74 -46.40 -4.33
CA LEU D 248 42.83 -45.11 -5.00
C LEU D 248 43.67 -45.24 -6.28
N LYS D 249 43.36 -44.41 -7.28
CA LYS D 249 44.07 -44.49 -8.55
C LYS D 249 45.02 -43.31 -8.67
N LEU D 250 46.13 -43.54 -9.35
CA LEU D 250 47.19 -42.56 -9.53
C LEU D 250 46.99 -41.74 -10.82
N ASN D 251 47.05 -40.42 -10.72
CA ASN D 251 46.91 -39.54 -11.89
C ASN D 251 48.24 -39.21 -12.56
N PHE D 252 49.35 -39.61 -11.91
CA PHE D 252 50.67 -39.13 -12.32
C PHE D 252 51.66 -40.21 -12.71
N GLU D 253 51.14 -41.36 -13.13
CA GLU D 253 51.99 -42.46 -13.60
C GLU D 253 52.94 -42.03 -14.73
N TRP D 254 52.39 -41.33 -15.73
CA TRP D 254 53.20 -40.86 -16.86
C TRP D 254 54.38 -39.97 -16.44
N GLU D 255 54.08 -38.95 -15.62
CA GLU D 255 55.08 -38.02 -15.11
C GLU D 255 56.18 -38.76 -14.36
N ILE D 256 55.81 -39.75 -13.55
CA ILE D 256 56.79 -40.50 -12.78
C ILE D 256 57.69 -41.34 -13.72
N GLU D 257 57.06 -42.10 -14.63
CA GLU D 257 57.80 -42.98 -15.56
C GLU D 257 58.67 -42.17 -16.50
N ASN D 258 58.15 -41.03 -16.93
CA ASN D 258 58.85 -40.16 -17.88
C ASN D 258 59.56 -38.94 -17.27
N ARG D 259 59.80 -38.97 -15.97
CA ARG D 259 60.44 -37.86 -15.25
C ARG D 259 61.75 -37.42 -15.89
N TYR D 260 62.06 -36.13 -15.70
CA TYR D 260 63.20 -35.48 -16.34
C TYR D 260 64.56 -36.11 -15.96
N LYS D 261 65.25 -36.67 -16.95
CA LYS D 261 66.49 -37.37 -16.66
C LYS D 261 67.63 -36.42 -16.33
N HIS D 262 68.51 -36.87 -15.44
CA HIS D 262 69.65 -36.07 -15.01
C HIS D 262 70.95 -36.59 -15.61
N ASN D 263 72.03 -35.87 -15.39
CA ASN D 263 73.37 -36.31 -15.80
C ASN D 263 74.30 -36.28 -14.57
N GLU D 264 75.62 -36.32 -14.78
CA GLU D 264 76.57 -36.26 -13.67
C GLU D 264 76.52 -34.92 -12.92
N VAL D 265 76.27 -33.84 -13.65
CA VAL D 265 76.15 -32.50 -13.05
C VAL D 265 74.83 -32.31 -12.24
N THR D 266 73.73 -32.81 -12.77
CA THR D 266 72.38 -32.50 -12.23
C THR D 266 71.78 -33.62 -11.39
N LYS D 267 72.54 -34.69 -11.22
CA LYS D 267 72.17 -35.83 -10.36
C LYS D 267 71.60 -35.40 -8.99
N ALA D 268 70.50 -36.02 -8.58
CA ALA D 268 69.87 -35.68 -7.31
C ALA D 268 70.13 -36.76 -6.27
N GLU D 269 70.77 -36.35 -5.17
CA GLU D 269 71.00 -37.23 -4.03
C GLU D 269 69.68 -37.40 -3.26
N PRO D 270 69.41 -38.62 -2.73
CA PRO D 270 68.19 -38.79 -1.95
C PRO D 270 68.27 -38.06 -0.59
N ILE D 271 67.17 -37.40 -0.23
CA ILE D 271 67.09 -36.66 1.05
C ILE D 271 66.08 -37.39 1.93
N PRO D 272 66.57 -38.27 2.83
CA PRO D 272 65.68 -39.17 3.56
C PRO D 272 64.89 -38.53 4.70
N ILE D 273 63.85 -39.25 5.12
CA ILE D 273 62.99 -38.87 6.24
C ILE D 273 63.80 -38.94 7.54
N ALA D 274 63.51 -38.04 8.47
CA ALA D 274 64.13 -38.07 9.78
C ALA D 274 63.63 -39.23 10.64
N ASP D 275 64.54 -39.83 11.38
CA ASP D 275 64.21 -40.97 12.21
C ASP D 275 63.10 -40.67 13.20
N GLU D 276 63.12 -39.53 13.86
CA GLU D 276 62.04 -39.22 14.81
C GLU D 276 60.63 -39.16 14.17
N ASP D 277 60.53 -38.68 12.94
CA ASP D 277 59.24 -38.65 12.22
C ASP D 277 58.83 -40.04 11.76
N LEU D 278 59.80 -40.75 11.16
CA LEU D 278 59.62 -42.12 10.68
C LEU D 278 59.03 -42.97 11.79
N VAL D 279 59.72 -42.99 12.94
CA VAL D 279 59.27 -43.71 14.13
C VAL D 279 57.82 -43.39 14.53
N LYS D 280 57.47 -42.10 14.55
CA LYS D 280 56.10 -41.65 14.86
C LYS D 280 55.06 -42.11 13.84
N ILE D 281 55.38 -41.98 12.55
CA ILE D 281 54.46 -42.33 11.45
C ILE D 281 54.26 -43.84 11.37
N GLU D 282 55.37 -44.56 11.54
CA GLU D 282 55.46 -46.02 11.49
C GLU D 282 54.66 -46.67 12.62
N ASN D 283 54.50 -45.95 13.72
CA ASN D 283 53.71 -46.45 14.85
C ASN D 283 52.30 -45.87 14.89
N LEU D 284 51.72 -45.56 13.71
CA LEU D 284 50.37 -44.98 13.66
C LEU D 284 49.27 -46.01 13.55
N HIS D 285 49.64 -47.22 13.13
CA HIS D 285 48.73 -48.38 13.00
C HIS D 285 47.77 -48.24 11.80
N GLU D 286 48.16 -47.34 10.89
CA GLU D 286 47.42 -47.04 9.68
C GLU D 286 48.47 -46.81 8.61
N ASP D 287 48.22 -47.27 7.39
CA ASP D 287 49.10 -46.91 6.28
C ASP D 287 48.40 -45.95 5.32
N TYR D 288 49.19 -45.16 4.59
CA TYR D 288 48.66 -44.11 3.72
C TYR D 288 49.26 -44.21 2.33
N TYR D 289 48.43 -43.96 1.33
CA TYR D 289 48.93 -43.61 -0.01
C TYR D 289 49.80 -42.37 0.11
N PRO D 290 50.81 -42.22 -0.79
CA PRO D 290 51.56 -40.96 -0.78
C PRO D 290 50.68 -39.78 -1.14
N GLY D 291 51.11 -38.57 -0.74
CA GLY D 291 50.36 -37.33 -0.92
C GLY D 291 49.80 -37.13 -2.32
N TRP D 292 50.56 -37.55 -3.34
CA TRP D 292 50.15 -37.33 -4.73
C TRP D 292 48.97 -38.22 -5.17
N TYR D 293 48.46 -39.06 -4.28
CA TYR D 293 47.13 -39.65 -4.52
C TYR D 293 45.95 -38.72 -4.20
N LEU D 294 46.25 -37.55 -3.64
CA LEU D 294 45.21 -36.55 -3.44
C LEU D 294 45.28 -35.46 -4.51
N VAL D 295 44.15 -35.25 -5.19
CA VAL D 295 44.08 -34.17 -6.14
C VAL D 295 42.92 -33.25 -5.85
N ASP D 296 42.15 -33.52 -4.80
CA ASP D 296 41.07 -32.61 -4.34
C ASP D 296 41.57 -31.49 -3.40
N ASP D 297 41.62 -30.27 -3.92
CA ASP D 297 42.02 -29.09 -3.15
C ASP D 297 41.24 -28.88 -1.86
N LYS D 298 39.97 -29.26 -1.87
CA LYS D 298 39.13 -29.11 -0.69
C LYS D 298 39.55 -30.01 0.49
N LEU D 299 40.43 -30.96 0.23
CA LEU D 299 40.78 -31.90 1.26
C LEU D 299 42.24 -31.79 1.62
N GLU D 300 42.94 -30.85 0.98
CA GLU D 300 44.41 -30.73 1.15
C GLU D 300 44.81 -30.66 2.61
N ARG D 301 44.03 -29.95 3.42
CA ARG D 301 44.34 -29.78 4.84
C ARG D 301 43.59 -30.74 5.77
N ALA D 302 43.02 -31.81 5.23
CA ALA D 302 42.29 -32.74 6.10
C ALA D 302 43.13 -33.35 7.25
N GLY D 303 44.47 -33.36 7.11
CA GLY D 303 45.37 -33.92 8.16
C GLY D 303 45.80 -32.87 9.17
N ARG D 304 45.23 -31.67 9.03
CA ARG D 304 45.51 -30.54 9.90
C ARG D 304 44.22 -30.02 10.59
N MET E 5 29.16 -12.19 9.45
CA MET E 5 28.70 -12.24 10.88
C MET E 5 27.29 -11.74 11.06
N ARG E 6 26.48 -12.50 11.81
CA ARG E 6 25.15 -12.04 12.20
C ARG E 6 25.28 -10.78 13.05
N LEU E 7 24.25 -9.93 13.00
CA LEU E 7 24.40 -8.58 13.55
C LEU E 7 24.73 -8.58 15.04
N GLY E 8 24.08 -9.48 15.78
CA GLY E 8 24.25 -9.59 17.23
C GLY E 8 25.67 -9.96 17.58
N ASP E 9 26.26 -10.86 16.79
CA ASP E 9 27.64 -11.25 16.95
C ASP E 9 28.59 -10.12 16.56
N ALA E 10 28.31 -9.46 15.43
CA ALA E 10 29.07 -8.26 14.98
C ALA E 10 29.10 -7.17 16.04
N ALA E 11 27.95 -6.88 16.64
CA ALA E 11 27.79 -5.83 17.65
C ALA E 11 28.53 -6.18 18.94
N GLU E 12 28.47 -7.45 19.33
CA GLU E 12 29.12 -7.91 20.55
C GLU E 12 30.65 -7.85 20.40
N LEU E 13 31.12 -8.20 19.20
CA LEU E 13 32.53 -8.12 18.85
C LEU E 13 32.99 -6.64 18.94
N CYS E 14 32.19 -5.72 18.39
CA CYS E 14 32.56 -4.30 18.48
C CYS E 14 32.56 -3.83 19.93
N TYR E 15 31.59 -4.31 20.72
CA TYR E 15 31.53 -3.97 22.12
C TYR E 15 32.78 -4.47 22.86
N ASN E 16 33.18 -5.73 22.60
CA ASN E 16 34.36 -6.30 23.25
C ASN E 16 35.66 -5.66 22.83
N LEU E 17 35.74 -5.37 21.54
CA LEU E 17 36.83 -4.68 20.89
C LEU E 17 37.00 -3.29 21.50
N THR E 18 35.87 -2.60 21.61
CA THR E 18 35.85 -1.24 22.13
C THR E 18 36.14 -1.24 23.63
N SER E 19 35.57 -2.19 24.38
CA SER E 19 35.84 -2.22 25.83
C SER E 19 37.30 -2.59 26.11
N SER E 20 37.84 -3.48 25.28
CA SER E 20 39.23 -3.89 25.37
C SER E 20 40.19 -2.69 25.16
N TYR E 21 39.88 -1.87 24.16
CA TYR E 21 40.66 -0.66 23.90
C TYR E 21 40.59 0.30 25.10
N LEU E 22 39.39 0.46 25.68
CA LEU E 22 39.21 1.33 26.85
C LEU E 22 39.98 0.83 28.07
N GLN E 23 40.32 -0.46 28.09
CA GLN E 23 41.09 -1.02 29.22
C GLN E 23 42.60 -0.93 29.04
N ILE E 24 43.07 -0.46 27.89
CA ILE E 24 44.51 -0.21 27.73
C ILE E 24 44.97 0.82 28.77
N ALA E 25 45.97 0.46 29.56
CA ALA E 25 46.56 1.40 30.51
C ALA E 25 47.52 2.26 29.70
N ALA E 26 47.21 3.55 29.61
CA ALA E 26 47.96 4.46 28.76
C ALA E 26 48.32 5.73 29.51
N GLU E 27 49.47 6.31 29.17
CA GLU E 27 49.92 7.56 29.78
C GLU E 27 49.07 8.77 29.33
N SER E 28 49.01 9.81 30.15
CA SER E 28 48.13 10.96 29.90
C SER E 28 48.54 11.81 28.69
N ASP E 29 49.80 11.67 28.29
CA ASP E 29 50.30 12.35 27.09
C ASP E 29 50.23 11.47 25.83
N SER E 30 49.44 10.39 25.88
CA SER E 30 49.44 9.44 24.76
C SER E 30 48.27 9.61 23.80
N ILE E 31 48.51 9.26 22.53
CA ILE E 31 47.43 9.12 21.56
C ILE E 31 46.38 8.14 22.07
N ILE E 32 46.81 7.02 22.67
CA ILE E 32 45.84 6.03 23.14
C ILE E 32 44.87 6.59 24.18
N ALA E 33 45.37 7.32 25.19
CA ALA E 33 44.51 7.88 26.21
C ALA E 33 43.52 8.89 25.60
N GLN E 34 44.00 9.68 24.64
CA GLN E 34 43.19 10.70 23.97
C GLN E 34 42.07 10.03 23.19
N THR E 35 42.41 8.89 22.58
CA THR E 35 41.46 8.10 21.81
C THR E 35 40.39 7.49 22.76
N GLN E 36 40.82 7.02 23.93
CA GLN E 36 39.87 6.52 24.91
C GLN E 36 38.86 7.62 25.29
N ARG E 37 39.34 8.85 25.38
CA ARG E 37 38.50 10.02 25.70
C ARG E 37 37.53 10.33 24.58
N ALA E 38 38.02 10.29 23.35
CA ALA E 38 37.19 10.40 22.14
C ALA E 38 36.08 9.34 22.07
N ILE E 39 36.41 8.09 22.42
CA ILE E 39 35.43 6.98 22.47
C ILE E 39 34.30 7.29 23.45
N ASN E 40 34.66 7.72 24.66
CA ASN E 40 33.64 7.92 25.72
C ASN E 40 32.69 9.09 25.40
N THR E 41 33.19 10.12 24.73
CA THR E 41 32.33 11.21 24.24
C THR E 41 31.37 10.71 23.16
N THR E 42 31.89 9.91 22.23
CA THR E 42 31.05 9.27 21.20
C THR E 42 29.97 8.37 21.84
N LYS E 43 30.37 7.53 22.79
CA LYS E 43 29.41 6.67 23.50
C LYS E 43 28.31 7.48 24.17
N SER E 44 28.73 8.54 24.86
CA SER E 44 27.80 9.46 25.53
C SER E 44 26.82 10.14 24.58
N ILE E 45 27.31 10.59 23.43
CA ILE E 45 26.44 11.19 22.41
C ILE E 45 25.37 10.20 21.95
N LEU E 46 25.79 8.97 21.61
CA LEU E 46 24.87 7.96 21.11
C LEU E 46 23.90 7.44 22.17
N ILE E 47 24.44 6.94 23.28
CA ILE E 47 23.66 6.30 24.35
C ILE E 47 22.82 7.29 25.17
N ASN E 48 23.38 8.44 25.51
CA ASN E 48 22.70 9.48 26.27
C ASN E 48 21.83 10.44 25.46
N GLU E 49 22.28 10.83 24.27
CA GLU E 49 21.64 11.94 23.55
C GLU E 49 20.86 11.53 22.32
N THR E 50 21.23 10.39 21.74
CA THR E 50 20.66 9.96 20.48
C THR E 50 19.60 8.86 20.64
N PHE E 51 19.98 7.73 21.22
CA PHE E 51 19.08 6.58 21.30
C PHE E 51 17.77 6.86 22.08
N PRO E 52 17.81 7.73 23.14
CA PRO E 52 16.56 8.21 23.81
C PRO E 52 15.61 9.05 22.94
N LYS E 53 16.13 9.69 21.90
CA LYS E 53 15.29 10.51 21.01
C LYS E 53 14.77 9.70 19.82
N TRP E 54 15.67 8.94 19.18
CA TRP E 54 15.31 8.16 18.02
C TRP E 54 15.74 6.71 18.13
N SER E 55 14.83 5.83 17.72
CA SER E 55 15.03 4.39 17.78
C SER E 55 16.05 3.93 16.74
N PRO E 56 17.10 3.22 17.19
CA PRO E 56 18.01 2.59 16.23
C PRO E 56 17.46 1.26 15.71
N LEU E 57 16.25 0.90 16.16
CA LEU E 57 15.66 -0.41 15.84
C LEU E 57 14.58 -0.45 14.76
N ASN E 58 13.89 0.67 14.55
CA ASN E 58 12.67 0.65 13.76
C ASN E 58 12.72 1.52 12.51
N GLY E 59 13.95 1.80 12.05
CA GLY E 59 14.17 2.59 10.84
C GLY E 59 14.19 4.09 11.05
N GLU E 60 13.97 4.56 12.28
CA GLU E 60 14.06 6.01 12.54
C GLU E 60 15.46 6.53 12.27
N ILE E 61 16.46 5.71 12.58
CA ILE E 61 17.85 6.03 12.26
C ILE E 61 18.36 5.17 11.09
N SER E 62 18.99 5.82 10.12
CA SER E 62 19.75 5.13 9.10
C SER E 62 21.24 5.52 9.29
N PHE E 63 22.14 4.65 8.86
CA PHE E 63 23.57 4.88 9.04
C PHE E 63 24.18 5.21 7.67
N SER E 64 24.77 6.39 7.48
CA SER E 64 25.42 6.63 6.18
C SER E 64 26.85 6.04 6.11
N TYR E 65 27.03 5.07 5.21
CA TYR E 65 28.26 4.28 5.13
C TYR E 65 28.81 4.23 3.72
N ASN E 66 30.07 4.65 3.58
CA ASN E 66 30.76 4.53 2.29
C ASN E 66 32.16 3.93 2.41
N GLY E 67 32.39 3.15 3.48
CA GLY E 67 33.59 2.31 3.60
C GLY E 67 34.90 3.00 3.92
N GLY E 68 34.86 4.34 4.03
CA GLY E 68 36.01 5.14 4.49
C GLY E 68 36.38 4.85 5.94
N LYS E 69 37.59 5.27 6.33
CA LYS E 69 38.14 5.00 7.65
C LYS E 69 37.30 5.61 8.78
N ASP E 70 36.81 6.81 8.55
CA ASP E 70 36.07 7.55 9.55
C ASP E 70 34.69 6.93 9.76
N CYS E 71 33.92 6.67 8.69
CA CYS E 71 32.62 6.02 8.92
C CYS E 71 32.78 4.58 9.38
N GLN E 72 33.89 3.92 9.04
CA GLN E 72 34.14 2.58 9.59
C GLN E 72 34.39 2.64 11.11
N VAL E 73 35.24 3.55 11.58
CA VAL E 73 35.48 3.66 13.03
C VAL E 73 34.12 3.91 13.69
N LEU E 74 33.33 4.79 13.09
CA LEU E 74 32.05 5.19 13.64
C LEU E 74 31.06 4.02 13.71
N LEU E 75 31.06 3.16 12.71
CA LEU E 75 30.19 1.97 12.68
C LEU E 75 30.55 1.04 13.78
N LEU E 76 31.84 0.83 13.98
CA LEU E 76 32.34 -0.05 15.02
C LEU E 76 31.88 0.45 16.38
N LEU E 77 32.00 1.77 16.59
CA LEU E 77 31.52 2.39 17.83
C LEU E 77 30.00 2.36 17.96
N TYR E 78 29.29 2.57 16.85
CA TYR E 78 27.83 2.54 16.80
C TYR E 78 27.31 1.12 17.13
N LEU E 79 27.90 0.10 16.50
CA LEU E 79 27.55 -1.28 16.84
C LEU E 79 27.86 -1.62 18.31
N SER E 80 29.02 -1.18 18.79
CA SER E 80 29.35 -1.31 20.22
C SER E 80 28.26 -0.69 21.13
N CYS E 81 27.80 0.51 20.77
CA CYS E 81 26.75 1.21 21.55
C CYS E 81 25.39 0.52 21.51
N LEU E 82 25.02 -0.01 20.35
CA LEU E 82 23.86 -0.88 20.21
C LEU E 82 23.88 -2.08 21.18
N TRP E 83 24.99 -2.81 21.20
CA TRP E 83 25.15 -3.89 22.15
C TRP E 83 25.04 -3.40 23.58
N GLU E 84 25.74 -2.29 23.89
CA GLU E 84 25.78 -1.74 25.25
C GLU E 84 24.39 -1.34 25.71
N TYR E 85 23.66 -0.68 24.81
CA TYR E 85 22.34 -0.14 25.07
C TYR E 85 21.29 -1.20 25.28
N TYR E 86 21.28 -2.22 24.42
CA TYR E 86 20.26 -3.27 24.48
C TYR E 86 20.64 -4.47 25.33
N ILE E 87 21.92 -4.84 25.33
CA ILE E 87 22.40 -6.00 26.09
C ILE E 87 23.31 -5.52 27.21
N PHE E 102 19.44 -10.09 21.00
CA PHE E 102 19.74 -8.87 20.25
C PHE E 102 18.59 -8.50 19.32
N PRO E 103 17.99 -7.31 19.52
CA PRO E 103 16.72 -6.89 18.91
C PRO E 103 16.72 -6.59 17.39
N LEU E 104 17.81 -6.85 16.69
CA LEU E 104 17.89 -6.44 15.28
C LEU E 104 18.71 -7.44 14.49
N THR E 105 18.28 -7.77 13.28
CA THR E 105 19.04 -8.73 12.45
C THR E 105 19.85 -8.10 11.31
N LYS E 106 19.46 -6.90 10.86
CA LYS E 106 20.26 -6.14 9.85
C LYS E 106 20.27 -4.66 10.24
N LEU E 107 21.41 -3.97 10.06
CA LEU E 107 21.48 -2.51 10.32
C LEU E 107 21.09 -1.64 9.11
N PRO E 108 20.02 -0.84 9.23
CA PRO E 108 19.61 0.03 8.11
C PRO E 108 20.69 1.05 7.71
N THR E 109 21.15 0.93 6.47
CA THR E 109 22.37 1.60 6.00
C THR E 109 22.11 2.21 4.66
N VAL E 110 22.78 3.33 4.36
CA VAL E 110 22.62 4.01 3.09
C VAL E 110 23.96 4.43 2.47
N PHE E 111 24.16 4.01 1.22
CA PHE E 111 25.30 4.38 0.42
C PHE E 111 24.88 5.01 -0.89
N ILE E 112 25.32 6.27 -1.11
CA ILE E 112 25.10 6.94 -2.37
C ILE E 112 26.26 6.63 -3.32
N ASP E 113 25.96 5.82 -4.33
CA ASP E 113 27.00 5.33 -5.24
C ASP E 113 27.21 6.35 -6.34
N HIS E 114 28.44 6.42 -6.86
CA HIS E 114 28.79 7.32 -7.96
C HIS E 114 29.62 6.58 -9.00
N ASP E 115 29.49 6.97 -10.28
CA ASP E 115 30.24 6.31 -11.33
C ASP E 115 31.77 6.52 -11.18
N ASP E 116 32.16 7.60 -10.49
CA ASP E 116 33.57 7.93 -10.32
C ASP E 116 34.18 7.51 -8.96
N THR E 117 33.46 6.64 -8.25
CA THR E 117 33.91 6.09 -6.98
C THR E 117 34.96 5.01 -7.30
N PHE E 118 35.98 4.90 -6.44
CA PHE E 118 37.03 3.86 -6.58
C PHE E 118 36.40 2.46 -6.53
N LYS E 119 36.81 1.60 -7.47
CA LYS E 119 36.39 0.21 -7.43
C LYS E 119 36.77 -0.48 -6.11
N THR E 120 38.00 -0.25 -5.63
CA THR E 120 38.42 -0.75 -4.32
C THR E 120 37.44 -0.38 -3.20
N LEU E 121 36.93 0.86 -3.22
CA LEU E 121 35.92 1.30 -2.23
C LEU E 121 34.58 0.59 -2.40
N GLU E 122 34.04 0.58 -3.63
CA GLU E 122 32.84 -0.22 -3.99
C GLU E 122 32.92 -1.66 -3.43
N ASN E 123 34.01 -2.35 -3.79
CA ASN E 123 34.30 -3.72 -3.32
C ASN E 123 34.33 -3.77 -1.80
N PHE E 124 35.09 -2.86 -1.17
CA PHE E 124 35.12 -2.79 0.28
C PHE E 124 33.72 -2.59 0.91
N ILE E 125 32.93 -1.63 0.39
CA ILE E 125 31.54 -1.40 0.89
C ILE E 125 30.69 -2.67 0.79
N GLU E 126 30.70 -3.27 -0.39
CA GLU E 126 29.92 -4.48 -0.64
C GLU E 126 30.29 -5.60 0.32
N GLU E 127 31.58 -5.86 0.50
CA GLU E 127 32.01 -6.94 1.36
C GLU E 127 31.87 -6.67 2.87
N THR E 128 32.16 -5.46 3.34
CA THR E 128 31.94 -5.18 4.76
C THR E 128 30.43 -5.14 5.08
N SER E 129 29.62 -4.84 4.07
CA SER E 129 28.17 -4.87 4.30
C SER E 129 27.72 -6.25 4.72
N LEU E 130 28.39 -7.25 4.15
CA LEU E 130 28.13 -8.65 4.45
C LEU E 130 28.73 -9.01 5.78
N ARG E 131 29.97 -8.57 6.02
CA ARG E 131 30.61 -8.83 7.29
C ARG E 131 29.81 -8.32 8.49
N TYR E 132 29.24 -7.12 8.34
CA TYR E 132 28.64 -6.42 9.47
C TYR E 132 27.10 -6.56 9.52
N SER E 133 26.53 -7.37 8.60
CA SER E 133 25.07 -7.58 8.46
C SER E 133 24.31 -6.25 8.32
N LEU E 134 24.77 -5.42 7.39
CA LEU E 134 24.12 -4.14 7.14
C LEU E 134 23.04 -4.40 6.12
N SER E 135 21.87 -3.78 6.32
CA SER E 135 20.87 -3.72 5.27
C SER E 135 21.17 -2.51 4.38
N LEU E 136 21.83 -2.76 3.25
CA LEU E 136 22.43 -1.71 2.45
C LEU E 136 21.58 -1.22 1.28
N TYR E 137 21.09 0.01 1.41
CA TYR E 137 20.48 0.73 0.29
C TYR E 137 21.61 1.36 -0.52
N GLU E 138 21.62 1.09 -1.83
CA GLU E 138 22.60 1.71 -2.74
C GLU E 138 21.88 2.50 -3.81
N SER E 139 22.22 3.78 -3.95
CA SER E 139 21.64 4.61 -5.00
C SER E 139 22.21 4.16 -6.36
N ASP E 140 21.54 4.55 -7.44
CA ASP E 140 21.94 4.23 -8.81
C ASP E 140 23.19 5.02 -9.18
N ARG E 141 24.28 4.29 -9.31
CA ARG E 141 25.60 4.84 -9.59
C ARG E 141 25.67 5.68 -10.88
N ASP E 142 24.81 5.35 -11.85
CA ASP E 142 24.80 6.02 -13.14
C ASP E 142 23.80 7.17 -13.25
N LYS E 143 23.11 7.49 -12.16
CA LYS E 143 22.17 8.61 -12.14
C LYS E 143 22.95 9.86 -11.76
N CYS E 144 22.92 10.87 -12.65
CA CYS E 144 23.58 12.14 -12.35
C CYS E 144 22.64 12.96 -11.45
N GLU E 145 23.12 13.23 -10.24
CA GLU E 145 22.31 13.92 -9.23
C GLU E 145 23.19 14.35 -8.07
N THR E 146 22.78 15.40 -7.37
CA THR E 146 23.49 15.85 -6.17
C THR E 146 23.31 14.82 -5.04
N MET E 147 24.12 14.96 -3.99
CA MET E 147 23.97 14.11 -2.81
C MET E 147 22.61 14.40 -2.17
N ALA E 148 22.26 15.69 -2.07
CA ALA E 148 20.97 16.12 -1.51
C ALA E 148 19.78 15.48 -2.23
N GLU E 149 19.78 15.50 -3.57
CA GLU E 149 18.77 14.82 -4.39
C GLU E 149 18.70 13.30 -4.19
N ALA E 150 19.88 12.64 -4.14
CA ALA E 150 19.92 11.20 -3.85
C ALA E 150 19.28 10.84 -2.52
N PHE E 151 19.50 11.68 -1.52
CA PHE E 151 18.92 11.45 -0.21
C PHE E 151 17.45 11.75 -0.20
N GLU E 152 17.01 12.67 -1.06
CA GLU E 152 15.55 12.87 -1.21
C GLU E 152 14.84 11.57 -1.68
N THR E 153 15.44 10.87 -2.64
CA THR E 153 14.86 9.61 -3.13
C THR E 153 14.85 8.55 -2.05
N PHE E 154 15.95 8.45 -1.30
CA PHE E 154 16.07 7.49 -0.23
C PHE E 154 15.00 7.67 0.84
N LEU E 155 14.80 8.91 1.29
CA LEU E 155 13.75 9.24 2.25
C LEU E 155 12.32 9.00 1.72
N GLN E 156 12.12 9.14 0.41
CA GLN E 156 10.84 8.78 -0.18
C GLN E 156 10.59 7.27 -0.03
N VAL E 157 11.66 6.50 -0.16
CA VAL E 157 11.59 5.05 -0.06
C VAL E 157 11.48 4.60 1.40
N PHE E 158 12.17 5.31 2.30
CA PHE E 158 12.08 5.05 3.74
C PHE E 158 11.61 6.30 4.50
N PRO E 159 10.33 6.67 4.35
CA PRO E 159 9.77 7.88 5.02
C PRO E 159 9.77 7.90 6.55
N GLU E 160 9.97 6.75 7.17
CA GLU E 160 10.12 6.65 8.63
C GLU E 160 11.49 7.15 9.13
N THR E 161 12.45 7.36 8.22
CA THR E 161 13.77 7.89 8.58
C THR E 161 13.60 9.31 9.11
N LYS E 162 14.05 9.51 10.34
CA LYS E 162 14.05 10.84 10.97
C LYS E 162 15.46 11.40 11.21
N ALA E 163 16.46 10.52 11.20
CA ALA E 163 17.85 10.88 11.55
C ALA E 163 18.87 9.99 10.81
N ILE E 164 20.05 10.54 10.46
CA ILE E 164 21.02 9.75 9.70
C ILE E 164 22.40 9.93 10.29
N VAL E 165 23.10 8.82 10.53
CA VAL E 165 24.42 8.89 11.16
C VAL E 165 25.49 9.24 10.11
N ILE E 166 26.41 10.13 10.47
CA ILE E 166 27.48 10.59 9.56
C ILE E 166 28.87 10.61 10.22
N GLY E 167 29.85 10.09 9.51
CA GLY E 167 31.20 9.94 10.04
C GLY E 167 32.07 11.11 9.59
N ILE E 168 31.58 12.32 9.87
CA ILE E 168 32.27 13.56 9.55
C ILE E 168 32.97 14.08 10.82
N ARG E 169 34.04 14.86 10.67
CA ARG E 169 34.90 15.25 11.77
C ARG E 169 35.06 16.77 11.65
N HIS E 170 35.26 17.48 12.75
CA HIS E 170 35.48 18.94 12.73
C HIS E 170 36.60 19.37 11.77
N THR E 171 37.66 18.55 11.66
CA THR E 171 38.79 18.85 10.78
C THR E 171 38.48 18.73 9.27
N ASP E 172 37.32 18.14 8.92
CA ASP E 172 36.90 18.04 7.52
C ASP E 172 36.42 19.37 6.97
N PRO E 173 36.42 19.52 5.62
CA PRO E 173 35.87 20.73 5.01
C PRO E 173 34.46 21.09 5.49
N PHE E 174 34.31 22.37 5.87
CA PHE E 174 33.07 22.93 6.47
C PHE E 174 32.67 22.17 7.73
N GLY E 175 33.66 21.64 8.46
CA GLY E 175 33.38 20.85 9.63
C GLY E 175 33.38 21.66 10.93
N GLU E 176 33.85 22.90 10.86
CA GLU E 176 34.04 23.68 12.10
C GLU E 176 32.70 23.92 12.81
N HIS E 177 31.66 24.20 12.01
CA HIS E 177 30.33 24.59 12.48
C HIS E 177 29.42 23.43 12.90
N LEU E 178 29.87 22.20 12.70
CA LEU E 178 28.97 21.04 12.91
C LEU E 178 28.68 20.72 14.38
N LYS E 179 27.53 20.09 14.63
CA LYS E 179 27.13 19.72 15.99
C LYS E 179 26.71 18.24 16.04
N PRO E 180 26.90 17.56 17.18
CA PRO E 180 26.50 16.12 17.29
C PRO E 180 25.08 15.79 16.80
N ILE E 181 24.14 16.71 16.98
CA ILE E 181 22.76 16.54 16.54
C ILE E 181 22.33 17.85 15.92
N GLN E 182 22.01 17.82 14.64
CA GLN E 182 21.90 19.05 13.85
C GLN E 182 20.99 18.78 12.68
N LYS E 183 19.92 19.58 12.50
CA LYS E 183 19.15 19.50 11.25
C LYS E 183 20.03 19.73 10.01
N THR E 184 19.68 19.06 8.92
CA THR E 184 20.25 19.33 7.58
C THR E 184 20.04 20.81 7.19
N ASP E 185 20.65 21.23 6.08
CA ASP E 185 20.49 22.59 5.51
C ASP E 185 19.26 22.66 4.61
N ALA E 186 18.93 23.88 4.18
CA ALA E 186 17.77 24.16 3.32
C ALA E 186 17.72 23.36 2.01
N ASN E 187 18.89 23.14 1.39
CA ASN E 187 18.98 22.42 0.11
C ASN E 187 18.67 20.93 0.22
N TRP E 188 18.81 20.44 1.44
CA TRP E 188 18.68 19.05 1.77
C TRP E 188 17.28 18.66 2.18
N PRO E 189 16.93 17.37 2.02
CA PRO E 189 15.70 16.92 2.62
C PRO E 189 15.77 17.08 4.15
N ASP E 190 14.61 17.21 4.77
CA ASP E 190 14.57 17.49 6.19
C ASP E 190 14.79 16.22 7.03
N PHE E 191 15.98 16.11 7.64
CA PHE E 191 16.23 15.14 8.69
C PHE E 191 17.28 15.70 9.64
N TYR E 192 17.46 15.02 10.77
CA TYR E 192 18.53 15.28 11.69
C TYR E 192 19.82 14.52 11.31
N ARG E 193 20.89 15.28 11.14
CA ARG E 193 22.23 14.74 11.10
C ARG E 193 22.68 14.30 12.47
N LEU E 194 23.10 13.05 12.57
CA LEU E 194 23.76 12.57 13.77
C LEU E 194 25.24 12.44 13.49
N GLN E 195 26.04 13.24 14.21
CA GLN E 195 27.47 13.41 13.95
C GLN E 195 28.28 13.22 15.26
N PRO E 196 28.42 11.95 15.70
CA PRO E 196 29.01 11.58 16.99
C PRO E 196 30.52 11.40 16.94
N LEU E 197 31.12 11.67 15.77
CA LEU E 197 32.58 11.48 15.57
C LEU E 197 33.33 12.81 15.42
N LEU E 198 32.65 13.93 15.65
CA LEU E 198 33.21 15.25 15.27
C LEU E 198 34.55 15.59 15.93
N HIS E 199 34.72 15.17 17.18
CA HIS E 199 35.87 15.48 17.99
C HIS E 199 37.11 14.60 17.69
N TRP E 200 36.95 13.62 16.79
CA TRP E 200 38.04 12.70 16.48
C TRP E 200 39.02 13.32 15.53
N ASN E 201 40.30 13.12 15.81
CA ASN E 201 41.38 13.59 14.96
CA ASN E 201 41.35 13.57 14.90
C ASN E 201 42.03 12.37 14.25
N LEU E 202 42.89 12.64 13.26
CA LEU E 202 43.51 11.61 12.44
C LEU E 202 44.20 10.55 13.27
N ALA E 203 45.00 10.97 14.25
CA ALA E 203 45.76 10.02 15.05
C ALA E 203 44.87 9.05 15.84
N ASN E 204 43.73 9.55 16.33
CA ASN E 204 42.76 8.73 17.04
C ASN E 204 42.14 7.69 16.12
N ILE E 205 41.77 8.15 14.93
CA ILE E 205 41.20 7.27 13.91
C ILE E 205 42.13 6.08 13.62
N TRP E 206 43.37 6.36 13.24
CA TRP E 206 44.32 5.27 12.99
C TRP E 206 44.53 4.37 14.22
N SER E 207 44.68 4.97 15.41
CA SER E 207 44.90 4.16 16.60
C SER E 207 43.79 3.08 16.77
N PHE E 208 42.54 3.52 16.81
CA PHE E 208 41.40 2.64 17.05
C PHE E 208 41.20 1.63 15.92
N LEU E 209 41.26 2.11 14.66
CA LEU E 209 41.09 1.25 13.48
C LEU E 209 42.13 0.11 13.41
N LEU E 210 43.40 0.44 13.58
CA LEU E 210 44.49 -0.54 13.62
C LEU E 210 44.34 -1.53 14.80
N TYR E 211 44.04 -1.04 16.00
CA TYR E 211 43.74 -1.92 17.14
C TYR E 211 42.58 -2.88 16.88
N SER E 212 41.56 -2.40 16.14
CA SER E 212 40.32 -3.14 15.95
C SER E 212 40.55 -4.50 15.28
N ASN E 213 41.63 -4.60 14.48
CA ASN E 213 41.91 -5.78 13.67
C ASN E 213 40.77 -6.11 12.66
N GLU E 214 39.98 -5.08 12.33
CA GLU E 214 39.02 -5.15 11.25
C GLU E 214 39.71 -4.81 9.92
N PRO E 215 39.23 -5.38 8.80
CA PRO E 215 39.81 -5.09 7.49
C PRO E 215 39.58 -3.62 7.13
N ILE E 216 40.63 -2.94 6.67
CA ILE E 216 40.59 -1.51 6.35
C ILE E 216 40.62 -1.38 4.83
N CYS E 217 39.91 -0.40 4.28
CA CYS E 217 39.97 -0.15 2.85
C CYS E 217 41.42 -0.09 2.40
N GLU E 218 41.77 -0.90 1.41
CA GLU E 218 43.18 -1.04 1.01
C GLU E 218 43.85 0.19 0.35
N LEU E 219 43.07 1.18 -0.07
CA LEU E 219 43.67 2.39 -0.62
C LEU E 219 44.60 3.00 0.46
N TYR E 220 44.19 2.92 1.73
CA TYR E 220 44.97 3.50 2.83
C TYR E 220 46.35 2.84 2.94
N ARG E 221 46.39 1.50 2.78
CA ARG E 221 47.65 0.74 2.80
C ARG E 221 48.65 1.26 1.77
N TYR E 222 48.12 1.79 0.67
CA TYR E 222 48.92 2.25 -0.47
C TYR E 222 49.26 3.75 -0.43
N GLY E 223 48.96 4.41 0.68
CA GLY E 223 49.40 5.79 0.80
C GLY E 223 48.31 6.83 0.80
N PHE E 224 47.06 6.45 0.49
CA PHE E 224 45.93 7.39 0.60
C PHE E 224 45.58 7.70 2.06
N THR E 225 45.16 8.94 2.32
CA THR E 225 44.75 9.37 3.66
C THR E 225 43.33 9.97 3.68
N SER E 226 42.76 10.11 2.51
CA SER E 226 41.44 10.71 2.31
C SER E 226 41.00 10.22 0.92
N LEU E 227 39.72 9.90 0.75
CA LEU E 227 39.23 9.27 -0.50
C LEU E 227 38.21 10.17 -1.19
N GLY E 228 38.58 10.69 -2.36
CA GLY E 228 37.63 11.42 -3.23
C GLY E 228 37.34 10.54 -4.44
N ASN E 229 36.93 11.14 -5.54
CA ASN E 229 36.72 10.33 -6.75
C ASN E 229 38.05 9.89 -7.40
N VAL E 230 37.96 9.00 -8.37
CA VAL E 230 39.12 8.36 -9.00
C VAL E 230 40.11 9.35 -9.64
N GLU E 231 39.59 10.38 -10.30
CA GLU E 231 40.45 11.33 -11.01
C GLU E 231 40.97 12.49 -10.14
N GLU E 232 40.43 12.65 -8.95
CA GLU E 232 40.85 13.74 -8.08
C GLU E 232 41.51 13.33 -6.78
N THR E 233 41.80 12.03 -6.63
CA THR E 233 42.47 11.56 -5.42
C THR E 233 43.77 10.84 -5.75
N LEU E 234 44.85 11.23 -5.08
CA LEU E 234 46.13 10.52 -5.16
C LEU E 234 46.64 10.06 -3.78
N PRO E 235 47.63 9.12 -3.74
CA PRO E 235 48.30 8.90 -2.47
C PRO E 235 48.83 10.23 -1.90
N ASN E 236 48.95 10.32 -0.59
CA ASN E 236 49.37 11.58 0.03
C ASN E 236 50.84 11.86 -0.27
N PRO E 237 51.15 13.01 -0.92
CA PRO E 237 52.53 13.40 -1.26
C PRO E 237 53.47 13.44 -0.07
N HIS E 238 52.95 13.81 1.10
CA HIS E 238 53.75 13.80 2.32
C HIS E 238 54.20 12.40 2.74
N LEU E 239 53.56 11.37 2.21
CA LEU E 239 53.94 9.98 2.51
C LEU E 239 54.81 9.31 1.45
N ARG E 240 55.28 10.08 0.46
CA ARG E 240 56.21 9.57 -0.54
C ARG E 240 57.56 9.20 0.09
N LYS E 241 58.01 7.96 -0.15
CA LYS E 241 59.33 7.54 0.34
C LYS E 241 60.45 8.17 -0.48
N ASP E 242 61.50 8.64 0.19
CA ASP E 242 62.69 9.14 -0.50
C ASP E 242 63.93 8.76 0.30
N LYS E 243 65.11 8.96 -0.27
CA LYS E 243 66.35 8.61 0.42
C LYS E 243 66.91 9.69 1.36
N ASN E 244 66.58 10.96 1.14
CA ASN E 244 67.26 12.06 1.85
C ASN E 244 66.56 12.64 3.07
N SER E 245 65.22 12.52 3.10
CA SER E 245 64.47 12.96 4.26
C SER E 245 64.62 12.00 5.45
N THR E 246 64.45 12.56 6.64
CA THR E 246 64.24 11.79 7.87
C THR E 246 63.06 10.82 7.61
N PRO E 247 63.30 9.50 7.70
CA PRO E 247 62.22 8.53 7.49
C PRO E 247 61.07 8.79 8.46
N LEU E 248 59.85 8.58 8.01
CA LEU E 248 58.68 8.72 8.87
C LEU E 248 58.61 7.58 9.87
N LYS E 249 58.12 7.90 11.07
CA LYS E 249 58.00 6.95 12.16
C LYS E 249 56.55 6.58 12.43
N LEU E 250 56.36 5.32 12.81
CA LEU E 250 55.04 4.76 13.05
C LEU E 250 54.64 4.98 14.51
N ASN E 251 53.48 5.60 14.72
CA ASN E 251 52.97 5.88 16.07
C ASN E 251 52.10 4.78 16.69
N PHE E 252 51.84 3.73 15.91
CA PHE E 252 50.80 2.74 16.24
C PHE E 252 51.33 1.30 16.25
N GLU E 253 52.62 1.14 16.54
CA GLU E 253 53.17 -0.22 16.59
C GLU E 253 52.56 -1.05 17.70
N TRP E 254 52.30 -0.44 18.84
CA TRP E 254 51.63 -1.15 19.94
C TRP E 254 50.25 -1.66 19.56
N GLU E 255 49.42 -0.77 19.02
CA GLU E 255 48.07 -1.12 18.58
C GLU E 255 48.09 -2.27 17.57
N ILE E 256 49.03 -2.21 16.63
CA ILE E 256 49.13 -3.23 15.59
C ILE E 256 49.51 -4.61 16.16
N GLU E 257 50.60 -4.65 16.95
CA GLU E 257 51.05 -5.89 17.59
C GLU E 257 50.03 -6.47 18.56
N ASN E 258 49.36 -5.58 19.31
CA ASN E 258 48.42 -5.99 20.36
C ASN E 258 46.96 -5.80 19.96
N ARG E 259 46.72 -5.76 18.66
CA ARG E 259 45.37 -5.62 18.13
C ARG E 259 44.44 -6.74 18.58
N TYR E 260 43.14 -6.45 18.63
CA TYR E 260 42.12 -7.40 19.08
C TYR E 260 42.13 -8.73 18.29
N LYS E 261 42.38 -9.83 19.02
CA LYS E 261 42.55 -11.13 18.37
C LYS E 261 41.21 -11.74 18.06
N HIS E 262 41.09 -12.36 16.90
CA HIS E 262 39.85 -13.03 16.51
C HIS E 262 39.91 -14.54 16.76
N ASN E 263 38.73 -15.17 16.72
CA ASN E 263 38.60 -16.62 16.66
C ASN E 263 37.89 -17.02 15.36
N GLU E 264 37.26 -18.21 15.31
CA GLU E 264 36.64 -18.67 14.07
C GLU E 264 35.32 -17.97 13.71
N VAL E 265 34.57 -17.53 14.72
CA VAL E 265 33.39 -16.70 14.48
C VAL E 265 33.81 -15.38 13.80
N THR E 266 34.88 -14.78 14.32
CA THR E 266 35.16 -13.37 14.09
C THR E 266 36.34 -13.06 13.14
N LYS E 267 37.01 -14.09 12.63
CA LYS E 267 38.14 -13.90 11.69
C LYS E 267 37.65 -13.17 10.45
N ALA E 268 38.51 -12.30 9.90
CA ALA E 268 38.17 -11.49 8.75
C ALA E 268 39.16 -11.78 7.65
N GLU E 269 38.64 -12.18 6.50
CA GLU E 269 39.44 -12.17 5.29
C GLU E 269 39.72 -10.76 4.85
N PRO E 270 41.00 -10.41 4.59
CA PRO E 270 41.20 -9.02 4.17
C PRO E 270 40.54 -8.79 2.81
N ILE E 271 40.26 -7.51 2.53
CA ILE E 271 39.48 -7.13 1.37
C ILE E 271 40.41 -6.35 0.46
N PRO E 272 40.75 -6.94 -0.70
CA PRO E 272 41.90 -6.47 -1.47
C PRO E 272 41.67 -5.21 -2.29
N ILE E 273 42.75 -4.51 -2.58
CA ILE E 273 42.75 -3.44 -3.56
C ILE E 273 42.18 -4.04 -4.86
N ALA E 274 41.45 -3.24 -5.64
CA ALA E 274 40.95 -3.70 -6.93
C ALA E 274 42.05 -3.60 -7.99
N ASP E 275 42.08 -4.56 -8.91
CA ASP E 275 43.09 -4.59 -9.98
C ASP E 275 43.27 -3.26 -10.73
N GLU E 276 42.17 -2.60 -11.08
CA GLU E 276 42.25 -1.33 -11.82
C GLU E 276 42.92 -0.22 -11.04
N ASP E 277 42.81 -0.25 -9.71
CA ASP E 277 43.50 0.75 -8.87
C ASP E 277 44.97 0.37 -8.64
N LEU E 278 45.22 -0.92 -8.44
CA LEU E 278 46.57 -1.45 -8.22
C LEU E 278 47.51 -1.18 -9.39
N VAL E 279 47.00 -1.33 -10.62
CA VAL E 279 47.76 -1.02 -11.83
C VAL E 279 48.15 0.48 -11.87
N LYS E 280 47.19 1.34 -11.53
CA LYS E 280 47.42 2.78 -11.50
C LYS E 280 48.54 3.11 -10.53
N ILE E 281 48.45 2.55 -9.32
CA ILE E 281 49.39 2.84 -8.26
C ILE E 281 50.77 2.24 -8.53
N GLU E 282 50.83 0.98 -8.96
CA GLU E 282 52.12 0.29 -9.09
C GLU E 282 53.06 0.87 -10.15
N ASN E 283 52.51 1.57 -11.15
CA ASN E 283 53.36 2.27 -12.11
C ASN E 283 53.37 3.80 -11.95
N LEU E 284 53.22 4.27 -10.71
CA LEU E 284 53.55 5.64 -10.36
C LEU E 284 55.06 5.73 -10.15
N HIS E 285 55.72 4.57 -10.27
CA HIS E 285 57.17 4.38 -10.04
C HIS E 285 57.71 5.20 -8.86
N GLU E 286 57.03 5.02 -7.73
CA GLU E 286 57.17 5.85 -6.56
C GLU E 286 56.43 5.12 -5.44
N ASP E 287 57.05 5.04 -4.27
CA ASP E 287 56.45 4.29 -3.18
C ASP E 287 56.03 5.19 -2.03
N TYR E 288 55.03 4.72 -1.27
CA TYR E 288 54.42 5.52 -0.20
C TYR E 288 54.38 4.74 1.12
N TYR E 289 54.63 5.40 2.25
CA TYR E 289 54.22 4.82 3.55
C TYR E 289 52.70 4.69 3.53
N PRO E 290 52.15 3.69 4.25
CA PRO E 290 50.68 3.65 4.36
C PRO E 290 50.13 4.90 5.07
N GLY E 291 48.83 5.13 4.92
CA GLY E 291 48.15 6.32 5.43
C GLY E 291 48.33 6.59 6.91
N TRP E 292 48.47 5.53 7.70
CA TRP E 292 48.69 5.66 9.15
C TRP E 292 50.07 6.17 9.57
N TYR E 293 50.96 6.45 8.61
CA TYR E 293 52.14 7.27 8.89
C TYR E 293 51.86 8.79 8.91
N LEU E 294 50.62 9.18 8.58
CA LEU E 294 50.19 10.57 8.69
C LEU E 294 49.31 10.78 9.94
N VAL E 295 49.75 11.68 10.82
CA VAL E 295 48.95 12.05 11.99
C VAL E 295 48.63 13.57 12.04
N ASP E 296 49.00 14.29 10.98
CA ASP E 296 48.73 15.71 10.89
C ASP E 296 47.44 15.97 10.14
N ASP E 297 46.38 16.33 10.86
CA ASP E 297 45.06 16.66 10.27
C ASP E 297 45.10 17.67 9.15
N LYS E 298 45.99 18.66 9.24
CA LYS E 298 46.13 19.70 8.21
C LYS E 298 46.60 19.14 6.86
N LEU E 299 47.19 17.93 6.87
CA LEU E 299 47.67 17.32 5.61
C LEU E 299 46.78 16.18 5.08
N GLU E 300 45.67 15.92 5.77
CA GLU E 300 44.81 14.77 5.47
C GLU E 300 44.39 14.80 3.98
N ARG E 301 44.10 15.99 3.48
CA ARG E 301 43.63 16.09 2.11
C ARG E 301 44.68 16.51 1.09
N ALA E 302 45.95 16.31 1.41
CA ALA E 302 47.05 16.75 0.55
C ALA E 302 47.05 16.08 -0.83
N GLY E 303 46.47 14.87 -0.89
CA GLY E 303 46.38 14.09 -2.12
C GLY E 303 45.07 14.31 -2.87
N ARG E 304 44.31 15.31 -2.41
CA ARG E 304 43.08 15.75 -3.07
C ARG E 304 43.32 17.13 -3.74
N GLY F 1 -38.04 0.79 -1.83
CA GLY F 1 -37.80 -0.33 -0.88
C GLY F 1 -36.96 0.10 0.32
N ALA F 2 -36.74 -0.83 1.26
CA ALA F 2 -35.98 -0.51 2.48
C ALA F 2 -34.48 -0.23 2.23
N MET F 3 -33.97 -0.74 1.11
CA MET F 3 -32.55 -0.58 0.77
C MET F 3 -32.39 0.13 -0.58
N VAL F 4 -31.31 0.90 -0.71
CA VAL F 4 -30.96 1.39 -2.04
C VAL F 4 -30.61 0.16 -2.91
N MET F 5 -30.98 0.26 -4.19
CA MET F 5 -30.52 -0.67 -5.22
C MET F 5 -29.01 -0.86 -5.19
N ARG F 6 -28.58 -2.11 -5.27
CA ARG F 6 -27.17 -2.41 -5.52
C ARG F 6 -26.94 -2.20 -7.00
N LEU F 7 -25.69 -2.00 -7.37
CA LEU F 7 -25.37 -1.76 -8.79
C LEU F 7 -26.01 -2.82 -9.72
N GLY F 8 -25.87 -4.10 -9.36
CA GLY F 8 -26.54 -5.18 -10.11
C GLY F 8 -28.04 -4.95 -10.33
N ASP F 9 -28.76 -4.50 -9.29
CA ASP F 9 -30.19 -4.15 -9.40
C ASP F 9 -30.41 -2.99 -10.39
N ALA F 10 -29.61 -1.93 -10.25
CA ALA F 10 -29.71 -0.79 -11.16
C ALA F 10 -29.47 -1.19 -12.61
N ALA F 11 -28.41 -1.96 -12.88
CA ALA F 11 -28.08 -2.36 -14.26
C ALA F 11 -29.17 -3.26 -14.89
N GLU F 12 -29.69 -4.19 -14.09
CA GLU F 12 -30.80 -5.03 -14.53
C GLU F 12 -32.04 -4.20 -14.84
N LEU F 13 -32.36 -3.25 -13.97
CA LEU F 13 -33.49 -2.35 -14.21
C LEU F 13 -33.33 -1.62 -15.55
N CYS F 14 -32.14 -1.06 -15.78
CA CYS F 14 -31.87 -0.35 -17.03
C CYS F 14 -31.96 -1.26 -18.22
N TYR F 15 -31.41 -2.46 -18.11
CA TYR F 15 -31.59 -3.46 -19.17
C TYR F 15 -33.05 -3.77 -19.48
N ASN F 16 -33.84 -3.99 -18.43
CA ASN F 16 -35.24 -4.30 -18.61
C ASN F 16 -36.07 -3.12 -19.16
N LEU F 17 -35.78 -1.91 -18.68
CA LEU F 17 -36.54 -0.77 -19.18
C LEU F 17 -36.16 -0.41 -20.63
N THR F 18 -34.89 -0.58 -20.97
CA THR F 18 -34.43 -0.37 -22.36
C THR F 18 -35.04 -1.40 -23.34
N SER F 19 -35.08 -2.67 -22.93
CA SER F 19 -35.71 -3.78 -23.70
C SER F 19 -37.20 -3.53 -23.86
N SER F 20 -37.79 -2.96 -22.82
CA SER F 20 -39.19 -2.62 -22.84
C SER F 20 -39.50 -1.52 -23.85
N TYR F 21 -38.69 -0.46 -23.84
CA TYR F 21 -38.83 0.61 -24.80
C TYR F 21 -38.68 0.06 -26.23
N LEU F 22 -37.65 -0.76 -26.45
CA LEU F 22 -37.42 -1.38 -27.75
C LEU F 22 -38.58 -2.27 -28.27
N GLN F 23 -39.41 -2.76 -27.35
CA GLN F 23 -40.55 -3.62 -27.69
C GLN F 23 -41.80 -2.82 -28.03
N ILE F 24 -41.76 -1.49 -27.85
CA ILE F 24 -42.91 -0.64 -28.18
C ILE F 24 -43.21 -0.77 -29.69
N ALA F 25 -44.46 -1.08 -30.00
CA ALA F 25 -44.93 -1.17 -31.37
C ALA F 25 -45.08 0.22 -31.88
N ALA F 26 -44.26 0.60 -32.86
CA ALA F 26 -44.31 1.96 -33.41
C ALA F 26 -44.08 1.96 -34.92
N GLU F 27 -44.81 2.80 -35.65
CA GLU F 27 -44.56 2.97 -37.09
C GLU F 27 -43.20 3.62 -37.34
N SER F 28 -42.55 3.24 -38.44
CA SER F 28 -41.15 3.55 -38.68
C SER F 28 -40.75 5.03 -38.76
N ASP F 29 -41.69 5.92 -39.00
CA ASP F 29 -41.38 7.37 -39.04
C ASP F 29 -41.79 8.11 -37.77
N SER F 30 -42.14 7.35 -36.73
CA SER F 30 -42.55 7.97 -35.48
C SER F 30 -41.30 8.35 -34.66
N ILE F 31 -41.48 9.16 -33.63
CA ILE F 31 -40.39 9.50 -32.71
C ILE F 31 -39.90 8.26 -31.95
N ILE F 32 -40.83 7.45 -31.43
CA ILE F 32 -40.48 6.20 -30.73
C ILE F 32 -39.63 5.28 -31.60
N ALA F 33 -40.01 5.11 -32.87
CA ALA F 33 -39.24 4.26 -33.82
C ALA F 33 -37.85 4.81 -34.07
N GLN F 34 -37.76 6.11 -34.32
CA GLN F 34 -36.48 6.78 -34.46
C GLN F 34 -35.59 6.63 -33.20
N THR F 35 -36.21 6.69 -32.02
CA THR F 35 -35.51 6.61 -30.75
C THR F 35 -35.03 5.18 -30.56
N GLN F 36 -35.83 4.20 -31.02
CA GLN F 36 -35.45 2.78 -30.99
C GLN F 36 -34.19 2.52 -31.83
N ARG F 37 -34.17 3.10 -33.02
CA ARG F 37 -32.98 3.05 -33.88
C ARG F 37 -31.76 3.69 -33.21
N ALA F 38 -31.97 4.82 -32.55
CA ALA F 38 -30.88 5.52 -31.82
C ALA F 38 -30.34 4.68 -30.66
N ILE F 39 -31.23 3.97 -29.96
CA ILE F 39 -30.82 3.06 -28.89
C ILE F 39 -29.91 1.96 -29.43
N ASN F 40 -30.32 1.35 -30.55
CA ASN F 40 -29.59 0.27 -31.18
C ASN F 40 -28.21 0.72 -31.69
N THR F 41 -28.10 1.94 -32.19
CA THR F 41 -26.82 2.49 -32.61
C THR F 41 -25.92 2.68 -31.39
N THR F 42 -26.49 3.23 -30.32
CA THR F 42 -25.79 3.38 -29.03
C THR F 42 -25.30 2.04 -28.48
N LYS F 43 -26.16 1.02 -28.45
CA LYS F 43 -25.79 -0.31 -27.98
C LYS F 43 -24.61 -0.88 -28.75
N SER F 44 -24.68 -0.75 -30.07
CA SER F 44 -23.63 -1.26 -30.96
C SER F 44 -22.28 -0.62 -30.63
N ILE F 45 -22.27 0.70 -30.43
CA ILE F 45 -21.04 1.43 -30.05
C ILE F 45 -20.42 0.88 -28.79
N LEU F 46 -21.25 0.71 -27.75
CA LEU F 46 -20.77 0.23 -26.45
C LEU F 46 -20.40 -1.23 -26.48
N ILE F 47 -21.32 -2.05 -26.97
CA ILE F 47 -21.16 -3.50 -26.94
C ILE F 47 -20.15 -4.05 -27.98
N ASN F 48 -20.15 -3.54 -29.21
CA ASN F 48 -19.27 -4.05 -30.27
C ASN F 48 -17.92 -3.31 -30.29
N GLU F 49 -17.97 -2.01 -30.03
CA GLU F 49 -16.80 -1.13 -30.23
C GLU F 49 -16.03 -0.72 -28.97
N THR F 50 -16.68 -0.74 -27.81
CA THR F 50 -16.09 -0.18 -26.56
C THR F 50 -15.63 -1.21 -25.56
N PHE F 51 -16.58 -2.00 -25.02
CA PHE F 51 -16.29 -2.94 -23.93
C PHE F 51 -15.31 -4.04 -24.31
N PRO F 52 -15.25 -4.46 -25.60
CA PRO F 52 -14.18 -5.38 -25.97
C PRO F 52 -12.76 -4.80 -25.94
N LYS F 53 -12.63 -3.48 -26.05
CA LYS F 53 -11.32 -2.81 -26.06
C LYS F 53 -10.91 -2.29 -24.68
N TRP F 54 -11.84 -1.59 -24.01
CA TRP F 54 -11.58 -1.04 -22.67
C TRP F 54 -12.54 -1.62 -21.65
N SER F 55 -12.00 -2.05 -20.52
CA SER F 55 -12.82 -2.68 -19.48
C SER F 55 -13.62 -1.65 -18.66
N PRO F 56 -14.94 -1.81 -18.59
CA PRO F 56 -15.75 -0.96 -17.72
C PRO F 56 -15.68 -1.41 -16.26
N LEU F 57 -14.91 -2.47 -15.99
CA LEU F 57 -14.91 -3.08 -14.65
C LEU F 57 -13.70 -2.69 -13.78
N ASN F 58 -12.61 -2.29 -14.41
CA ASN F 58 -11.34 -2.14 -13.68
C ASN F 58 -10.83 -0.69 -13.52
N GLY F 59 -11.66 0.28 -13.89
CA GLY F 59 -11.28 1.69 -13.82
C GLY F 59 -10.75 2.23 -15.15
N GLU F 60 -10.66 1.38 -16.18
CA GLU F 60 -10.20 1.83 -17.49
C GLU F 60 -11.14 2.85 -18.11
N ILE F 61 -12.42 2.72 -17.79
CA ILE F 61 -13.46 3.66 -18.25
C ILE F 61 -14.04 4.46 -17.09
N SER F 62 -14.10 5.78 -17.25
CA SER F 62 -14.82 6.63 -16.30
CA SER F 62 -14.82 6.62 -16.30
C SER F 62 -16.03 7.22 -16.98
N PHE F 63 -17.08 7.47 -16.20
CA PHE F 63 -18.30 8.00 -16.76
C PHE F 63 -18.45 9.48 -16.35
N SER F 64 -18.47 10.39 -17.31
CA SER F 64 -18.61 11.80 -16.96
C SER F 64 -20.09 12.17 -16.77
N TYR F 65 -20.39 12.80 -15.64
CA TYR F 65 -21.76 12.97 -15.21
C TYR F 65 -21.96 14.36 -14.61
N ASN F 66 -23.01 15.07 -15.07
CA ASN F 66 -23.37 16.36 -14.50
C ASN F 66 -24.88 16.48 -14.23
N GLY F 67 -25.59 15.35 -14.16
CA GLY F 67 -27.02 15.33 -13.75
C GLY F 67 -28.03 15.76 -14.82
N GLY F 68 -27.54 16.16 -16.00
CA GLY F 68 -28.37 16.64 -17.11
C GLY F 68 -29.01 15.49 -17.84
N LYS F 69 -30.09 15.78 -18.56
CA LYS F 69 -30.86 14.79 -19.33
C LYS F 69 -29.96 13.90 -20.21
N ASP F 70 -28.89 14.47 -20.77
CA ASP F 70 -28.07 13.74 -21.73
C ASP F 70 -27.21 12.65 -21.11
N CYS F 71 -26.44 13.01 -20.08
CA CYS F 71 -25.64 12.01 -19.38
C CYS F 71 -26.53 11.04 -18.63
N GLN F 72 -27.72 11.48 -18.25
CA GLN F 72 -28.66 10.55 -17.59
C GLN F 72 -29.16 9.51 -18.58
N VAL F 73 -29.64 9.96 -19.74
CA VAL F 73 -30.08 9.01 -20.75
C VAL F 73 -28.91 8.06 -21.07
N LEU F 74 -27.73 8.63 -21.24
CA LEU F 74 -26.57 7.83 -21.59
C LEU F 74 -26.23 6.79 -20.51
N LEU F 75 -26.32 7.21 -19.25
CA LEU F 75 -26.06 6.32 -18.11
C LEU F 75 -27.02 5.13 -18.10
N LEU F 76 -28.31 5.37 -18.38
CA LEU F 76 -29.31 4.30 -18.42
C LEU F 76 -28.94 3.28 -19.47
N LEU F 77 -28.58 3.78 -20.64
CA LEU F 77 -28.14 2.96 -21.73
C LEU F 77 -26.87 2.23 -21.38
N TYR F 78 -25.97 2.89 -20.66
CA TYR F 78 -24.67 2.30 -20.36
C TYR F 78 -24.86 1.16 -19.35
N LEU F 79 -25.63 1.40 -18.30
CA LEU F 79 -26.00 0.35 -17.35
C LEU F 79 -26.72 -0.80 -18.08
N SER F 80 -27.65 -0.48 -18.98
CA SER F 80 -28.33 -1.55 -19.75
C SER F 80 -27.27 -2.40 -20.50
N CYS F 81 -26.31 -1.74 -21.13
CA CYS F 81 -25.29 -2.43 -21.95
C CYS F 81 -24.31 -3.28 -21.16
N LEU F 82 -24.00 -2.86 -19.94
CA LEU F 82 -23.19 -3.65 -19.00
C LEU F 82 -23.89 -4.94 -18.63
N TRP F 83 -25.15 -4.83 -18.22
CA TRP F 83 -25.98 -6.02 -18.00
C TRP F 83 -26.03 -6.94 -19.22
N GLU F 84 -26.30 -6.37 -20.39
CA GLU F 84 -26.39 -7.14 -21.61
C GLU F 84 -25.05 -7.82 -21.95
N TYR F 85 -23.95 -7.07 -21.85
CA TYR F 85 -22.59 -7.55 -22.17
C TYR F 85 -22.11 -8.74 -21.34
N TYR F 86 -22.30 -8.63 -20.02
CA TYR F 86 -21.77 -9.58 -19.05
C TYR F 86 -22.76 -10.68 -18.62
N ILE F 87 -24.02 -10.29 -18.40
CA ILE F 87 -25.01 -11.23 -17.87
C ILE F 87 -25.74 -11.94 -18.99
N VAL F 88 -26.26 -11.19 -19.96
CA VAL F 88 -26.99 -11.77 -21.07
C VAL F 88 -26.03 -12.49 -22.01
N LYS F 89 -25.01 -11.78 -22.49
CA LYS F 89 -24.11 -12.31 -23.53
C LYS F 89 -22.93 -13.10 -22.99
N LEU F 90 -22.80 -13.18 -21.66
CA LEU F 90 -21.72 -13.91 -20.96
C LEU F 90 -20.26 -13.62 -21.38
N SER F 91 -19.97 -12.40 -21.85
CA SER F 91 -18.66 -12.04 -22.37
C SER F 91 -17.50 -12.26 -21.38
N PRO F 103 -18.38 -8.33 -7.69
CA PRO F 103 -17.34 -7.44 -7.21
C PRO F 103 -17.37 -6.00 -7.65
N LEU F 104 -17.91 -5.67 -8.84
CA LEU F 104 -18.16 -4.25 -9.12
C LEU F 104 -19.37 -3.76 -8.31
N THR F 105 -19.09 -2.89 -7.35
CA THR F 105 -20.12 -2.35 -6.47
C THR F 105 -20.56 -0.91 -6.78
N LYS F 106 -19.68 -0.12 -7.41
CA LYS F 106 -19.96 1.27 -7.79
C LYS F 106 -19.37 1.51 -9.17
N LEU F 107 -19.99 2.43 -9.91
CA LEU F 107 -19.50 2.85 -11.21
C LEU F 107 -18.58 4.08 -11.11
N PRO F 108 -17.30 3.95 -11.51
CA PRO F 108 -16.39 5.11 -11.51
C PRO F 108 -16.98 6.24 -12.37
N THR F 109 -17.16 7.40 -11.73
CA THR F 109 -17.91 8.52 -12.30
C THR F 109 -17.12 9.80 -11.98
N VAL F 110 -17.20 10.80 -12.87
CA VAL F 110 -16.47 12.05 -12.68
C VAL F 110 -17.41 13.22 -12.95
N PHE F 111 -17.49 14.13 -11.97
CA PHE F 111 -18.24 15.37 -12.10
C PHE F 111 -17.30 16.55 -11.80
N ILE F 112 -17.23 17.51 -12.72
CA ILE F 112 -16.42 18.69 -12.48
C ILE F 112 -17.37 19.74 -11.92
N ASP F 113 -17.23 20.03 -10.64
CA ASP F 113 -18.15 20.96 -9.99
C ASP F 113 -17.71 22.41 -10.34
N HIS F 114 -18.66 23.34 -10.31
CA HIS F 114 -18.39 24.77 -10.46
C HIS F 114 -19.17 25.58 -9.45
N ASP F 115 -18.66 26.77 -9.16
CA ASP F 115 -19.25 27.65 -8.15
C ASP F 115 -20.62 28.22 -8.56
N ASP F 116 -20.98 28.11 -9.84
CA ASP F 116 -22.25 28.61 -10.33
C ASP F 116 -23.17 27.53 -10.86
N THR F 117 -23.02 26.31 -10.33
CA THR F 117 -23.93 25.21 -10.64
C THR F 117 -25.24 25.44 -9.90
N PHE F 118 -26.36 25.12 -10.57
CA PHE F 118 -27.68 25.12 -9.93
C PHE F 118 -27.65 24.24 -8.70
N LYS F 119 -28.08 24.79 -7.58
CA LYS F 119 -28.25 23.99 -6.39
C LYS F 119 -29.18 22.78 -6.64
N THR F 120 -30.27 22.96 -7.39
CA THR F 120 -31.14 21.83 -7.74
C THR F 120 -30.35 20.71 -8.43
N LEU F 121 -29.45 21.12 -9.34
CA LEU F 121 -28.60 20.20 -10.02
C LEU F 121 -27.60 19.51 -9.08
N GLU F 122 -27.00 20.27 -8.15
CA GLU F 122 -26.12 19.65 -7.11
C GLU F 122 -26.85 18.54 -6.34
N ASN F 123 -28.05 18.83 -5.87
CA ASN F 123 -28.84 17.84 -5.12
C ASN F 123 -29.17 16.64 -6.01
N PHE F 124 -29.51 16.90 -7.27
CA PHE F 124 -29.86 15.82 -8.20
C PHE F 124 -28.69 14.84 -8.41
N ILE F 125 -27.49 15.39 -8.58
CA ILE F 125 -26.30 14.56 -8.71
C ILE F 125 -26.10 13.70 -7.46
N GLU F 126 -26.28 14.30 -6.29
CA GLU F 126 -26.16 13.54 -5.04
C GLU F 126 -27.18 12.40 -4.92
N GLU F 127 -28.43 12.68 -5.23
CA GLU F 127 -29.54 11.73 -5.17
C GLU F 127 -29.31 10.60 -6.16
N THR F 128 -28.94 10.96 -7.40
CA THR F 128 -28.74 9.94 -8.42
C THR F 128 -27.45 9.15 -8.24
N SER F 129 -26.40 9.78 -7.66
CA SER F 129 -25.18 9.04 -7.30
C SER F 129 -25.57 7.86 -6.42
N LEU F 130 -26.50 8.11 -5.48
CA LEU F 130 -27.00 7.05 -4.59
C LEU F 130 -27.83 5.99 -5.30
N ARG F 131 -28.75 6.44 -6.16
CA ARG F 131 -29.66 5.53 -6.87
C ARG F 131 -28.95 4.63 -7.85
N TYR F 132 -27.92 5.17 -8.50
CA TYR F 132 -27.25 4.46 -9.56
C TYR F 132 -25.93 3.82 -9.12
N SER F 133 -25.63 3.90 -7.83
CA SER F 133 -24.35 3.38 -7.28
C SER F 133 -23.14 3.96 -7.99
N LEU F 134 -23.10 5.29 -8.12
CA LEU F 134 -21.95 5.98 -8.70
C LEU F 134 -20.86 6.17 -7.65
N SER F 135 -19.62 5.92 -8.06
CA SER F 135 -18.46 6.20 -7.24
C SER F 135 -18.01 7.56 -7.77
N LEU F 136 -18.44 8.61 -7.08
CA LEU F 136 -18.38 9.93 -7.70
C LEU F 136 -17.12 10.68 -7.29
N TYR F 137 -16.25 10.93 -8.26
CA TYR F 137 -15.22 11.96 -8.13
C TYR F 137 -15.84 13.35 -8.44
N GLU F 138 -15.70 14.29 -7.50
CA GLU F 138 -16.10 15.71 -7.71
C GLU F 138 -14.91 16.63 -7.58
N SER F 139 -14.65 17.40 -8.62
CA SER F 139 -13.59 18.41 -8.56
C SER F 139 -13.97 19.49 -7.54
N ASP F 140 -12.98 20.30 -7.17
CA ASP F 140 -13.14 21.42 -6.23
C ASP F 140 -13.92 22.56 -6.89
N ARG F 141 -15.15 22.82 -6.45
CA ARG F 141 -15.95 23.94 -7.02
C ARG F 141 -15.32 25.31 -6.91
N ASP F 142 -14.39 25.45 -5.96
CA ASP F 142 -13.70 26.73 -5.71
C ASP F 142 -12.45 26.97 -6.54
N LYS F 143 -11.91 25.92 -7.15
CA LYS F 143 -10.73 26.12 -7.99
C LYS F 143 -11.08 26.85 -9.30
N CYS F 144 -10.24 27.80 -9.71
CA CYS F 144 -10.42 28.46 -10.99
C CYS F 144 -9.59 27.73 -12.01
N GLU F 145 -10.24 26.88 -12.79
CA GLU F 145 -9.52 26.03 -13.72
C GLU F 145 -10.40 25.73 -14.93
N THR F 146 -9.77 25.41 -16.04
CA THR F 146 -10.53 24.91 -17.21
C THR F 146 -10.97 23.47 -16.93
N MET F 147 -11.85 22.96 -17.79
CA MET F 147 -12.27 21.56 -17.73
C MET F 147 -11.07 20.65 -18.01
N ALA F 148 -10.22 21.10 -18.93
CA ALA F 148 -9.01 20.37 -19.27
C ALA F 148 -8.10 20.23 -18.06
N GLU F 149 -7.94 21.32 -17.30
CA GLU F 149 -7.13 21.27 -16.08
C GLU F 149 -7.74 20.39 -15.01
N ALA F 150 -9.07 20.46 -14.89
CA ALA F 150 -9.75 19.64 -13.89
C ALA F 150 -9.57 18.16 -14.26
N PHE F 151 -9.71 17.84 -15.53
CA PHE F 151 -9.48 16.44 -15.96
C PHE F 151 -8.00 15.98 -15.86
N GLU F 152 -7.06 16.90 -16.06
CA GLU F 152 -5.64 16.58 -15.82
C GLU F 152 -5.42 16.12 -14.37
N THR F 153 -5.96 16.85 -13.40
CA THR F 153 -5.94 16.46 -11.99
C THR F 153 -6.64 15.12 -11.78
N PHE F 154 -7.77 14.91 -12.45
CA PHE F 154 -8.49 13.64 -12.32
C PHE F 154 -7.63 12.47 -12.85
N LEU F 155 -6.99 12.66 -13.99
CA LEU F 155 -6.08 11.68 -14.57
C LEU F 155 -4.91 11.32 -13.67
N GLN F 156 -4.44 12.27 -12.88
CA GLN F 156 -3.36 12.04 -11.94
C GLN F 156 -3.84 11.23 -10.76
N VAL F 157 -5.11 11.38 -10.38
CA VAL F 157 -5.68 10.60 -9.29
C VAL F 157 -5.96 9.18 -9.79
N PHE F 158 -6.48 9.05 -11.01
CA PHE F 158 -6.81 7.75 -11.59
C PHE F 158 -6.03 7.51 -12.88
N PRO F 159 -4.72 7.26 -12.76
CA PRO F 159 -3.91 7.10 -13.96
C PRO F 159 -4.27 5.88 -14.79
N GLU F 160 -5.06 4.96 -14.26
CA GLU F 160 -5.50 3.79 -15.04
C GLU F 160 -6.59 4.12 -16.09
N THR F 161 -7.14 5.32 -16.00
CA THR F 161 -8.21 5.77 -16.92
C THR F 161 -7.69 5.85 -18.35
N LYS F 162 -8.33 5.09 -19.23
CA LYS F 162 -8.04 5.11 -20.65
C LYS F 162 -9.10 5.85 -21.44
N ALA F 163 -10.34 5.80 -20.96
CA ALA F 163 -11.45 6.32 -21.76
C ALA F 163 -12.50 6.93 -20.83
N ILE F 164 -13.19 7.97 -21.31
CA ILE F 164 -14.25 8.64 -20.53
C ILE F 164 -15.52 8.80 -21.39
N VAL F 165 -16.63 8.31 -20.85
CA VAL F 165 -17.95 8.36 -21.48
C VAL F 165 -18.54 9.78 -21.34
N ILE F 166 -19.08 10.32 -22.44
CA ILE F 166 -19.48 11.73 -22.51
C ILE F 166 -20.80 11.86 -23.28
N GLY F 167 -21.80 12.51 -22.64
CA GLY F 167 -23.14 12.69 -23.23
C GLY F 167 -23.32 13.87 -24.17
N ILE F 168 -22.30 14.13 -25.02
CA ILE F 168 -22.41 15.18 -26.02
C ILE F 168 -23.28 14.71 -27.19
N ARG F 169 -24.06 15.64 -27.74
CA ARG F 169 -24.83 15.33 -28.95
C ARG F 169 -24.41 16.21 -30.17
N HIS F 170 -24.61 15.67 -31.38
CA HIS F 170 -24.21 16.36 -32.61
C HIS F 170 -24.77 17.79 -32.77
N THR F 171 -25.95 18.04 -32.18
CA THR F 171 -26.59 19.36 -32.22
C THR F 171 -26.03 20.38 -31.19
N ASP F 172 -25.20 19.92 -30.28
CA ASP F 172 -24.58 20.78 -29.30
C ASP F 172 -23.56 21.67 -30.02
N PRO F 173 -23.37 22.91 -29.55
CA PRO F 173 -22.34 23.76 -30.17
C PRO F 173 -20.96 23.06 -30.22
N PHE F 174 -20.32 23.08 -31.39
CA PHE F 174 -19.04 22.36 -31.62
C PHE F 174 -19.13 20.82 -31.62
N GLY F 175 -20.35 20.27 -31.50
CA GLY F 175 -20.52 18.82 -31.40
C GLY F 175 -20.72 18.20 -32.77
N GLU F 176 -20.94 19.06 -33.76
CA GLU F 176 -21.09 18.58 -35.11
C GLU F 176 -19.78 17.89 -35.51
N HIS F 177 -19.94 16.73 -36.12
CA HIS F 177 -18.83 15.98 -36.74
C HIS F 177 -17.82 15.37 -35.74
N LEU F 178 -18.17 15.37 -34.45
CA LEU F 178 -17.47 14.53 -33.47
C LEU F 178 -17.74 13.08 -33.78
N LYS F 179 -16.88 12.22 -33.24
CA LYS F 179 -16.88 10.81 -33.53
C LYS F 179 -17.24 10.04 -32.25
N PRO F 180 -17.96 8.91 -32.38
CA PRO F 180 -18.27 8.01 -31.26
C PRO F 180 -17.07 7.58 -30.39
N ILE F 181 -15.91 7.31 -31.00
CA ILE F 181 -14.70 7.02 -30.27
C ILE F 181 -13.57 7.85 -30.92
N GLN F 182 -12.93 8.71 -30.12
CA GLN F 182 -11.82 9.53 -30.60
C GLN F 182 -11.01 10.05 -29.43
N LYS F 183 -9.71 10.23 -29.66
CA LYS F 183 -8.84 10.82 -28.66
C LYS F 183 -9.16 12.29 -28.38
N THR F 184 -8.83 12.72 -27.18
CA THR F 184 -8.95 14.13 -26.80
C THR F 184 -7.99 14.94 -27.68
N ASP F 185 -8.15 16.26 -27.70
CA ASP F 185 -7.22 17.12 -28.46
C ASP F 185 -5.87 17.30 -27.76
N ALA F 186 -4.91 17.91 -28.47
CA ALA F 186 -3.56 18.15 -27.96
C ALA F 186 -3.52 18.89 -26.63
N ASN F 187 -4.45 19.83 -26.43
CA ASN F 187 -4.48 20.65 -25.22
C ASN F 187 -5.09 19.99 -23.95
N TRP F 188 -5.65 18.80 -24.12
CA TRP F 188 -6.29 18.07 -23.03
C TRP F 188 -5.33 16.99 -22.54
N PRO F 189 -5.58 16.45 -21.34
CA PRO F 189 -4.95 15.19 -20.96
C PRO F 189 -5.33 14.09 -21.97
N ASP F 190 -4.47 13.09 -22.09
CA ASP F 190 -4.60 12.05 -23.11
C ASP F 190 -5.55 10.94 -22.62
N PHE F 191 -6.73 10.85 -23.23
CA PHE F 191 -7.61 9.70 -23.06
C PHE F 191 -8.55 9.64 -24.27
N TYR F 192 -9.28 8.54 -24.42
CA TYR F 192 -10.27 8.45 -25.48
C TYR F 192 -11.60 8.98 -24.96
N ARG F 193 -12.18 9.89 -25.72
CA ARG F 193 -13.57 10.31 -25.55
C ARG F 193 -14.49 9.22 -26.12
N LEU F 194 -15.40 8.72 -25.30
CA LEU F 194 -16.41 7.76 -25.76
C LEU F 194 -17.74 8.49 -25.80
N GLN F 195 -18.29 8.63 -27.01
CA GLN F 195 -19.40 9.58 -27.31
C GLN F 195 -20.53 8.85 -28.06
N PRO F 196 -21.27 7.99 -27.33
CA PRO F 196 -22.24 7.05 -27.86
C PRO F 196 -23.64 7.63 -28.04
N LEU F 197 -23.82 8.91 -27.71
CA LEU F 197 -25.12 9.59 -27.77
C LEU F 197 -25.18 10.63 -28.90
N LEU F 198 -24.14 10.71 -29.71
CA LEU F 198 -23.98 11.82 -30.67
C LEU F 198 -25.14 11.98 -31.64
N HIS F 199 -25.74 10.85 -32.04
CA HIS F 199 -26.81 10.86 -33.05
C HIS F 199 -28.21 11.09 -32.48
N TRP F 200 -28.34 11.27 -31.16
CA TRP F 200 -29.65 11.45 -30.53
C TRP F 200 -30.15 12.89 -30.69
N ASN F 201 -31.40 13.06 -31.10
CA ASN F 201 -31.97 14.40 -31.09
C ASN F 201 -32.78 14.65 -29.83
N LEU F 202 -33.29 15.86 -29.65
CA LEU F 202 -34.01 16.24 -28.43
C LEU F 202 -35.27 15.41 -28.21
N ALA F 203 -36.04 15.17 -29.28
CA ALA F 203 -37.21 14.29 -29.19
C ALA F 203 -36.88 12.85 -28.71
N ASN F 204 -35.75 12.33 -29.15
CA ASN F 204 -35.32 11.01 -28.73
C ASN F 204 -35.03 11.00 -27.24
N ILE F 205 -34.27 12.00 -26.80
CA ILE F 205 -33.94 12.16 -25.38
C ILE F 205 -35.21 12.18 -24.50
N TRP F 206 -36.14 13.07 -24.82
CA TRP F 206 -37.36 13.23 -24.01
C TRP F 206 -38.22 11.98 -24.05
N SER F 207 -38.40 11.39 -25.24
CA SER F 207 -39.22 10.19 -25.35
C SER F 207 -38.69 9.06 -24.45
N PHE F 208 -37.39 8.76 -24.59
CA PHE F 208 -36.73 7.78 -23.71
C PHE F 208 -36.70 8.11 -22.22
N LEU F 209 -36.37 9.36 -21.89
CA LEU F 209 -36.26 9.76 -20.48
C LEU F 209 -37.62 9.76 -19.75
N LEU F 210 -38.66 10.26 -20.42
CA LEU F 210 -40.03 10.21 -19.86
C LEU F 210 -40.56 8.77 -19.70
N TYR F 211 -40.39 7.94 -20.72
CA TYR F 211 -40.72 6.53 -20.60
C TYR F 211 -40.01 5.78 -19.45
N SER F 212 -38.72 6.06 -19.21
CA SER F 212 -37.93 5.32 -18.21
C SER F 212 -38.53 5.33 -16.80
N ASN F 213 -39.34 6.35 -16.51
CA ASN F 213 -39.89 6.55 -15.17
C ASN F 213 -38.77 6.85 -14.13
N GLU F 214 -37.59 7.26 -14.61
CA GLU F 214 -36.54 7.69 -13.68
C GLU F 214 -36.81 9.13 -13.23
N PRO F 215 -36.42 9.46 -12.00
CA PRO F 215 -36.55 10.86 -11.60
C PRO F 215 -35.54 11.68 -12.40
N ILE F 216 -35.95 12.85 -12.86
CA ILE F 216 -35.09 13.67 -13.71
C ILE F 216 -34.93 15.01 -13.04
N CYS F 217 -33.94 15.80 -13.45
CA CYS F 217 -33.70 17.07 -12.78
C CYS F 217 -34.98 17.93 -12.84
N GLU F 218 -35.44 18.36 -11.67
CA GLU F 218 -36.69 19.13 -11.54
C GLU F 218 -36.71 20.48 -12.22
N LEU F 219 -35.55 21.03 -12.58
CA LEU F 219 -35.50 22.26 -13.40
C LEU F 219 -36.25 22.13 -14.76
N TYR F 220 -36.16 20.97 -15.39
CA TYR F 220 -36.87 20.71 -16.65
C TYR F 220 -38.41 20.91 -16.50
N ARG F 221 -38.96 20.45 -15.38
CA ARG F 221 -40.37 20.72 -15.00
C ARG F 221 -40.76 22.19 -15.07
N TYR F 222 -39.83 23.09 -14.72
CA TYR F 222 -40.11 24.52 -14.67
C TYR F 222 -39.78 25.28 -15.94
N GLY F 223 -39.43 24.61 -17.02
CA GLY F 223 -39.31 25.34 -18.30
C GLY F 223 -37.88 25.44 -18.84
N PHE F 224 -36.91 24.99 -18.06
CA PHE F 224 -35.54 24.87 -18.55
C PHE F 224 -35.41 23.75 -19.59
N THR F 225 -34.62 24.02 -20.64
CA THR F 225 -34.30 23.01 -21.65
C THR F 225 -32.78 22.78 -21.65
N SER F 226 -32.03 23.80 -21.25
CA SER F 226 -30.58 23.76 -21.12
C SER F 226 -30.20 24.13 -19.70
N LEU F 227 -29.23 23.42 -19.17
CA LEU F 227 -28.74 23.68 -17.84
C LEU F 227 -27.32 24.23 -17.88
N GLY F 228 -27.23 25.53 -18.12
CA GLY F 228 -25.98 26.24 -18.01
C GLY F 228 -25.80 26.63 -16.57
N ASN F 229 -25.16 27.74 -16.32
CA ASN F 229 -24.90 28.12 -14.97
C ASN F 229 -26.07 28.97 -14.42
N VAL F 230 -26.16 29.08 -13.11
CA VAL F 230 -27.26 29.82 -12.46
C VAL F 230 -27.35 31.31 -12.86
N GLU F 231 -26.22 31.91 -13.26
CA GLU F 231 -26.18 33.31 -13.70
C GLU F 231 -26.83 33.55 -15.08
N GLU F 232 -26.56 32.64 -16.01
CA GLU F 232 -26.86 32.84 -17.42
C GLU F 232 -28.19 32.21 -17.86
N THR F 233 -28.62 31.16 -17.15
CA THR F 233 -29.66 30.25 -17.65
C THR F 233 -31.05 30.63 -17.19
N LEU F 234 -31.95 30.73 -18.15
CA LEU F 234 -33.34 31.05 -17.87
C LEU F 234 -34.23 29.96 -18.43
N PRO F 235 -35.50 29.90 -17.97
CA PRO F 235 -36.43 29.02 -18.64
C PRO F 235 -36.52 29.40 -20.13
N ASN F 236 -36.80 28.43 -20.98
CA ASN F 236 -36.77 28.69 -22.43
C ASN F 236 -37.91 29.62 -22.86
N PRO F 237 -37.57 30.78 -23.49
CA PRO F 237 -38.61 31.76 -23.85
C PRO F 237 -39.61 31.23 -24.88
N HIS F 238 -39.22 30.20 -25.60
CA HIS F 238 -40.13 29.53 -26.54
C HIS F 238 -41.19 28.66 -25.83
N LEU F 239 -41.00 28.40 -24.54
CA LEU F 239 -41.97 27.65 -23.74
C LEU F 239 -42.78 28.55 -22.80
N ARG F 240 -42.73 29.85 -23.01
CA ARG F 240 -43.46 30.73 -22.15
C ARG F 240 -44.95 30.61 -22.46
N LYS F 241 -45.76 30.61 -21.40
CA LYS F 241 -47.21 30.60 -21.55
C LYS F 241 -47.77 32.03 -21.78
N ASP F 242 -48.59 32.15 -22.82
CA ASP F 242 -49.23 33.40 -23.19
C ASP F 242 -50.63 33.06 -23.71
N LYS F 243 -51.66 33.60 -23.05
CA LYS F 243 -53.06 33.42 -23.49
C LYS F 243 -53.27 33.74 -24.97
N ASN F 244 -52.36 34.52 -25.56
CA ASN F 244 -52.43 34.89 -26.98
C ASN F 244 -51.55 34.01 -27.88
N SER F 245 -50.68 33.19 -27.27
CA SER F 245 -49.97 32.12 -27.98
C SER F 245 -50.86 30.91 -28.19
N THR F 246 -50.58 30.15 -29.25
CA THR F 246 -51.22 28.85 -29.48
C THR F 246 -50.67 27.89 -28.42
N PRO F 247 -51.53 27.03 -27.83
CA PRO F 247 -50.98 26.06 -26.90
C PRO F 247 -49.94 25.22 -27.62
N LEU F 248 -48.89 24.83 -26.90
CA LEU F 248 -47.90 23.92 -27.45
C LEU F 248 -48.39 22.48 -27.40
N LYS F 249 -47.98 21.66 -28.35
CA LYS F 249 -48.38 20.25 -28.33
C LYS F 249 -47.39 19.39 -27.58
N LEU F 250 -47.94 18.46 -26.80
CA LEU F 250 -47.12 17.45 -26.15
C LEU F 250 -46.93 16.28 -27.12
N ASN F 251 -45.67 15.87 -27.30
CA ASN F 251 -45.35 14.75 -28.17
C ASN F 251 -45.26 13.45 -27.42
N PHE F 252 -45.29 13.51 -26.09
CA PHE F 252 -44.86 12.38 -25.24
C PHE F 252 -45.91 11.94 -24.22
N GLU F 253 -47.19 12.22 -24.50
CA GLU F 253 -48.28 11.79 -23.65
C GLU F 253 -48.25 10.29 -23.43
N TRP F 254 -48.13 9.53 -24.52
CA TRP F 254 -48.13 8.08 -24.40
C TRP F 254 -47.03 7.60 -23.44
N GLU F 255 -45.81 8.05 -23.64
CA GLU F 255 -44.63 7.60 -22.87
C GLU F 255 -44.82 7.91 -21.39
N ILE F 256 -45.36 9.10 -21.11
CA ILE F 256 -45.65 9.47 -19.73
C ILE F 256 -46.70 8.49 -19.15
N GLU F 257 -47.83 8.33 -19.83
CA GLU F 257 -48.93 7.48 -19.35
C GLU F 257 -48.50 6.01 -19.18
N ASN F 258 -47.62 5.54 -20.06
CA ASN F 258 -47.23 4.13 -20.08
C ASN F 258 -45.82 3.89 -19.60
N ARG F 259 -45.28 4.82 -18.82
CA ARG F 259 -43.90 4.74 -18.34
C ARG F 259 -43.64 3.46 -17.56
N TYR F 260 -42.41 2.98 -17.67
CA TYR F 260 -41.98 1.73 -17.05
C TYR F 260 -42.25 1.67 -15.55
N LYS F 261 -43.12 0.73 -15.19
CA LYS F 261 -43.56 0.56 -13.79
C LYS F 261 -42.47 -0.03 -12.94
N HIS F 262 -42.51 0.32 -11.67
CA HIS F 262 -41.49 -0.14 -10.73
C HIS F 262 -42.07 -1.08 -9.72
N ASN F 263 -41.19 -1.80 -9.04
CA ASN F 263 -41.59 -2.61 -7.91
C ASN F 263 -40.96 -2.04 -6.63
N GLU F 264 -40.89 -2.83 -5.55
CA GLU F 264 -40.35 -2.34 -4.28
C GLU F 264 -38.84 -2.07 -4.36
N VAL F 265 -38.12 -2.90 -5.10
CA VAL F 265 -36.67 -2.75 -5.34
C VAL F 265 -36.34 -1.48 -6.18
N THR F 266 -37.16 -1.21 -7.18
CA THR F 266 -36.83 -0.20 -8.20
C THR F 266 -37.56 1.14 -8.06
N LYS F 267 -38.48 1.23 -7.10
CA LYS F 267 -39.29 2.42 -6.89
C LYS F 267 -38.41 3.64 -6.58
N ALA F 268 -38.85 4.79 -7.09
CA ALA F 268 -38.20 6.08 -6.84
C ALA F 268 -39.26 7.08 -6.36
N GLU F 269 -38.83 8.18 -5.74
CA GLU F 269 -39.74 9.28 -5.37
C GLU F 269 -39.39 10.56 -6.13
N PRO F 270 -40.40 11.45 -6.31
CA PRO F 270 -40.01 12.80 -6.73
C PRO F 270 -39.24 13.44 -5.57
N ILE F 271 -38.00 13.84 -5.81
CA ILE F 271 -37.22 14.60 -4.83
C ILE F 271 -36.82 15.95 -5.44
N PRO F 272 -37.30 17.04 -4.83
CA PRO F 272 -37.66 18.15 -5.66
C PRO F 272 -36.59 19.22 -5.90
N ILE F 273 -37.08 20.35 -6.35
CA ILE F 273 -36.29 21.48 -6.77
C ILE F 273 -35.80 22.17 -5.51
N ALA F 274 -34.58 22.70 -5.55
CA ALA F 274 -34.04 23.43 -4.40
C ALA F 274 -34.88 24.68 -4.14
N ASP F 275 -35.01 25.03 -2.87
CA ASP F 275 -35.77 26.23 -2.49
C ASP F 275 -35.26 27.49 -3.14
N GLU F 276 -33.94 27.63 -3.23
CA GLU F 276 -33.36 28.84 -3.82
C GLU F 276 -33.65 28.96 -5.31
N ASP F 277 -33.80 27.82 -5.96
CA ASP F 277 -34.18 27.77 -7.37
C ASP F 277 -35.65 28.07 -7.62
N LEU F 278 -36.54 27.56 -6.75
CA LEU F 278 -37.95 27.98 -6.80
C LEU F 278 -38.14 29.48 -6.67
N VAL F 279 -37.44 30.08 -5.71
CA VAL F 279 -37.47 31.54 -5.51
C VAL F 279 -37.16 32.28 -6.80
N LYS F 280 -36.07 31.90 -7.46
CA LYS F 280 -35.67 32.54 -8.71
C LYS F 280 -36.71 32.36 -9.82
N ILE F 281 -37.34 31.19 -9.84
CA ILE F 281 -38.37 30.88 -10.84
C ILE F 281 -39.65 31.72 -10.60
N GLU F 282 -40.02 31.94 -9.33
CA GLU F 282 -41.14 32.83 -8.97
C GLU F 282 -40.90 34.32 -9.30
N ASN F 283 -39.70 34.81 -9.02
CA ASN F 283 -39.35 36.20 -9.33
C ASN F 283 -39.63 36.59 -10.77
N LEU F 284 -39.74 35.59 -11.66
CA LEU F 284 -39.92 35.83 -13.10
C LEU F 284 -41.29 36.35 -13.50
N HIS F 285 -42.30 36.06 -12.70
CA HIS F 285 -43.71 36.41 -13.03
C HIS F 285 -44.12 36.00 -14.46
N GLU F 286 -43.66 34.83 -14.87
CA GLU F 286 -43.99 34.20 -16.15
C GLU F 286 -44.09 32.72 -15.88
N ASP F 287 -44.94 32.01 -16.60
CA ASP F 287 -45.09 30.57 -16.43
C ASP F 287 -44.63 29.87 -17.71
N TYR F 288 -44.13 28.65 -17.57
CA TYR F 288 -43.53 27.97 -18.70
C TYR F 288 -44.04 26.57 -18.77
N TYR F 289 -44.19 26.06 -19.99
CA TYR F 289 -44.36 24.62 -20.21
C TYR F 289 -43.07 23.90 -19.81
N PRO F 290 -43.18 22.65 -19.34
CA PRO F 290 -41.92 21.95 -19.07
C PRO F 290 -41.03 21.70 -20.31
N GLY F 291 -39.74 21.52 -20.02
CA GLY F 291 -38.69 21.32 -21.02
C GLY F 291 -39.05 20.36 -22.13
N TRP F 292 -39.83 19.30 -21.83
CA TRP F 292 -40.16 18.29 -22.85
C TRP F 292 -41.17 18.74 -23.93
N TYR F 293 -41.67 19.96 -23.81
CA TYR F 293 -42.45 20.55 -24.90
C TYR F 293 -41.53 21.16 -25.98
N LEU F 294 -40.21 21.14 -25.77
CA LEU F 294 -39.28 21.58 -26.80
C LEU F 294 -38.59 20.37 -27.46
N VAL F 295 -38.82 20.26 -28.76
CA VAL F 295 -38.21 19.18 -29.55
C VAL F 295 -37.22 19.72 -30.61
N ASP F 296 -37.22 21.04 -30.80
CA ASP F 296 -36.29 21.65 -31.75
C ASP F 296 -34.95 21.94 -31.07
N ASP F 297 -33.95 21.14 -31.40
CA ASP F 297 -32.57 21.28 -30.88
C ASP F 297 -31.96 22.67 -31.09
N LYS F 298 -32.33 23.33 -32.20
CA LYS F 298 -31.77 24.67 -32.48
C LYS F 298 -32.20 25.69 -31.41
N LEU F 299 -33.30 25.45 -30.71
CA LEU F 299 -33.77 26.37 -29.67
C LEU F 299 -33.34 25.95 -28.24
N GLU F 300 -32.61 24.85 -28.12
CA GLU F 300 -32.31 24.26 -26.82
C GLU F 300 -31.74 25.26 -25.83
N ARG F 301 -30.95 26.23 -26.31
CA ARG F 301 -30.21 27.13 -25.41
C ARG F 301 -30.67 28.59 -25.55
N ALA F 302 -31.89 28.79 -26.03
CA ALA F 302 -32.49 30.11 -26.16
C ALA F 302 -32.69 30.86 -24.81
N GLY F 303 -32.82 30.10 -23.74
CA GLY F 303 -33.07 30.69 -22.44
C GLY F 303 -31.78 31.11 -21.77
N ARG F 304 -31.23 32.27 -22.20
CA ARG F 304 -29.97 32.86 -21.69
C ARG F 304 -30.04 34.36 -21.45
N ILE F 305 -29.38 34.82 -20.40
CA ILE F 305 -29.22 36.25 -20.15
C ILE F 305 -28.42 36.87 -21.31
N LYS F 306 -28.84 38.05 -21.77
CA LYS F 306 -28.18 38.69 -22.92
C LYS F 306 -26.83 39.28 -22.52
N LYS F 307 -25.79 38.96 -23.31
CA LYS F 307 -24.40 39.33 -23.00
C LYS F 307 -23.64 39.78 -24.22
N LYS F 308 -22.70 40.70 -24.01
CA LYS F 308 -21.78 41.13 -25.06
C LYS F 308 -20.42 40.41 -24.95
#